data_4NT8
# 
_entry.id   4NT8 
# 
_audit_conform.dict_name       mmcif_pdbx.dic 
_audit_conform.dict_version    5.398 
_audit_conform.dict_location   http://mmcif.pdb.org/dictionaries/ascii/mmcif_pdbx.dic 
# 
loop_
_database_2.database_id 
_database_2.database_code 
_database_2.pdbx_database_accession 
_database_2.pdbx_DOI 
PDB   4NT8         pdb_00004nt8 10.2210/pdb4nt8/pdb 
RCSB  RCSB083626   ?            ?                   
WWPDB D_1000083626 ?            ?                   
# 
loop_
_pdbx_audit_revision_history.ordinal 
_pdbx_audit_revision_history.data_content_type 
_pdbx_audit_revision_history.major_revision 
_pdbx_audit_revision_history.minor_revision 
_pdbx_audit_revision_history.revision_date 
1 'Structure model' 1 0 2014-12-03 
2 'Structure model' 1 1 2023-11-08 
3 'Structure model' 1 2 2024-11-06 
# 
_pdbx_audit_revision_details.ordinal             1 
_pdbx_audit_revision_details.revision_ordinal    1 
_pdbx_audit_revision_details.data_content_type   'Structure model' 
_pdbx_audit_revision_details.provider            repository 
_pdbx_audit_revision_details.type                'Initial release' 
_pdbx_audit_revision_details.description         ? 
_pdbx_audit_revision_details.details             ? 
# 
loop_
_pdbx_audit_revision_group.ordinal 
_pdbx_audit_revision_group.revision_ordinal 
_pdbx_audit_revision_group.data_content_type 
_pdbx_audit_revision_group.group 
1 2 'Structure model' 'Data collection'        
2 2 'Structure model' 'Database references'    
3 2 'Structure model' 'Derived calculations'   
4 2 'Structure model' 'Refinement description' 
5 3 'Structure model' 'Structure summary'      
# 
loop_
_pdbx_audit_revision_category.ordinal 
_pdbx_audit_revision_category.revision_ordinal 
_pdbx_audit_revision_category.data_content_type 
_pdbx_audit_revision_category.category 
1 2 'Structure model' chem_comp_atom                
2 2 'Structure model' chem_comp_bond                
3 2 'Structure model' database_2                    
4 2 'Structure model' pdbx_initial_refinement_model 
5 2 'Structure model' pdbx_struct_conn_angle        
6 2 'Structure model' struct_conn                   
7 2 'Structure model' struct_site                   
8 3 'Structure model' pdbx_entry_details            
9 3 'Structure model' pdbx_modification_feature     
# 
loop_
_pdbx_audit_revision_item.ordinal 
_pdbx_audit_revision_item.revision_ordinal 
_pdbx_audit_revision_item.data_content_type 
_pdbx_audit_revision_item.item 
1  2 'Structure model' '_database_2.pdbx_DOI'                        
2  2 'Structure model' '_database_2.pdbx_database_accession'         
3  2 'Structure model' '_pdbx_struct_conn_angle.ptnr1_auth_comp_id'  
4  2 'Structure model' '_pdbx_struct_conn_angle.ptnr1_auth_seq_id'   
5  2 'Structure model' '_pdbx_struct_conn_angle.ptnr1_label_asym_id' 
6  2 'Structure model' '_pdbx_struct_conn_angle.ptnr1_label_atom_id' 
7  2 'Structure model' '_pdbx_struct_conn_angle.ptnr1_label_comp_id' 
8  2 'Structure model' '_pdbx_struct_conn_angle.ptnr1_label_seq_id'  
9  2 'Structure model' '_pdbx_struct_conn_angle.ptnr2_auth_comp_id'  
10 2 'Structure model' '_pdbx_struct_conn_angle.ptnr2_auth_seq_id'   
11 2 'Structure model' '_pdbx_struct_conn_angle.ptnr2_label_asym_id' 
12 2 'Structure model' '_pdbx_struct_conn_angle.ptnr2_label_atom_id' 
13 2 'Structure model' '_pdbx_struct_conn_angle.ptnr2_label_comp_id' 
14 2 'Structure model' '_pdbx_struct_conn_angle.ptnr3_auth_comp_id'  
15 2 'Structure model' '_pdbx_struct_conn_angle.ptnr3_auth_seq_id'   
16 2 'Structure model' '_pdbx_struct_conn_angle.ptnr3_label_asym_id' 
17 2 'Structure model' '_pdbx_struct_conn_angle.ptnr3_label_atom_id' 
18 2 'Structure model' '_pdbx_struct_conn_angle.ptnr3_label_comp_id' 
19 2 'Structure model' '_pdbx_struct_conn_angle.ptnr3_label_seq_id'  
20 2 'Structure model' '_pdbx_struct_conn_angle.value'               
21 2 'Structure model' '_struct_conn.conn_type_id'                   
22 2 'Structure model' '_struct_conn.id'                             
23 2 'Structure model' '_struct_conn.pdbx_dist_value'                
24 2 'Structure model' '_struct_conn.pdbx_leaving_atom_flag'         
25 2 'Structure model' '_struct_conn.ptnr1_auth_comp_id'             
26 2 'Structure model' '_struct_conn.ptnr1_auth_seq_id'              
27 2 'Structure model' '_struct_conn.ptnr1_label_asym_id'            
28 2 'Structure model' '_struct_conn.ptnr1_label_atom_id'            
29 2 'Structure model' '_struct_conn.ptnr1_label_comp_id'            
30 2 'Structure model' '_struct_conn.ptnr1_label_seq_id'             
31 2 'Structure model' '_struct_conn.ptnr2_auth_comp_id'             
32 2 'Structure model' '_struct_conn.ptnr2_auth_seq_id'              
33 2 'Structure model' '_struct_conn.ptnr2_label_asym_id'            
34 2 'Structure model' '_struct_conn.ptnr2_label_atom_id'            
35 2 'Structure model' '_struct_conn.ptnr2_label_comp_id'            
36 2 'Structure model' '_struct_conn.ptnr2_label_seq_id'             
37 2 'Structure model' '_struct_site.pdbx_auth_asym_id'              
38 2 'Structure model' '_struct_site.pdbx_auth_comp_id'              
39 2 'Structure model' '_struct_site.pdbx_auth_seq_id'               
# 
_pdbx_database_status.status_code                     REL 
_pdbx_database_status.entry_id                        4NT8 
_pdbx_database_status.recvd_initial_deposition_date   2013-12-02 
_pdbx_database_status.deposit_site                    RCSB 
_pdbx_database_status.process_site                    PDBJ 
_pdbx_database_status.methods_development_category    ? 
_pdbx_database_status.status_code_sf                  REL 
_pdbx_database_status.status_code_mr                  ? 
_pdbx_database_status.SG_entry                        ? 
_pdbx_database_status.status_code_cs                  ? 
_pdbx_database_status.pdb_format_compatible           Y 
_pdbx_database_status.status_code_nmr_data            ? 
# 
_pdbx_database_related.db_name        PDB 
_pdbx_database_related.db_id          3DLD 
_pdbx_database_related.details        'Native structure' 
_pdbx_database_related.content_type   unspecified 
# 
loop_
_audit_author.name 
_audit_author.pdbx_ordinal 
'Ngo, H.P.T.' 1 
'Kim, J.K.'   2 
'Kang, L.W.'  3 
# 
_citation.id                        primary 
_citation.title                     
'Substrate complex structure of Xoo1075, a peptide deformylase, from Xanthomonas oryzae pv. oryzae' 
_citation.journal_abbrev            'To be Published' 
_citation.journal_volume            ? 
_citation.page_first                ? 
_citation.page_last                 ? 
_citation.year                      ? 
_citation.journal_id_ASTM           ? 
_citation.country                   ? 
_citation.journal_id_ISSN           ? 
_citation.journal_id_CSD            0353 
_citation.book_publisher            ? 
_citation.pdbx_database_id_PubMed   ? 
_citation.pdbx_database_id_DOI      ? 
# 
loop_
_citation_author.citation_id 
_citation_author.name 
_citation_author.ordinal 
_citation_author.identifier_ORCID 
primary 'Ngo, H.P.T.' 1 ? 
primary 'Kim, J.K.'   2 ? 
primary 'Kang, L.W.'  3 ? 
# 
loop_
_entity.id 
_entity.type 
_entity.src_method 
_entity.pdbx_description 
_entity.formula_weight 
_entity.pdbx_number_of_molecules 
_entity.pdbx_ec 
_entity.pdbx_mutation 
_entity.pdbx_fragment 
_entity.details 
1 polymer     man 'Peptide deformylase' 19129.656 1  3.5.1.88 ? 'UNP RESIDUES 42-212' ? 
2 non-polymer syn 'CADMIUM ION'         112.411   3  ?        ? ?                     ? 
3 non-polymer syn 'ACETATE ION'         59.044    1  ?        ? ?                     ? 
4 non-polymer syn 'SODIUM ION'          22.990    2  ?        ? ?                     ? 
5 non-polymer syn N-FORMYLMETHIONINE    177.221   1  ?        ? ?                     ? 
6 non-polymer syn ALANINE               89.093    1  ?        ? ?                     ? 
7 non-polymer syn GLYCEROL              92.094    1  ?        ? ?                     ? 
8 water       nat water                 18.015    96 ?        ? ?                     ? 
# 
_entity_name_com.entity_id   1 
_entity_name_com.name        'PDF, Polypeptide deformylase' 
# 
_entity_poly.entity_id                      1 
_entity_poly.type                           'polypeptide(L)' 
_entity_poly.nstd_linkage                   no 
_entity_poly.nstd_monomer                   yes 
_entity_poly.pdbx_seq_one_letter_code       
;MIRDIIRMGDKRLLRVAPQVTNLGSAELHALVSDMFETMGAAHGVGLAAPQIAVDLQLMVFGFEASERYPEAPAVPLTAL
ANAQIEPLSDEMENGWEG(CSD)LSIPGLRAVIPRYRYIRYRGFAPDGSPIEREAEGFHARVVQHEYDHLVGRLYPSRIE
NFDTFGFDDVLSYDL
;
_entity_poly.pdbx_seq_one_letter_code_can   
;MIRDIIRMGDKRLLRVAPQVTNLGSAELHALVSDMFETMGAAHGVGLAAPQIAVDLQLMVFGFEASERYPEAPAVPLTAL
ANAQIEPLSDEMENGWEGCLSIPGLRAVIPRYRYIRYRGFAPDGSPIEREAEGFHARVVQHEYDHLVGRLYPSRIENFDT
FGFDDVLSYDL
;
_entity_poly.pdbx_strand_id                 A 
_entity_poly.pdbx_target_identifier         ? 
# 
loop_
_pdbx_entity_nonpoly.entity_id 
_pdbx_entity_nonpoly.name 
_pdbx_entity_nonpoly.comp_id 
2 'CADMIUM ION'      CD  
3 'ACETATE ION'      ACT 
4 'SODIUM ION'       NA  
5 N-FORMYLMETHIONINE FME 
6 ALANINE            ALA 
7 GLYCEROL           GOL 
8 water              HOH 
# 
loop_
_entity_poly_seq.entity_id 
_entity_poly_seq.num 
_entity_poly_seq.mon_id 
_entity_poly_seq.hetero 
1 1   MET n 
1 2   ILE n 
1 3   ARG n 
1 4   ASP n 
1 5   ILE n 
1 6   ILE n 
1 7   ARG n 
1 8   MET n 
1 9   GLY n 
1 10  ASP n 
1 11  LYS n 
1 12  ARG n 
1 13  LEU n 
1 14  LEU n 
1 15  ARG n 
1 16  VAL n 
1 17  ALA n 
1 18  PRO n 
1 19  GLN n 
1 20  VAL n 
1 21  THR n 
1 22  ASN n 
1 23  LEU n 
1 24  GLY n 
1 25  SER n 
1 26  ALA n 
1 27  GLU n 
1 28  LEU n 
1 29  HIS n 
1 30  ALA n 
1 31  LEU n 
1 32  VAL n 
1 33  SER n 
1 34  ASP n 
1 35  MET n 
1 36  PHE n 
1 37  GLU n 
1 38  THR n 
1 39  MET n 
1 40  GLY n 
1 41  ALA n 
1 42  ALA n 
1 43  HIS n 
1 44  GLY n 
1 45  VAL n 
1 46  GLY n 
1 47  LEU n 
1 48  ALA n 
1 49  ALA n 
1 50  PRO n 
1 51  GLN n 
1 52  ILE n 
1 53  ALA n 
1 54  VAL n 
1 55  ASP n 
1 56  LEU n 
1 57  GLN n 
1 58  LEU n 
1 59  MET n 
1 60  VAL n 
1 61  PHE n 
1 62  GLY n 
1 63  PHE n 
1 64  GLU n 
1 65  ALA n 
1 66  SER n 
1 67  GLU n 
1 68  ARG n 
1 69  TYR n 
1 70  PRO n 
1 71  GLU n 
1 72  ALA n 
1 73  PRO n 
1 74  ALA n 
1 75  VAL n 
1 76  PRO n 
1 77  LEU n 
1 78  THR n 
1 79  ALA n 
1 80  LEU n 
1 81  ALA n 
1 82  ASN n 
1 83  ALA n 
1 84  GLN n 
1 85  ILE n 
1 86  GLU n 
1 87  PRO n 
1 88  LEU n 
1 89  SER n 
1 90  ASP n 
1 91  GLU n 
1 92  MET n 
1 93  GLU n 
1 94  ASN n 
1 95  GLY n 
1 96  TRP n 
1 97  GLU n 
1 98  GLY n 
1 99  CSD n 
1 100 LEU n 
1 101 SER n 
1 102 ILE n 
1 103 PRO n 
1 104 GLY n 
1 105 LEU n 
1 106 ARG n 
1 107 ALA n 
1 108 VAL n 
1 109 ILE n 
1 110 PRO n 
1 111 ARG n 
1 112 TYR n 
1 113 ARG n 
1 114 TYR n 
1 115 ILE n 
1 116 ARG n 
1 117 TYR n 
1 118 ARG n 
1 119 GLY n 
1 120 PHE n 
1 121 ALA n 
1 122 PRO n 
1 123 ASP n 
1 124 GLY n 
1 125 SER n 
1 126 PRO n 
1 127 ILE n 
1 128 GLU n 
1 129 ARG n 
1 130 GLU n 
1 131 ALA n 
1 132 GLU n 
1 133 GLY n 
1 134 PHE n 
1 135 HIS n 
1 136 ALA n 
1 137 ARG n 
1 138 VAL n 
1 139 VAL n 
1 140 GLN n 
1 141 HIS n 
1 142 GLU n 
1 143 TYR n 
1 144 ASP n 
1 145 HIS n 
1 146 LEU n 
1 147 VAL n 
1 148 GLY n 
1 149 ARG n 
1 150 LEU n 
1 151 TYR n 
1 152 PRO n 
1 153 SER n 
1 154 ARG n 
1 155 ILE n 
1 156 GLU n 
1 157 ASN n 
1 158 PHE n 
1 159 ASP n 
1 160 THR n 
1 161 PHE n 
1 162 GLY n 
1 163 PHE n 
1 164 ASP n 
1 165 ASP n 
1 166 VAL n 
1 167 LEU n 
1 168 SER n 
1 169 TYR n 
1 170 ASP n 
1 171 LEU n 
# 
_entity_src_gen.entity_id                          1 
_entity_src_gen.pdbx_src_id                        1 
_entity_src_gen.pdbx_alt_source_flag               sample 
_entity_src_gen.pdbx_seq_type                      ? 
_entity_src_gen.pdbx_beg_seq_num                   ? 
_entity_src_gen.pdbx_end_seq_num                   ? 
_entity_src_gen.gene_src_common_name               ? 
_entity_src_gen.gene_src_genus                     ? 
_entity_src_gen.pdbx_gene_src_gene                 'def, XOO1075' 
_entity_src_gen.gene_src_species                   ? 
_entity_src_gen.gene_src_strain                    'KACC10331 / KXO85' 
_entity_src_gen.gene_src_tissue                    ? 
_entity_src_gen.gene_src_tissue_fraction           ? 
_entity_src_gen.gene_src_details                   ? 
_entity_src_gen.pdbx_gene_src_fragment             ? 
_entity_src_gen.pdbx_gene_src_scientific_name      'Xanthomonas oryzae pv. oryzae' 
_entity_src_gen.pdbx_gene_src_ncbi_taxonomy_id     291331 
_entity_src_gen.pdbx_gene_src_variant              ? 
_entity_src_gen.pdbx_gene_src_cell_line            ? 
_entity_src_gen.pdbx_gene_src_atcc                 ? 
_entity_src_gen.pdbx_gene_src_organ                ? 
_entity_src_gen.pdbx_gene_src_organelle            ? 
_entity_src_gen.pdbx_gene_src_cell                 ? 
_entity_src_gen.pdbx_gene_src_cellular_location    ? 
_entity_src_gen.host_org_common_name               ? 
_entity_src_gen.pdbx_host_org_scientific_name      'Escherichia coli' 
_entity_src_gen.pdbx_host_org_ncbi_taxonomy_id     562 
_entity_src_gen.host_org_genus                     ? 
_entity_src_gen.pdbx_host_org_gene                 ? 
_entity_src_gen.pdbx_host_org_organ                ? 
_entity_src_gen.host_org_species                   ? 
_entity_src_gen.pdbx_host_org_tissue               ? 
_entity_src_gen.pdbx_host_org_tissue_fraction      ? 
_entity_src_gen.pdbx_host_org_strain               ? 
_entity_src_gen.pdbx_host_org_variant              ? 
_entity_src_gen.pdbx_host_org_cell_line            ? 
_entity_src_gen.pdbx_host_org_atcc                 ? 
_entity_src_gen.pdbx_host_org_culture_collection   ? 
_entity_src_gen.pdbx_host_org_cell                 ? 
_entity_src_gen.pdbx_host_org_organelle            ? 
_entity_src_gen.pdbx_host_org_cellular_location    ? 
_entity_src_gen.pdbx_host_org_vector_type          ? 
_entity_src_gen.pdbx_host_org_vector               ? 
_entity_src_gen.host_org_details                   ? 
_entity_src_gen.expression_system_id               ? 
_entity_src_gen.plasmid_name                       ? 
_entity_src_gen.plasmid_details                    ? 
_entity_src_gen.pdbx_description                   ? 
# 
loop_
_chem_comp.id 
_chem_comp.type 
_chem_comp.mon_nstd_flag 
_chem_comp.name 
_chem_comp.pdbx_synonyms 
_chem_comp.formula 
_chem_comp.formula_weight 
ACT non-polymer         . 'ACETATE ION'      ?                                            'C2 H3 O2 -1'    59.044  
ALA 'L-peptide linking' y ALANINE            ?                                            'C3 H7 N O2'     89.093  
ARG 'L-peptide linking' y ARGININE           ?                                            'C6 H15 N4 O2 1' 175.209 
ASN 'L-peptide linking' y ASPARAGINE         ?                                            'C4 H8 N2 O3'    132.118 
ASP 'L-peptide linking' y 'ASPARTIC ACID'    ?                                            'C4 H7 N O4'     133.103 
CD  non-polymer         . 'CADMIUM ION'      ?                                            'Cd 2'           112.411 
CSD 'L-peptide linking' n 3-SULFINOALANINE   'S-CYSTEINESULFINIC ACID; S-SULFINOCYSTEINE' 'C3 H7 N O4 S'   153.157 
FME 'L-peptide linking' n N-FORMYLMETHIONINE ?                                            'C6 H11 N O3 S'  177.221 
GLN 'L-peptide linking' y GLUTAMINE          ?                                            'C5 H10 N2 O3'   146.144 
GLU 'L-peptide linking' y 'GLUTAMIC ACID'    ?                                            'C5 H9 N O4'     147.129 
GLY 'peptide linking'   y GLYCINE            ?                                            'C2 H5 N O2'     75.067  
GOL non-polymer         . GLYCEROL           'GLYCERIN; PROPANE-1,2,3-TRIOL'              'C3 H8 O3'       92.094  
HIS 'L-peptide linking' y HISTIDINE          ?                                            'C6 H10 N3 O2 1' 156.162 
HOH non-polymer         . WATER              ?                                            'H2 O'           18.015  
ILE 'L-peptide linking' y ISOLEUCINE         ?                                            'C6 H13 N O2'    131.173 
LEU 'L-peptide linking' y LEUCINE            ?                                            'C6 H13 N O2'    131.173 
LYS 'L-peptide linking' y LYSINE             ?                                            'C6 H15 N2 O2 1' 147.195 
MET 'L-peptide linking' y METHIONINE         ?                                            'C5 H11 N O2 S'  149.211 
NA  non-polymer         . 'SODIUM ION'       ?                                            'Na 1'           22.990  
PHE 'L-peptide linking' y PHENYLALANINE      ?                                            'C9 H11 N O2'    165.189 
PRO 'L-peptide linking' y PROLINE            ?                                            'C5 H9 N O2'     115.130 
SER 'L-peptide linking' y SERINE             ?                                            'C3 H7 N O3'     105.093 
THR 'L-peptide linking' y THREONINE          ?                                            'C4 H9 N O3'     119.119 
TRP 'L-peptide linking' y TRYPTOPHAN         ?                                            'C11 H12 N2 O2'  204.225 
TYR 'L-peptide linking' y TYROSINE           ?                                            'C9 H11 N O3'    181.189 
VAL 'L-peptide linking' y VALINE             ?                                            'C5 H11 N O2'    117.146 
# 
loop_
_pdbx_poly_seq_scheme.asym_id 
_pdbx_poly_seq_scheme.entity_id 
_pdbx_poly_seq_scheme.seq_id 
_pdbx_poly_seq_scheme.mon_id 
_pdbx_poly_seq_scheme.ndb_seq_num 
_pdbx_poly_seq_scheme.pdb_seq_num 
_pdbx_poly_seq_scheme.auth_seq_num 
_pdbx_poly_seq_scheme.pdb_mon_id 
_pdbx_poly_seq_scheme.auth_mon_id 
_pdbx_poly_seq_scheme.pdb_strand_id 
_pdbx_poly_seq_scheme.pdb_ins_code 
_pdbx_poly_seq_scheme.hetero 
A 1 1   MET 1   1   1   MET MET A . n 
A 1 2   ILE 2   2   2   ILE ILE A . n 
A 1 3   ARG 3   3   3   ARG ARG A . n 
A 1 4   ASP 4   4   4   ASP ASP A . n 
A 1 5   ILE 5   5   5   ILE ILE A . n 
A 1 6   ILE 6   6   6   ILE ILE A . n 
A 1 7   ARG 7   7   7   ARG ARG A . n 
A 1 8   MET 8   8   8   MET MET A . n 
A 1 9   GLY 9   9   9   GLY GLY A . n 
A 1 10  ASP 10  10  10  ASP ASP A . n 
A 1 11  LYS 11  11  11  LYS LYS A . n 
A 1 12  ARG 12  12  12  ARG ARG A . n 
A 1 13  LEU 13  13  13  LEU LEU A . n 
A 1 14  LEU 14  14  14  LEU LEU A . n 
A 1 15  ARG 15  15  15  ARG ARG A . n 
A 1 16  VAL 16  16  16  VAL VAL A . n 
A 1 17  ALA 17  17  17  ALA ALA A . n 
A 1 18  PRO 18  18  18  PRO PRO A . n 
A 1 19  GLN 19  19  19  GLN GLN A . n 
A 1 20  VAL 20  20  20  VAL VAL A . n 
A 1 21  THR 21  21  21  THR THR A . n 
A 1 22  ASN 22  22  22  ASN ASN A . n 
A 1 23  LEU 23  23  23  LEU LEU A . n 
A 1 24  GLY 24  24  24  GLY GLY A . n 
A 1 25  SER 25  25  25  SER SER A . n 
A 1 26  ALA 26  26  26  ALA ALA A . n 
A 1 27  GLU 27  27  27  GLU GLU A . n 
A 1 28  LEU 28  28  28  LEU LEU A . n 
A 1 29  HIS 29  29  29  HIS HIS A . n 
A 1 30  ALA 30  30  30  ALA ALA A . n 
A 1 31  LEU 31  31  31  LEU LEU A . n 
A 1 32  VAL 32  32  32  VAL VAL A . n 
A 1 33  SER 33  33  33  SER SER A . n 
A 1 34  ASP 34  34  34  ASP ASP A . n 
A 1 35  MET 35  35  35  MET MET A . n 
A 1 36  PHE 36  36  36  PHE PHE A . n 
A 1 37  GLU 37  37  37  GLU GLU A . n 
A 1 38  THR 38  38  38  THR THR A . n 
A 1 39  MET 39  39  39  MET MET A . n 
A 1 40  GLY 40  40  40  GLY GLY A . n 
A 1 41  ALA 41  41  41  ALA ALA A . n 
A 1 42  ALA 42  42  42  ALA ALA A . n 
A 1 43  HIS 43  43  43  HIS HIS A . n 
A 1 44  GLY 44  44  44  GLY GLY A . n 
A 1 45  VAL 45  45  45  VAL VAL A . n 
A 1 46  GLY 46  46  46  GLY GLY A . n 
A 1 47  LEU 47  47  47  LEU LEU A . n 
A 1 48  ALA 48  48  48  ALA ALA A . n 
A 1 49  ALA 49  49  49  ALA ALA A . n 
A 1 50  PRO 50  50  50  PRO PRO A . n 
A 1 51  GLN 51  51  51  GLN GLN A . n 
A 1 52  ILE 52  52  52  ILE ILE A . n 
A 1 53  ALA 53  53  53  ALA ALA A . n 
A 1 54  VAL 54  54  54  VAL VAL A . n 
A 1 55  ASP 55  55  55  ASP ASP A . n 
A 1 56  LEU 56  56  56  LEU LEU A . n 
A 1 57  GLN 57  57  57  GLN GLN A . n 
A 1 58  LEU 58  58  58  LEU LEU A . n 
A 1 59  MET 59  59  59  MET MET A . n 
A 1 60  VAL 60  60  60  VAL VAL A . n 
A 1 61  PHE 61  61  61  PHE PHE A . n 
A 1 62  GLY 62  62  62  GLY GLY A . n 
A 1 63  PHE 63  63  63  PHE PHE A . n 
A 1 64  GLU 64  64  64  GLU GLU A . n 
A 1 65  ALA 65  65  65  ALA ALA A . n 
A 1 66  SER 66  66  66  SER SER A . n 
A 1 67  GLU 67  67  67  GLU GLU A . n 
A 1 68  ARG 68  68  68  ARG ARG A . n 
A 1 69  TYR 69  69  69  TYR TYR A . n 
A 1 70  PRO 70  70  70  PRO PRO A . n 
A 1 71  GLU 71  71  71  GLU GLU A . n 
A 1 72  ALA 72  72  72  ALA ALA A . n 
A 1 73  PRO 73  73  73  PRO PRO A . n 
A 1 74  ALA 74  74  74  ALA ALA A . n 
A 1 75  VAL 75  75  75  VAL VAL A . n 
A 1 76  PRO 76  76  76  PRO PRO A . n 
A 1 77  LEU 77  77  77  LEU LEU A . n 
A 1 78  THR 78  78  78  THR THR A . n 
A 1 79  ALA 79  79  79  ALA ALA A . n 
A 1 80  LEU 80  80  80  LEU LEU A . n 
A 1 81  ALA 81  81  81  ALA ALA A . n 
A 1 82  ASN 82  82  82  ASN ASN A . n 
A 1 83  ALA 83  83  83  ALA ALA A . n 
A 1 84  GLN 84  84  84  GLN GLN A . n 
A 1 85  ILE 85  85  85  ILE ILE A . n 
A 1 86  GLU 86  86  86  GLU GLU A . n 
A 1 87  PRO 87  87  87  PRO PRO A . n 
A 1 88  LEU 88  88  88  LEU LEU A . n 
A 1 89  SER 89  89  89  SER SER A . n 
A 1 90  ASP 90  90  90  ASP ASP A . n 
A 1 91  GLU 91  91  91  GLU GLU A . n 
A 1 92  MET 92  92  92  MET MET A . n 
A 1 93  GLU 93  93  93  GLU GLU A . n 
A 1 94  ASN 94  94  94  ASN ASN A . n 
A 1 95  GLY 95  95  95  GLY GLY A . n 
A 1 96  TRP 96  96  96  TRP TRP A . n 
A 1 97  GLU 97  97  97  GLU GLU A . n 
A 1 98  GLY 98  98  98  GLY GLY A . n 
A 1 99  CSD 99  99  99  CSD CSW A . n 
A 1 100 LEU 100 100 100 LEU LEU A . n 
A 1 101 SER 101 101 101 SER SER A . n 
A 1 102 ILE 102 102 102 ILE ILE A . n 
A 1 103 PRO 103 103 103 PRO PRO A . n 
A 1 104 GLY 104 104 104 GLY GLY A . n 
A 1 105 LEU 105 105 105 LEU LEU A . n 
A 1 106 ARG 106 106 106 ARG ARG A . n 
A 1 107 ALA 107 107 107 ALA ALA A . n 
A 1 108 VAL 108 108 108 VAL VAL A . n 
A 1 109 ILE 109 109 109 ILE ILE A . n 
A 1 110 PRO 110 110 110 PRO PRO A . n 
A 1 111 ARG 111 111 111 ARG ARG A . n 
A 1 112 TYR 112 112 112 TYR TYR A . n 
A 1 113 ARG 113 113 113 ARG ARG A . n 
A 1 114 TYR 114 114 114 TYR TYR A . n 
A 1 115 ILE 115 115 115 ILE ILE A . n 
A 1 116 ARG 116 116 116 ARG ARG A . n 
A 1 117 TYR 117 117 117 TYR TYR A . n 
A 1 118 ARG 118 118 118 ARG ARG A . n 
A 1 119 GLY 119 119 119 GLY GLY A . n 
A 1 120 PHE 120 120 120 PHE PHE A . n 
A 1 121 ALA 121 121 121 ALA ALA A . n 
A 1 122 PRO 122 122 122 PRO PRO A . n 
A 1 123 ASP 123 123 123 ASP ASP A . n 
A 1 124 GLY 124 124 124 GLY GLY A . n 
A 1 125 SER 125 125 125 SER SER A . n 
A 1 126 PRO 126 126 126 PRO PRO A . n 
A 1 127 ILE 127 127 127 ILE ILE A . n 
A 1 128 GLU 128 128 128 GLU GLU A . n 
A 1 129 ARG 129 129 129 ARG ARG A . n 
A 1 130 GLU 130 130 130 GLU GLU A . n 
A 1 131 ALA 131 131 131 ALA ALA A . n 
A 1 132 GLU 132 132 132 GLU GLU A . n 
A 1 133 GLY 133 133 133 GLY GLY A . n 
A 1 134 PHE 134 134 134 PHE PHE A . n 
A 1 135 HIS 135 135 135 HIS HIS A . n 
A 1 136 ALA 136 136 136 ALA ALA A . n 
A 1 137 ARG 137 137 137 ARG ARG A . n 
A 1 138 VAL 138 138 138 VAL VAL A . n 
A 1 139 VAL 139 139 139 VAL VAL A . n 
A 1 140 GLN 140 140 140 GLN GLN A . n 
A 1 141 HIS 141 141 141 HIS HIS A . n 
A 1 142 GLU 142 142 142 GLU GLU A . n 
A 1 143 TYR 143 143 143 TYR TYR A . n 
A 1 144 ASP 144 144 144 ASP ASP A . n 
A 1 145 HIS 145 145 145 HIS HIS A . n 
A 1 146 LEU 146 146 146 LEU LEU A . n 
A 1 147 VAL 147 147 147 VAL VAL A . n 
A 1 148 GLY 148 148 148 GLY GLY A . n 
A 1 149 ARG 149 149 149 ARG ARG A . n 
A 1 150 LEU 150 150 150 LEU LEU A . n 
A 1 151 TYR 151 151 151 TYR TYR A . n 
A 1 152 PRO 152 152 152 PRO PRO A . n 
A 1 153 SER 153 153 153 SER SER A . n 
A 1 154 ARG 154 154 154 ARG ARG A . n 
A 1 155 ILE 155 155 155 ILE ILE A . n 
A 1 156 GLU 156 156 156 GLU GLU A . n 
A 1 157 ASN 157 157 157 ASN ASN A . n 
A 1 158 PHE 158 158 158 PHE PHE A . n 
A 1 159 ASP 159 159 159 ASP ASP A . n 
A 1 160 THR 160 160 160 THR THR A . n 
A 1 161 PHE 161 161 161 PHE PHE A . n 
A 1 162 GLY 162 162 162 GLY GLY A . n 
A 1 163 PHE 163 163 163 PHE PHE A . n 
A 1 164 ASP 164 164 164 ASP ASP A . n 
A 1 165 ASP 165 165 165 ASP ASP A . n 
A 1 166 VAL 166 166 166 VAL VAL A . n 
A 1 167 LEU 167 167 167 LEU LEU A . n 
A 1 168 SER 168 168 168 SER SER A . n 
A 1 169 TYR 169 169 ?   ?   ?   A . n 
A 1 170 ASP 170 170 ?   ?   ?   A . n 
A 1 171 LEU 171 171 ?   ?   ?   A . n 
# 
loop_
_pdbx_nonpoly_scheme.asym_id 
_pdbx_nonpoly_scheme.entity_id 
_pdbx_nonpoly_scheme.mon_id 
_pdbx_nonpoly_scheme.ndb_seq_num 
_pdbx_nonpoly_scheme.pdb_seq_num 
_pdbx_nonpoly_scheme.auth_seq_num 
_pdbx_nonpoly_scheme.pdb_mon_id 
_pdbx_nonpoly_scheme.auth_mon_id 
_pdbx_nonpoly_scheme.pdb_strand_id 
_pdbx_nonpoly_scheme.pdb_ins_code 
B 2 CD  1  201 201 CD  CD  A . 
C 2 CD  1  202 202 CD  CD  A . 
D 2 CD  1  203 203 CD  CD  A . 
E 3 ACT 1  204 204 ACT ACT A . 
F 4 NA  1  205 205 NA  NA  A . 
G 4 NA  1  206 206 NA  NA  A . 
H 5 FME 1  207 207 FME FME A . 
I 6 ALA 1  208 208 ALA ALA A . 
J 7 GOL 1  209 209 GOL GOL A . 
K 8 HOH 1  301 301 HOH HOH A . 
K 8 HOH 2  302 302 HOH HOH A . 
K 8 HOH 3  303 303 HOH HOH A . 
K 8 HOH 4  304 304 HOH HOH A . 
K 8 HOH 5  305 305 HOH HOH A . 
K 8 HOH 6  306 306 HOH HOH A . 
K 8 HOH 7  307 307 HOH HOH A . 
K 8 HOH 8  308 308 HOH HOH A . 
K 8 HOH 9  309 309 HOH HOH A . 
K 8 HOH 10 310 310 HOH HOH A . 
K 8 HOH 11 311 311 HOH HOH A . 
K 8 HOH 12 312 312 HOH HOH A . 
K 8 HOH 13 313 313 HOH HOH A . 
K 8 HOH 14 314 314 HOH HOH A . 
K 8 HOH 15 315 315 HOH HOH A . 
K 8 HOH 16 316 316 HOH HOH A . 
K 8 HOH 17 317 317 HOH HOH A . 
K 8 HOH 18 318 318 HOH HOH A . 
K 8 HOH 19 319 319 HOH HOH A . 
K 8 HOH 20 320 320 HOH HOH A . 
K 8 HOH 21 321 321 HOH HOH A . 
K 8 HOH 22 322 322 HOH HOH A . 
K 8 HOH 23 323 323 HOH HOH A . 
K 8 HOH 24 324 324 HOH HOH A . 
K 8 HOH 25 325 325 HOH HOH A . 
K 8 HOH 26 326 326 HOH HOH A . 
K 8 HOH 27 327 327 HOH HOH A . 
K 8 HOH 28 328 328 HOH HOH A . 
K 8 HOH 29 329 329 HOH HOH A . 
K 8 HOH 30 330 330 HOH HOH A . 
K 8 HOH 31 331 331 HOH HOH A . 
K 8 HOH 32 332 332 HOH HOH A . 
K 8 HOH 33 333 333 HOH HOH A . 
K 8 HOH 34 334 334 HOH HOH A . 
K 8 HOH 35 335 335 HOH HOH A . 
K 8 HOH 36 336 336 HOH HOH A . 
K 8 HOH 37 337 337 HOH HOH A . 
K 8 HOH 38 338 338 HOH HOH A . 
K 8 HOH 39 339 339 HOH HOH A . 
K 8 HOH 40 340 340 HOH HOH A . 
K 8 HOH 41 341 341 HOH HOH A . 
K 8 HOH 42 342 342 HOH HOH A . 
K 8 HOH 43 343 343 HOH HOH A . 
K 8 HOH 44 344 344 HOH HOH A . 
K 8 HOH 45 345 345 HOH HOH A . 
K 8 HOH 46 346 346 HOH HOH A . 
K 8 HOH 47 347 347 HOH HOH A . 
K 8 HOH 48 348 348 HOH HOH A . 
K 8 HOH 49 349 349 HOH HOH A . 
K 8 HOH 50 350 350 HOH HOH A . 
K 8 HOH 51 351 351 HOH HOH A . 
K 8 HOH 52 352 352 HOH HOH A . 
K 8 HOH 53 353 353 HOH HOH A . 
K 8 HOH 54 354 354 HOH HOH A . 
K 8 HOH 55 355 355 HOH HOH A . 
K 8 HOH 56 356 356 HOH HOH A . 
K 8 HOH 57 357 357 HOH HOH A . 
K 8 HOH 58 358 358 HOH HOH A . 
K 8 HOH 59 359 359 HOH HOH A . 
K 8 HOH 60 360 360 HOH HOH A . 
K 8 HOH 61 361 361 HOH HOH A . 
K 8 HOH 62 362 362 HOH HOH A . 
K 8 HOH 63 363 363 HOH HOH A . 
K 8 HOH 64 364 364 HOH HOH A . 
K 8 HOH 65 365 365 HOH HOH A . 
K 8 HOH 66 366 366 HOH HOH A . 
K 8 HOH 67 367 367 HOH HOH A . 
K 8 HOH 68 368 368 HOH HOH A . 
K 8 HOH 69 369 369 HOH HOH A . 
K 8 HOH 70 370 370 HOH HOH A . 
K 8 HOH 71 371 371 HOH HOH A . 
K 8 HOH 72 372 372 HOH HOH A . 
K 8 HOH 73 373 373 HOH HOH A . 
K 8 HOH 74 374 374 HOH HOH A . 
K 8 HOH 75 375 375 HOH HOH A . 
K 8 HOH 76 376 376 HOH HOH A . 
K 8 HOH 77 377 377 HOH HOH A . 
K 8 HOH 78 378 378 HOH HOH A . 
K 8 HOH 79 379 379 HOH HOH A . 
K 8 HOH 80 380 380 HOH HOH A . 
K 8 HOH 81 381 381 HOH HOH A . 
K 8 HOH 82 382 382 HOH HOH A . 
K 8 HOH 83 383 383 HOH HOH A . 
K 8 HOH 84 384 384 HOH HOH A . 
K 8 HOH 85 385 385 HOH HOH A . 
K 8 HOH 86 386 386 HOH HOH A . 
K 8 HOH 87 387 387 HOH HOH A . 
K 8 HOH 88 388 388 HOH HOH A . 
K 8 HOH 89 389 389 HOH HOH A . 
K 8 HOH 90 390 390 HOH HOH A . 
K 8 HOH 91 391 391 HOH HOH A . 
K 8 HOH 92 392 392 HOH HOH A . 
K 8 HOH 93 393 393 HOH HOH A . 
K 8 HOH 94 394 394 HOH HOH A . 
K 8 HOH 95 395 395 HOH HOH A . 
K 8 HOH 96 396 396 HOH HOH A . 
# 
loop_
_software.name 
_software.classification 
_software.version 
_software.citation_id 
_software.pdbx_ordinal 
HKL-2000 'data collection' .     ? 1 
PHASES   phasing           .     ? 2 
REFMAC   refinement        6.4.0 ? 3 
HKL-2000 'data reduction'  .     ? 4 
HKL-2000 'data scaling'    .     ? 5 
# 
_cell.entry_id           4NT8 
_cell.length_a           58.584 
_cell.length_b           58.584 
_cell.length_c           266.188 
_cell.angle_alpha        90.00 
_cell.angle_beta         90.00 
_cell.angle_gamma        120.00 
_cell.Z_PDB              12 
_cell.pdbx_unique_axis   ? 
_cell.length_a_esd       ? 
_cell.length_b_esd       ? 
_cell.length_c_esd       ? 
_cell.angle_alpha_esd    ? 
_cell.angle_beta_esd     ? 
_cell.angle_gamma_esd    ? 
# 
_symmetry.entry_id                         4NT8 
_symmetry.space_group_name_H-M             'P 61 2 2' 
_symmetry.pdbx_full_space_group_name_H-M   ? 
_symmetry.cell_setting                     ? 
_symmetry.Int_Tables_number                178 
_symmetry.space_group_name_Hall            ? 
# 
_exptl.entry_id          4NT8 
_exptl.method            'X-RAY DIFFRACTION' 
_exptl.crystals_number   1 
# 
_exptl_crystal.id                    1 
_exptl_crystal.density_meas          ? 
_exptl_crystal.density_Matthews      3.45 
_exptl_crystal.density_percent_sol   64.31 
_exptl_crystal.description           ? 
_exptl_crystal.F_000                 ? 
_exptl_crystal.preparation           ? 
# 
_exptl_crystal_grow.crystal_id      1 
_exptl_crystal_grow.method          'VAPOR DIFFUSION, HANGING DROP' 
_exptl_crystal_grow.temp            287 
_exptl_crystal_grow.temp_details    ? 
_exptl_crystal_grow.pH              7.5 
_exptl_crystal_grow.pdbx_pH_range   ? 
_exptl_crystal_grow.pdbx_details    
'0.05M cadmium sulfate, 0.1M HEPES pH 7.5, 2.0M sodium acetate trihydrate, VAPOR DIFFUSION, HANGING DROP, temperature 287K' 
# 
_diffrn.id                     1 
_diffrn.ambient_temp           100 
_diffrn.ambient_temp_details   ? 
_diffrn.crystal_id             1 
# 
_diffrn_detector.diffrn_id              1 
_diffrn_detector.detector               CCD 
_diffrn_detector.type                   'ADSC QUANTUM 210' 
_diffrn_detector.pdbx_collection_date   2009-11-22 
_diffrn_detector.details                ? 
# 
_diffrn_radiation.diffrn_id                        1 
_diffrn_radiation.wavelength_id                    1 
_diffrn_radiation.pdbx_monochromatic_or_laue_m_l   M 
_diffrn_radiation.monochromator                    ? 
_diffrn_radiation.pdbx_diffrn_protocol             'SINGLE WAVELENGTH' 
_diffrn_radiation.pdbx_scattering_type             x-ray 
# 
_diffrn_radiation_wavelength.id           1 
_diffrn_radiation_wavelength.wavelength   0.99999 
_diffrn_radiation_wavelength.wt           1.0 
# 
_diffrn_source.diffrn_id                   1 
_diffrn_source.source                      SYNCHROTRON 
_diffrn_source.type                        'PAL/PLS BEAMLINE 4A' 
_diffrn_source.pdbx_synchrotron_site       PAL/PLS 
_diffrn_source.pdbx_synchrotron_beamline   4A 
_diffrn_source.pdbx_wavelength             ? 
_diffrn_source.pdbx_wavelength_list        0.99999 
# 
_reflns.pdbx_diffrn_id               1 
_reflns.pdbx_ordinal                 1 
_reflns.entry_id                     4NT8 
_reflns.observed_criterion_sigma_I   1.0 
_reflns.observed_criterion_sigma_F   1.0 
_reflns.d_resolution_low             50 
_reflns.d_resolution_high            2.1 
_reflns.number_obs                   16778 
_reflns.number_all                   ? 
_reflns.percent_possible_obs         99.6 
_reflns.pdbx_Rmerge_I_obs            ? 
_reflns.pdbx_Rsym_value              ? 
_reflns.pdbx_netI_over_sigmaI        ? 
_reflns.B_iso_Wilson_estimate        ? 
_reflns.pdbx_redundancy              ? 
_reflns.R_free_details               ? 
_reflns.limit_h_max                  ? 
_reflns.limit_h_min                  ? 
_reflns.limit_k_max                  ? 
_reflns.limit_k_min                  ? 
_reflns.limit_l_max                  ? 
_reflns.limit_l_min                  ? 
_reflns.observed_criterion_F_max     ? 
_reflns.observed_criterion_F_min     ? 
_reflns.pdbx_chi_squared             ? 
_reflns.pdbx_scaling_rejects         ? 
# 
_reflns_shell.pdbx_diffrn_id         1 
_reflns_shell.pdbx_ordinal           1 
_reflns_shell.d_res_high             2.1 
_reflns_shell.d_res_low              2.14 
_reflns_shell.percent_possible_all   96.9 
_reflns_shell.Rmerge_I_obs           ? 
_reflns_shell.pdbx_Rsym_value        ? 
_reflns_shell.meanI_over_sigI_obs    ? 
_reflns_shell.pdbx_redundancy        ? 
_reflns_shell.percent_possible_obs   ? 
_reflns_shell.number_unique_all      ? 
_reflns_shell.number_measured_all    ? 
_reflns_shell.number_measured_obs    ? 
_reflns_shell.number_unique_obs      ? 
_reflns_shell.pdbx_chi_squared       ? 
# 
_refine.pdbx_refine_id                           'X-RAY DIFFRACTION' 
_refine.entry_id                                 4NT8 
_refine.pdbx_diffrn_id                           1 
_refine.pdbx_TLS_residual_ADP_flag               ? 
_refine.ls_number_reflns_obs                     13852 
_refine.ls_number_reflns_all                     ? 
_refine.pdbx_ls_sigma_I                          ? 
_refine.pdbx_ls_sigma_F                          . 
_refine.pdbx_data_cutoff_high_absF               ? 
_refine.pdbx_data_cutoff_low_absF                ? 
_refine.pdbx_data_cutoff_high_rms_absF           ? 
_refine.ls_d_res_low                             40.35 
_refine.ls_d_res_high                            2.20 
_refine.ls_percent_reflns_obs                    98.98 
_refine.ls_R_factor_obs                          0.19244 
_refine.ls_R_factor_all                          ? 
_refine.ls_R_factor_R_work                       0.19022 
_refine.ls_R_factor_R_free                       0.23547 
_refine.ls_R_factor_R_free_error                 ? 
_refine.ls_R_factor_R_free_error_details         ? 
_refine.ls_percent_reflns_R_free                 5.0 
_refine.ls_number_reflns_R_free                  729 
_refine.ls_number_parameters                     ? 
_refine.ls_number_restraints                     ? 
_refine.occupancy_min                            ? 
_refine.occupancy_max                            ? 
_refine.correlation_coeff_Fo_to_Fc               0.945 
_refine.correlation_coeff_Fo_to_Fc_free          0.919 
_refine.B_iso_mean                               29.755 
_refine.aniso_B[1][1]                            0.02 
_refine.aniso_B[2][2]                            0.02 
_refine.aniso_B[3][3]                            -0.05 
_refine.aniso_B[1][2]                            0.01 
_refine.aniso_B[1][3]                            0.00 
_refine.aniso_B[2][3]                            0.00 
_refine.solvent_model_details                    MASK 
_refine.solvent_model_param_ksol                 ? 
_refine.solvent_model_param_bsol                 ? 
_refine.pdbx_solvent_vdw_probe_radii             1.20 
_refine.pdbx_solvent_ion_probe_radii             0.80 
_refine.pdbx_solvent_shrinkage_radii             0.80 
_refine.pdbx_ls_cross_valid_method               THROUGHOUT 
_refine.details                                  'HYDROGENS HAVE BEEN ADDED IN THE RIDING POSITIONS' 
_refine.pdbx_starting_model                      4FR8 
_refine.pdbx_method_to_determine_struct          'MOLECULAR REPLACEMENT' 
_refine.pdbx_isotropic_thermal_model             ? 
_refine.pdbx_stereochemistry_target_values       'MAXIMUM LIKELIHOOD' 
_refine.pdbx_stereochem_target_val_spec_case     ? 
_refine.pdbx_R_Free_selection_details            RANDOM 
_refine.pdbx_overall_ESU_R                       0.181 
_refine.pdbx_overall_ESU_R_Free                  0.171 
_refine.overall_SU_ML                            0.140 
_refine.pdbx_overall_phase_error                 ? 
_refine.overall_SU_B                             5.790 
_refine.overall_SU_R_Cruickshank_DPI             ? 
_refine.pdbx_overall_SU_R_free_Cruickshank_DPI   ? 
_refine.pdbx_overall_SU_R_Blow_DPI               ? 
_refine.pdbx_overall_SU_R_free_Blow_DPI          ? 
_refine.ls_redundancy_reflns_obs                 ? 
_refine.B_iso_min                                ? 
_refine.B_iso_max                                ? 
_refine.overall_SU_R_free                        ? 
_refine.ls_wR_factor_R_free                      ? 
_refine.ls_wR_factor_R_work                      ? 
_refine.overall_FOM_free_R_set                   ? 
_refine.overall_FOM_work_R_set                   ? 
# 
_refine_hist.pdbx_refine_id                   'X-RAY DIFFRACTION' 
_refine_hist.cycle_id                         LAST 
_refine_hist.pdbx_number_atoms_protein        1317 
_refine_hist.pdbx_number_atoms_nucleic_acid   0 
_refine_hist.pdbx_number_atoms_ligand         31 
_refine_hist.number_atoms_solvent             96 
_refine_hist.number_atoms_total               1444 
_refine_hist.d_res_high                       2.20 
_refine_hist.d_res_low                        40.35 
# 
loop_
_refine_ls_restr.type 
_refine_ls_restr.dev_ideal 
_refine_ls_restr.dev_ideal_target 
_refine_ls_restr.weight 
_refine_ls_restr.number 
_refine_ls_restr.pdbx_refine_id 
_refine_ls_restr.pdbx_restraint_function 
r_bond_refined_d             0.018  0.019  ? 1395 'X-RAY DIFFRACTION' ? 
r_bond_other_d               0.001  0.020  ? 1298 'X-RAY DIFFRACTION' ? 
r_angle_refined_deg          1.856  1.980  ? 1855 'X-RAY DIFFRACTION' ? 
r_angle_other_deg            0.923  3.000  ? 2973 'X-RAY DIFFRACTION' ? 
r_dihedral_angle_1_deg       7.014  5.000  ? 168  'X-RAY DIFFRACTION' ? 
r_dihedral_angle_2_deg       33.067 22.836 ? 67   'X-RAY DIFFRACTION' ? 
r_dihedral_angle_3_deg       15.661 15.000 ? 212  'X-RAY DIFFRACTION' ? 
r_dihedral_angle_4_deg       18.900 15.000 ? 14   'X-RAY DIFFRACTION' ? 
r_chiral_restr               0.112  0.200  ? 200  'X-RAY DIFFRACTION' ? 
r_gen_planes_refined         0.008  0.021  ? 1563 'X-RAY DIFFRACTION' ? 
r_gen_planes_other           0.001  0.020  ? 322  'X-RAY DIFFRACTION' ? 
r_nbd_refined                ?      ?      ? ?    'X-RAY DIFFRACTION' ? 
r_nbd_other                  ?      ?      ? ?    'X-RAY DIFFRACTION' ? 
r_nbtor_refined              ?      ?      ? ?    'X-RAY DIFFRACTION' ? 
r_nbtor_other                ?      ?      ? ?    'X-RAY DIFFRACTION' ? 
r_xyhbond_nbd_refined        ?      ?      ? ?    'X-RAY DIFFRACTION' ? 
r_xyhbond_nbd_other          ?      ?      ? ?    'X-RAY DIFFRACTION' ? 
r_metal_ion_refined          ?      ?      ? ?    'X-RAY DIFFRACTION' ? 
r_metal_ion_other            ?      ?      ? ?    'X-RAY DIFFRACTION' ? 
r_symmetry_vdw_refined       ?      ?      ? ?    'X-RAY DIFFRACTION' ? 
r_symmetry_vdw_other         ?      ?      ? ?    'X-RAY DIFFRACTION' ? 
r_symmetry_hbond_refined     ?      ?      ? ?    'X-RAY DIFFRACTION' ? 
r_symmetry_hbond_other       ?      ?      ? ?    'X-RAY DIFFRACTION' ? 
r_symmetry_metal_ion_refined ?      ?      ? ?    'X-RAY DIFFRACTION' ? 
r_symmetry_metal_ion_other   ?      ?      ? ?    'X-RAY DIFFRACTION' ? 
r_mcbond_it                  1.913  2.745  ? 678  'X-RAY DIFFRACTION' ? 
r_mcbond_other               1.894  2.741  ? 677  'X-RAY DIFFRACTION' ? 
r_mcangle_it                 2.877  4.097  ? 844  'X-RAY DIFFRACTION' ? 
r_mcangle_other              3.128  4.177  ? 848  'X-RAY DIFFRACTION' ? 
r_scbond_it                  3.252  3.154  ? 716  'X-RAY DIFFRACTION' ? 
r_scbond_other               3.115  3.228  ? 699  'X-RAY DIFFRACTION' ? 
r_scangle_it                 ?      ?      ? ?    'X-RAY DIFFRACTION' ? 
r_scangle_other              4.884  4.706  ? 1022 'X-RAY DIFFRACTION' ? 
r_long_range_B_refined       6.967  23.267 ? 1591 'X-RAY DIFFRACTION' ? 
r_long_range_B_other         6.967  23.295 ? 1592 'X-RAY DIFFRACTION' ? 
r_rigid_bond_restr           ?      ?      ? ?    'X-RAY DIFFRACTION' ? 
r_sphericity_free            ?      ?      ? ?    'X-RAY DIFFRACTION' ? 
r_sphericity_bonded          ?      ?      ? ?    'X-RAY DIFFRACTION' ? 
# 
_refine_ls_shell.pdbx_refine_id                   'X-RAY DIFFRACTION' 
_refine_ls_shell.pdbx_total_number_of_bins_used   20 
_refine_ls_shell.d_res_high                       2.200 
_refine_ls_shell.d_res_low                        2.257 
_refine_ls_shell.number_reflns_R_work             1005 
_refine_ls_shell.R_factor_R_work                  0.285 
_refine_ls_shell.percent_reflns_obs               99.72 
_refine_ls_shell.R_factor_R_free                  0.298 
_refine_ls_shell.R_factor_R_free_error            ? 
_refine_ls_shell.percent_reflns_R_free            ? 
_refine_ls_shell.number_reflns_R_free             50 
_refine_ls_shell.number_reflns_all                ? 
_refine_ls_shell.R_factor_all                     ? 
_refine_ls_shell.redundancy_reflns_obs            ? 
_refine_ls_shell.number_reflns_obs                ? 
# 
_struct.entry_id                  4NT8 
_struct.title                     
'Formyl-methionine-alanine complex structure of peptide deformylase from Xanthomoonas oryzae pv. oryzae' 
_struct.pdbx_model_details        ? 
_struct.pdbx_CASP_flag            ? 
_struct.pdbx_model_type_details   ? 
# 
_struct_keywords.entry_id        4NT8 
_struct_keywords.pdbx_keywords   HYDROLASE 
_struct_keywords.text            'metallopeptidase, peptide deformylase, cadmium, HYDROLASE' 
# 
loop_
_struct_asym.id 
_struct_asym.pdbx_blank_PDB_chainid_flag 
_struct_asym.pdbx_modified 
_struct_asym.entity_id 
_struct_asym.details 
A N N 1 ? 
B N N 2 ? 
C N N 2 ? 
D N N 2 ? 
E N N 3 ? 
F N N 4 ? 
G N N 4 ? 
H N N 5 ? 
I N N 6 ? 
J N N 7 ? 
K N N 8 ? 
# 
_struct_ref.id                         1 
_struct_ref.db_name                    UNP 
_struct_ref.db_code                    Q5H3Z2_XANOR 
_struct_ref.pdbx_db_accession          Q5H3Z2 
_struct_ref.entity_id                  1 
_struct_ref.pdbx_seq_one_letter_code   
;MIRDIIRMGDKRLLRVAPQVTNLGSAELHALVSDMFETMGAAHGVGLAAPQIAVDLQLMVFGFEASERYPEAPAVPLTAL
ANAQIEPLSDEMENGWEGCLSIPGLRAVIPRYRYIRYRGFAPDGSPIEREAEGFHARVVQHEYDHLVGRLYPSRIENFDT
FGFDDVLSYDL
;
_struct_ref.pdbx_align_begin           42 
_struct_ref.pdbx_db_isoform            ? 
# 
_struct_ref_seq.align_id                      1 
_struct_ref_seq.ref_id                        1 
_struct_ref_seq.pdbx_PDB_id_code              4NT8 
_struct_ref_seq.pdbx_strand_id                A 
_struct_ref_seq.seq_align_beg                 1 
_struct_ref_seq.pdbx_seq_align_beg_ins_code   ? 
_struct_ref_seq.seq_align_end                 171 
_struct_ref_seq.pdbx_seq_align_end_ins_code   ? 
_struct_ref_seq.pdbx_db_accession             Q5H3Z2 
_struct_ref_seq.db_align_beg                  42 
_struct_ref_seq.pdbx_db_align_beg_ins_code    ? 
_struct_ref_seq.db_align_end                  212 
_struct_ref_seq.pdbx_db_align_end_ins_code    ? 
_struct_ref_seq.pdbx_auth_seq_align_beg       1 
_struct_ref_seq.pdbx_auth_seq_align_end       171 
# 
_pdbx_struct_assembly.id                   1 
_pdbx_struct_assembly.details              author_and_software_defined_assembly 
_pdbx_struct_assembly.method_details       PISA 
_pdbx_struct_assembly.oligomeric_details   dimeric 
_pdbx_struct_assembly.oligomeric_count     2 
# 
loop_
_pdbx_struct_assembly_prop.biol_id 
_pdbx_struct_assembly_prop.type 
_pdbx_struct_assembly_prop.value 
_pdbx_struct_assembly_prop.details 
1 'ABSA (A^2)' 3750  ? 
1 MORE         -86   ? 
1 'SSA (A^2)'  15110 ? 
# 
_pdbx_struct_assembly_gen.assembly_id       1 
_pdbx_struct_assembly_gen.oper_expression   1,2 
_pdbx_struct_assembly_gen.asym_id_list      A,B,C,D,E,F,G,H,I,J,K 
# 
loop_
_pdbx_struct_oper_list.id 
_pdbx_struct_oper_list.type 
_pdbx_struct_oper_list.name 
_pdbx_struct_oper_list.symmetry_operation 
_pdbx_struct_oper_list.matrix[1][1] 
_pdbx_struct_oper_list.matrix[1][2] 
_pdbx_struct_oper_list.matrix[1][3] 
_pdbx_struct_oper_list.vector[1] 
_pdbx_struct_oper_list.matrix[2][1] 
_pdbx_struct_oper_list.matrix[2][2] 
_pdbx_struct_oper_list.matrix[2][3] 
_pdbx_struct_oper_list.vector[2] 
_pdbx_struct_oper_list.matrix[3][1] 
_pdbx_struct_oper_list.matrix[3][2] 
_pdbx_struct_oper_list.matrix[3][3] 
_pdbx_struct_oper_list.vector[3] 
1 'identity operation'         1_555 x,y,z     1.0000000000  0.0000000000  0.0000000000  0.0000000000   0.0000000000  1.0000000000  0.0000000000 0.0000000000   0.0000000000  0.0000000000 1.0000000000  0.0000000000  
2 'crystal symmetry operation' 8_555 x-y,-y,-z -0.9630844233 -0.1910294630 -0.1896737670 -17.3617733209 -0.1910294630 -0.0114672726 0.9815173182 -23.5326138721 -0.1896737670 0.9815173182 -0.0254483041 20.3217491635 
# 
_struct_biol.id        1 
_struct_biol.details   ? 
# 
loop_
_struct_conf.conf_type_id 
_struct_conf.id 
_struct_conf.pdbx_PDB_helix_id 
_struct_conf.beg_label_comp_id 
_struct_conf.beg_label_asym_id 
_struct_conf.beg_label_seq_id 
_struct_conf.pdbx_beg_PDB_ins_code 
_struct_conf.end_label_comp_id 
_struct_conf.end_label_asym_id 
_struct_conf.end_label_seq_id 
_struct_conf.pdbx_end_PDB_ins_code 
_struct_conf.beg_auth_comp_id 
_struct_conf.beg_auth_asym_id 
_struct_conf.beg_auth_seq_id 
_struct_conf.end_auth_comp_id 
_struct_conf.end_auth_asym_id 
_struct_conf.end_auth_seq_id 
_struct_conf.pdbx_PDB_helix_class 
_struct_conf.details 
_struct_conf.pdbx_PDB_helix_length 
HELX_P HELX_P1 1 ASP A 10  ? ARG A 15  ? ASP A 10  ARG A 15  5 ? 6  
HELX_P HELX_P2 2 SER A 25  ? ALA A 42  ? SER A 25  ALA A 42  1 ? 18 
HELX_P HELX_P3 3 PRO A 50  ? ALA A 53  ? PRO A 50  ALA A 53  5 ? 4  
HELX_P HELX_P4 4 GLY A 133 ? VAL A 147 ? GLY A 133 VAL A 147 1 ? 15 
HELX_P HELX_P5 5 LEU A 150 ? ILE A 155 ? LEU A 150 ILE A 155 5 ? 6  
HELX_P HELX_P6 6 ASN A 157 ? PHE A 161 ? ASN A 157 PHE A 161 5 ? 5  
# 
_struct_conf_type.id          HELX_P 
_struct_conf_type.criteria    ? 
_struct_conf_type.reference   ? 
# 
loop_
_struct_conn.id 
_struct_conn.conn_type_id 
_struct_conn.pdbx_leaving_atom_flag 
_struct_conn.pdbx_PDB_id 
_struct_conn.ptnr1_label_asym_id 
_struct_conn.ptnr1_label_comp_id 
_struct_conn.ptnr1_label_seq_id 
_struct_conn.ptnr1_label_atom_id 
_struct_conn.pdbx_ptnr1_label_alt_id 
_struct_conn.pdbx_ptnr1_PDB_ins_code 
_struct_conn.pdbx_ptnr1_standard_comp_id 
_struct_conn.ptnr1_symmetry 
_struct_conn.ptnr2_label_asym_id 
_struct_conn.ptnr2_label_comp_id 
_struct_conn.ptnr2_label_seq_id 
_struct_conn.ptnr2_label_atom_id 
_struct_conn.pdbx_ptnr2_label_alt_id 
_struct_conn.pdbx_ptnr2_PDB_ins_code 
_struct_conn.ptnr1_auth_asym_id 
_struct_conn.ptnr1_auth_comp_id 
_struct_conn.ptnr1_auth_seq_id 
_struct_conn.ptnr2_auth_asym_id 
_struct_conn.ptnr2_auth_comp_id 
_struct_conn.ptnr2_auth_seq_id 
_struct_conn.ptnr2_symmetry 
_struct_conn.pdbx_ptnr3_label_atom_id 
_struct_conn.pdbx_ptnr3_label_seq_id 
_struct_conn.pdbx_ptnr3_label_comp_id 
_struct_conn.pdbx_ptnr3_label_asym_id 
_struct_conn.pdbx_ptnr3_label_alt_id 
_struct_conn.pdbx_ptnr3_PDB_ins_code 
_struct_conn.details 
_struct_conn.pdbx_dist_value 
_struct_conn.pdbx_value_order 
_struct_conn.pdbx_role 
covale1  covale both ? A GLY 98  C   ? ? ? 1_555 A CSD 99  N  ? ? A GLY 98  A CSD 99  1_555 ? ? ? ? ? ? ? 1.333 ? ? 
covale2  covale both ? A CSD 99  C   ? ? ? 1_555 A LEU 100 N  ? ? A CSD 99  A LEU 100 1_555 ? ? ? ? ? ? ? 1.315 ? ? 
covale3  covale both ? H FME .   C   ? ? ? 1_555 I ALA .   N  ? ? A FME 207 A ALA 208 1_555 ? ? ? ? ? ? ? 1.320 ? ? 
metalc1  metalc ?    ? A GLU 37  OE2 ? ? ? 1_555 B CD  .   CD ? ? A GLU 37  A CD  201 1_555 ? ? ? ? ? ? ? 2.209 ? ? 
metalc2  metalc ?    ? A CSD 99  OD2 ? ? ? 1_555 C CD  .   CD ? ? A CSD 99  A CD  202 1_555 ? ? ? ? ? ? ? 2.121 ? ? 
metalc3  metalc ?    ? A CSD 99  SG  ? ? ? 1_555 C CD  .   CD ? ? A CSD 99  A CD  202 1_555 ? ? ? ? ? ? ? 2.767 ? ? 
metalc4  metalc ?    ? A LEU 105 O   ? ? ? 1_555 G NA  .   NA ? ? A LEU 105 A NA  206 1_555 ? ? ? ? ? ? ? 2.339 ? ? 
metalc5  metalc ?    ? A GLU 128 OE1 ? ? ? 1_555 D CD  .   CD ? ? A GLU 128 A CD  203 1_555 ? ? ? ? ? ? ? 2.230 ? ? 
metalc6  metalc ?    ? A GLU 128 OE2 ? ? ? 1_555 D CD  .   CD ? ? A GLU 128 A CD  203 1_555 ? ? ? ? ? ? ? 2.238 ? ? 
metalc7  metalc ?    ? A GLU 130 OE2 ? ? ? 1_555 D CD  .   CD ? ? A GLU 130 A CD  203 1_555 ? ? ? ? ? ? ? 2.195 ? ? 
metalc8  metalc ?    ? A GLU 130 OE1 ? ? ? 1_555 D CD  .   CD ? ? A GLU 130 A CD  203 1_555 ? ? ? ? ? ? ? 2.287 ? ? 
metalc9  metalc ?    ? A HIS 141 NE2 ? ? ? 1_555 C CD  .   CD ? ? A HIS 141 A CD  202 1_555 ? ? ? ? ? ? ? 2.257 ? ? 
metalc10 metalc ?    ? A HIS 145 NE2 ? ? ? 1_555 C CD  .   CD ? ? A HIS 145 A CD  202 1_555 ? ? ? ? ? ? ? 2.227 ? ? 
metalc11 metalc ?    ? A GLY 148 O   ? ? ? 1_555 F NA  .   NA ? ? A GLY 148 A NA  205 1_555 ? ? ? ? ? ? ? 2.339 ? ? 
metalc12 metalc ?    ? A ASP 164 OD2 ? ? ? 1_555 G NA  .   NA ? ? A ASP 164 A NA  206 1_555 ? ? ? ? ? ? ? 2.279 ? ? 
metalc13 metalc ?    ? B CD  .   CD  ? ? ? 1_555 K HOH .   O  ? ? A CD  201 A HOH 366 1_555 ? ? ? ? ? ? ? 2.213 ? ? 
metalc14 metalc ?    ? B CD  .   CD  ? ? ? 1_555 K HOH .   O  ? ? A CD  201 A HOH 367 1_555 ? ? ? ? ? ? ? 2.229 ? ? 
metalc15 metalc ?    ? B CD  .   CD  ? ? ? 1_555 K HOH .   O  ? ? A CD  201 A HOH 372 1_555 ? ? ? ? ? ? ? 2.201 ? ? 
metalc16 metalc ?    ? C CD  .   CD  ? ? ? 1_555 H FME .   O1 ? ? A CD  202 A FME 207 1_555 ? ? ? ? ? ? ? 2.211 ? ? 
metalc17 metalc ?    ? C CD  .   CD  ? ? ? 1_555 K HOH .   O  ? ? A CD  202 A HOH 362 1_555 ? ? ? ? ? ? ? 2.331 ? ? 
metalc18 metalc ?    ? D CD  .   CD  ? ? ? 1_555 K HOH .   O  ? ? A CD  203 A HOH 368 1_555 ? ? ? ? ? ? ? 2.225 ? ? 
metalc19 metalc ?    ? D CD  .   CD  ? ? ? 1_555 K HOH .   O  ? ? A CD  203 A HOH 373 1_555 ? ? ? ? ? ? ? 2.179 ? ? 
metalc20 metalc ?    ? F NA  .   NA  ? ? ? 1_555 K HOH .   O  ? ? A NA  205 A HOH 370 1_555 ? ? ? ? ? ? ? 2.295 ? ? 
metalc21 metalc ?    ? F NA  .   NA  ? ? ? 1_555 K HOH .   O  ? ? A NA  205 A HOH 371 1_555 ? ? ? ? ? ? ? 2.248 ? ? 
metalc22 metalc ?    ? F NA  .   NA  ? ? ? 1_555 K HOH .   O  ? ? A NA  205 A HOH 374 1_555 ? ? ? ? ? ? ? 2.222 ? ? 
metalc23 metalc ?    ? G NA  .   NA  ? ? ? 1_555 K HOH .   O  ? ? A NA  206 A HOH 337 1_555 ? ? ? ? ? ? ? 2.255 ? ? 
metalc24 metalc ?    ? G NA  .   NA  ? ? ? 1_555 K HOH .   O  ? ? A NA  206 A HOH 359 1_555 ? ? ? ? ? ? ? 2.264 ? ? 
# 
loop_
_struct_conn_type.id 
_struct_conn_type.criteria 
_struct_conn_type.reference 
covale ? ? 
metalc ? ? 
# 
loop_
_pdbx_struct_conn_angle.id 
_pdbx_struct_conn_angle.ptnr1_label_atom_id 
_pdbx_struct_conn_angle.ptnr1_label_alt_id 
_pdbx_struct_conn_angle.ptnr1_label_asym_id 
_pdbx_struct_conn_angle.ptnr1_label_comp_id 
_pdbx_struct_conn_angle.ptnr1_label_seq_id 
_pdbx_struct_conn_angle.ptnr1_auth_atom_id 
_pdbx_struct_conn_angle.ptnr1_auth_asym_id 
_pdbx_struct_conn_angle.ptnr1_auth_comp_id 
_pdbx_struct_conn_angle.ptnr1_auth_seq_id 
_pdbx_struct_conn_angle.ptnr1_PDB_ins_code 
_pdbx_struct_conn_angle.ptnr1_symmetry 
_pdbx_struct_conn_angle.ptnr2_label_atom_id 
_pdbx_struct_conn_angle.ptnr2_label_alt_id 
_pdbx_struct_conn_angle.ptnr2_label_asym_id 
_pdbx_struct_conn_angle.ptnr2_label_comp_id 
_pdbx_struct_conn_angle.ptnr2_label_seq_id 
_pdbx_struct_conn_angle.ptnr2_auth_atom_id 
_pdbx_struct_conn_angle.ptnr2_auth_asym_id 
_pdbx_struct_conn_angle.ptnr2_auth_comp_id 
_pdbx_struct_conn_angle.ptnr2_auth_seq_id 
_pdbx_struct_conn_angle.ptnr2_PDB_ins_code 
_pdbx_struct_conn_angle.ptnr2_symmetry 
_pdbx_struct_conn_angle.ptnr3_label_atom_id 
_pdbx_struct_conn_angle.ptnr3_label_alt_id 
_pdbx_struct_conn_angle.ptnr3_label_asym_id 
_pdbx_struct_conn_angle.ptnr3_label_comp_id 
_pdbx_struct_conn_angle.ptnr3_label_seq_id 
_pdbx_struct_conn_angle.ptnr3_auth_atom_id 
_pdbx_struct_conn_angle.ptnr3_auth_asym_id 
_pdbx_struct_conn_angle.ptnr3_auth_comp_id 
_pdbx_struct_conn_angle.ptnr3_auth_seq_id 
_pdbx_struct_conn_angle.ptnr3_PDB_ins_code 
_pdbx_struct_conn_angle.ptnr3_symmetry 
_pdbx_struct_conn_angle.value 
_pdbx_struct_conn_angle.value_esd 
1  OE2 ? A GLU 37  ? A GLU 37  ? 1_555 CD ? B CD . ? A CD 201 ? 1_555 O   ? K HOH .   ? A HOH 366 ? 1_555 147.6 ? 
2  OE2 ? A GLU 37  ? A GLU 37  ? 1_555 CD ? B CD . ? A CD 201 ? 1_555 O   ? K HOH .   ? A HOH 367 ? 1_555 91.8  ? 
3  O   ? K HOH .   ? A HOH 366 ? 1_555 CD ? B CD . ? A CD 201 ? 1_555 O   ? K HOH .   ? A HOH 367 ? 1_555 107.5 ? 
4  OE2 ? A GLU 37  ? A GLU 37  ? 1_555 CD ? B CD . ? A CD 201 ? 1_555 O   ? K HOH .   ? A HOH 372 ? 1_555 102.2 ? 
5  O   ? K HOH .   ? A HOH 366 ? 1_555 CD ? B CD . ? A CD 201 ? 1_555 O   ? K HOH .   ? A HOH 372 ? 1_555 49.8  ? 
6  O   ? K HOH .   ? A HOH 367 ? 1_555 CD ? B CD . ? A CD 201 ? 1_555 O   ? K HOH .   ? A HOH 372 ? 1_555 151.3 ? 
7  OD2 ? A CSD 99  ? A CSD 99  ? 1_555 CD ? C CD . ? A CD 202 ? 1_555 SG  ? A CSD 99  ? A CSD 99  ? 1_555 30.4  ? 
8  OD2 ? A CSD 99  ? A CSD 99  ? 1_555 CD ? C CD . ? A CD 202 ? 1_555 NE2 ? A HIS 141 ? A HIS 141 ? 1_555 83.6  ? 
9  SG  ? A CSD 99  ? A CSD 99  ? 1_555 CD ? C CD . ? A CD 202 ? 1_555 NE2 ? A HIS 141 ? A HIS 141 ? 1_555 107.2 ? 
10 OD2 ? A CSD 99  ? A CSD 99  ? 1_555 CD ? C CD . ? A CD 202 ? 1_555 NE2 ? A HIS 145 ? A HIS 145 ? 1_555 80.7  ? 
11 SG  ? A CSD 99  ? A CSD 99  ? 1_555 CD ? C CD . ? A CD 202 ? 1_555 NE2 ? A HIS 145 ? A HIS 145 ? 1_555 93.2  ? 
12 NE2 ? A HIS 141 ? A HIS 141 ? 1_555 CD ? C CD . ? A CD 202 ? 1_555 NE2 ? A HIS 145 ? A HIS 145 ? 1_555 104.6 ? 
13 OD2 ? A CSD 99  ? A CSD 99  ? 1_555 CD ? C CD . ? A CD 202 ? 1_555 O1  ? H FME .   ? A FME 207 ? 1_555 171.3 ? 
14 SG  ? A CSD 99  ? A CSD 99  ? 1_555 CD ? C CD . ? A CD 202 ? 1_555 O1  ? H FME .   ? A FME 207 ? 1_555 155.8 ? 
15 NE2 ? A HIS 141 ? A HIS 141 ? 1_555 CD ? C CD . ? A CD 202 ? 1_555 O1  ? H FME .   ? A FME 207 ? 1_555 94.5  ? 
16 NE2 ? A HIS 145 ? A HIS 145 ? 1_555 CD ? C CD . ? A CD 202 ? 1_555 O1  ? H FME .   ? A FME 207 ? 1_555 91.6  ? 
17 OD2 ? A CSD 99  ? A CSD 99  ? 1_555 CD ? C CD . ? A CD 202 ? 1_555 O   ? K HOH .   ? A HOH 362 ? 1_555 116.7 ? 
18 SG  ? A CSD 99  ? A CSD 99  ? 1_555 CD ? C CD . ? A CD 202 ? 1_555 O   ? K HOH .   ? A HOH 362 ? 1_555 90.3  ? 
19 NE2 ? A HIS 141 ? A HIS 141 ? 1_555 CD ? C CD . ? A CD 202 ? 1_555 O   ? K HOH .   ? A HOH 362 ? 1_555 110.0 ? 
20 NE2 ? A HIS 145 ? A HIS 145 ? 1_555 CD ? C CD . ? A CD 202 ? 1_555 O   ? K HOH .   ? A HOH 362 ? 1_555 142.5 ? 
21 O1  ? H FME .   ? A FME 207 ? 1_555 CD ? C CD . ? A CD 202 ? 1_555 O   ? K HOH .   ? A HOH 362 ? 1_555 71.9  ? 
22 O   ? A LEU 105 ? A LEU 105 ? 1_555 NA ? G NA . ? A NA 206 ? 1_555 OD2 ? A ASP 164 ? A ASP 164 ? 1_555 121.5 ? 
23 O   ? A LEU 105 ? A LEU 105 ? 1_555 NA ? G NA . ? A NA 206 ? 1_555 O   ? K HOH .   ? A HOH 337 ? 1_555 93.9  ? 
24 OD2 ? A ASP 164 ? A ASP 164 ? 1_555 NA ? G NA . ? A NA 206 ? 1_555 O   ? K HOH .   ? A HOH 337 ? 1_555 125.4 ? 
25 O   ? A LEU 105 ? A LEU 105 ? 1_555 NA ? G NA . ? A NA 206 ? 1_555 O   ? K HOH .   ? A HOH 359 ? 1_555 108.7 ? 
26 OD2 ? A ASP 164 ? A ASP 164 ? 1_555 NA ? G NA . ? A NA 206 ? 1_555 O   ? K HOH .   ? A HOH 359 ? 1_555 79.6  ? 
27 O   ? K HOH .   ? A HOH 337 ? 1_555 NA ? G NA . ? A NA 206 ? 1_555 O   ? K HOH .   ? A HOH 359 ? 1_555 129.9 ? 
28 OE1 ? A GLU 128 ? A GLU 128 ? 1_555 CD ? D CD . ? A CD 203 ? 1_555 OE2 ? A GLU 128 ? A GLU 128 ? 1_555 56.8  ? 
29 OE1 ? A GLU 128 ? A GLU 128 ? 1_555 CD ? D CD . ? A CD 203 ? 1_555 OE2 ? A GLU 130 ? A GLU 130 ? 1_555 124.6 ? 
30 OE2 ? A GLU 128 ? A GLU 128 ? 1_555 CD ? D CD . ? A CD 203 ? 1_555 OE2 ? A GLU 130 ? A GLU 130 ? 1_555 139.8 ? 
31 OE1 ? A GLU 128 ? A GLU 128 ? 1_555 CD ? D CD . ? A CD 203 ? 1_555 OE1 ? A GLU 130 ? A GLU 130 ? 1_555 86.1  ? 
32 OE2 ? A GLU 128 ? A GLU 128 ? 1_555 CD ? D CD . ? A CD 203 ? 1_555 OE1 ? A GLU 130 ? A GLU 130 ? 1_555 142.7 ? 
33 OE2 ? A GLU 130 ? A GLU 130 ? 1_555 CD ? D CD . ? A CD 203 ? 1_555 OE1 ? A GLU 130 ? A GLU 130 ? 1_555 57.0  ? 
34 OE1 ? A GLU 128 ? A GLU 128 ? 1_555 CD ? D CD . ? A CD 203 ? 1_555 O   ? K HOH .   ? A HOH 368 ? 1_555 102.3 ? 
35 OE2 ? A GLU 128 ? A GLU 128 ? 1_555 CD ? D CD . ? A CD 203 ? 1_555 O   ? K HOH .   ? A HOH 368 ? 1_555 72.2  ? 
36 OE2 ? A GLU 130 ? A GLU 130 ? 1_555 CD ? D CD . ? A CD 203 ? 1_555 O   ? K HOH .   ? A HOH 368 ? 1_555 68.5  ? 
37 OE1 ? A GLU 130 ? A GLU 130 ? 1_555 CD ? D CD . ? A CD 203 ? 1_555 O   ? K HOH .   ? A HOH 368 ? 1_555 117.0 ? 
38 OE1 ? A GLU 128 ? A GLU 128 ? 1_555 CD ? D CD . ? A CD 203 ? 1_555 O   ? K HOH .   ? A HOH 373 ? 1_555 168.6 ? 
39 OE2 ? A GLU 128 ? A GLU 128 ? 1_555 CD ? D CD . ? A CD 203 ? 1_555 O   ? K HOH .   ? A HOH 373 ? 1_555 113.5 ? 
40 OE2 ? A GLU 130 ? A GLU 130 ? 1_555 CD ? D CD . ? A CD 203 ? 1_555 O   ? K HOH .   ? A HOH 373 ? 1_555 57.7  ? 
41 OE1 ? A GLU 130 ? A GLU 130 ? 1_555 CD ? D CD . ? A CD 203 ? 1_555 O   ? K HOH .   ? A HOH 373 ? 1_555 102.9 ? 
42 O   ? K HOH .   ? A HOH 368 ? 1_555 CD ? D CD . ? A CD 203 ? 1_555 O   ? K HOH .   ? A HOH 373 ? 1_555 67.5  ? 
43 O   ? A GLY 148 ? A GLY 148 ? 1_555 NA ? F NA . ? A NA 205 ? 1_555 O   ? K HOH .   ? A HOH 370 ? 1_555 86.2  ? 
44 O   ? A GLY 148 ? A GLY 148 ? 1_555 NA ? F NA . ? A NA 205 ? 1_555 O   ? K HOH .   ? A HOH 371 ? 1_555 112.4 ? 
45 O   ? K HOH .   ? A HOH 370 ? 1_555 NA ? F NA . ? A NA 205 ? 1_555 O   ? K HOH .   ? A HOH 371 ? 1_555 58.7  ? 
46 O   ? A GLY 148 ? A GLY 148 ? 1_555 NA ? F NA . ? A NA 205 ? 1_555 O   ? K HOH .   ? A HOH 374 ? 1_555 130.1 ? 
47 O   ? K HOH .   ? A HOH 370 ? 1_555 NA ? F NA . ? A NA 205 ? 1_555 O   ? K HOH .   ? A HOH 374 ? 1_555 62.0  ? 
48 O   ? K HOH .   ? A HOH 371 ? 1_555 NA ? F NA . ? A NA 205 ? 1_555 O   ? K HOH .   ? A HOH 374 ? 1_555 84.2  ? 
# 
loop_
_pdbx_modification_feature.ordinal 
_pdbx_modification_feature.label_comp_id 
_pdbx_modification_feature.label_asym_id 
_pdbx_modification_feature.label_seq_id 
_pdbx_modification_feature.label_alt_id 
_pdbx_modification_feature.modified_residue_label_comp_id 
_pdbx_modification_feature.modified_residue_label_asym_id 
_pdbx_modification_feature.modified_residue_label_seq_id 
_pdbx_modification_feature.modified_residue_label_alt_id 
_pdbx_modification_feature.auth_comp_id 
_pdbx_modification_feature.auth_asym_id 
_pdbx_modification_feature.auth_seq_id 
_pdbx_modification_feature.PDB_ins_code 
_pdbx_modification_feature.symmetry 
_pdbx_modification_feature.modified_residue_auth_comp_id 
_pdbx_modification_feature.modified_residue_auth_asym_id 
_pdbx_modification_feature.modified_residue_auth_seq_id 
_pdbx_modification_feature.modified_residue_PDB_ins_code 
_pdbx_modification_feature.modified_residue_symmetry 
_pdbx_modification_feature.comp_id_linking_atom 
_pdbx_modification_feature.modified_residue_id_linking_atom 
_pdbx_modification_feature.modified_residue_id 
_pdbx_modification_feature.ref_pcm_id 
_pdbx_modification_feature.ref_comp_id 
_pdbx_modification_feature.type 
_pdbx_modification_feature.category 
1 CSD A 99 ? . . . . CSD A 99 ? 1_555 . . . . . . . CYS 1 CSD Oxidation     'Named protein modification' 
2 CSD A 99 ? . . . . CSD A 99 ? 1_555 . . . . . . . CYS 2 CSD Hydroxylation 'Named protein modification' 
# 
loop_
_struct_sheet.id 
_struct_sheet.type 
_struct_sheet.number_strands 
_struct_sheet.details 
A ? 5 ? 
B ? 3 ? 
# 
loop_
_struct_sheet_order.sheet_id 
_struct_sheet_order.range_id_1 
_struct_sheet_order.range_id_2 
_struct_sheet_order.offset 
_struct_sheet_order.sense 
A 1 2 ? anti-parallel 
A 2 3 ? anti-parallel 
A 3 4 ? anti-parallel 
A 4 5 ? anti-parallel 
B 1 2 ? anti-parallel 
B 2 3 ? anti-parallel 
# 
loop_
_struct_sheet_range.sheet_id 
_struct_sheet_range.id 
_struct_sheet_range.beg_label_comp_id 
_struct_sheet_range.beg_label_asym_id 
_struct_sheet_range.beg_label_seq_id 
_struct_sheet_range.pdbx_beg_PDB_ins_code 
_struct_sheet_range.end_label_comp_id 
_struct_sheet_range.end_label_asym_id 
_struct_sheet_range.end_label_seq_id 
_struct_sheet_range.pdbx_end_PDB_ins_code 
_struct_sheet_range.beg_auth_comp_id 
_struct_sheet_range.beg_auth_asym_id 
_struct_sheet_range.beg_auth_seq_id 
_struct_sheet_range.end_auth_comp_id 
_struct_sheet_range.end_auth_asym_id 
_struct_sheet_range.end_auth_seq_id 
A 1 GLY A 46  ? ALA A 48  ? GLY A 46  ALA A 48  
A 2 LEU A 58  ? PHE A 63  ? LEU A 58  PHE A 63  
A 3 VAL A 75  ? PRO A 87  ? VAL A 75  PRO A 87  
A 4 TYR A 114 ? PHE A 120 ? TYR A 114 PHE A 120 
A 5 PRO A 126 ? GLU A 132 ? PRO A 126 GLU A 132 
B 1 MET A 92  ? CSD A 99  ? MET A 92  CSD A 99  
B 2 ILE A 102 ? TYR A 112 ? ILE A 102 TYR A 112 
B 3 GLY A 162 ? PHE A 163 ? GLY A 162 PHE A 163 
# 
loop_
_pdbx_struct_sheet_hbond.sheet_id 
_pdbx_struct_sheet_hbond.range_id_1 
_pdbx_struct_sheet_hbond.range_id_2 
_pdbx_struct_sheet_hbond.range_1_label_atom_id 
_pdbx_struct_sheet_hbond.range_1_label_comp_id 
_pdbx_struct_sheet_hbond.range_1_label_asym_id 
_pdbx_struct_sheet_hbond.range_1_label_seq_id 
_pdbx_struct_sheet_hbond.range_1_PDB_ins_code 
_pdbx_struct_sheet_hbond.range_1_auth_atom_id 
_pdbx_struct_sheet_hbond.range_1_auth_comp_id 
_pdbx_struct_sheet_hbond.range_1_auth_asym_id 
_pdbx_struct_sheet_hbond.range_1_auth_seq_id 
_pdbx_struct_sheet_hbond.range_2_label_atom_id 
_pdbx_struct_sheet_hbond.range_2_label_comp_id 
_pdbx_struct_sheet_hbond.range_2_label_asym_id 
_pdbx_struct_sheet_hbond.range_2_label_seq_id 
_pdbx_struct_sheet_hbond.range_2_PDB_ins_code 
_pdbx_struct_sheet_hbond.range_2_auth_atom_id 
_pdbx_struct_sheet_hbond.range_2_auth_comp_id 
_pdbx_struct_sheet_hbond.range_2_auth_asym_id 
_pdbx_struct_sheet_hbond.range_2_auth_seq_id 
A 1 2 N LEU A 47  ? N LEU A 47  O VAL A 60  ? O VAL A 60  
A 2 3 N PHE A 61  ? N PHE A 61  O THR A 78  ? O THR A 78  
A 3 4 N ALA A 81  ? N ALA A 81  O PHE A 120 ? O PHE A 120 
A 4 5 N GLY A 119 ? N GLY A 119 O ILE A 127 ? O ILE A 127 
B 1 2 N GLY A 95  ? N GLY A 95  O ILE A 109 ? O ILE A 109 
B 2 3 N ARG A 106 ? N ARG A 106 O GLY A 162 ? O GLY A 162 
# 
loop_
_struct_site.id 
_struct_site.pdbx_evidence_code 
_struct_site.pdbx_auth_asym_id 
_struct_site.pdbx_auth_comp_id 
_struct_site.pdbx_auth_seq_id 
_struct_site.pdbx_auth_ins_code 
_struct_site.pdbx_num_residues 
_struct_site.details 
AC1 Software A CD  201 ? 5  'BINDING SITE FOR RESIDUE CD A 201'  
AC2 Software A CD  202 ? 6  'BINDING SITE FOR RESIDUE CD A 202'  
AC3 Software A CD  203 ? 5  'BINDING SITE FOR RESIDUE CD A 203'  
AC4 Software A ACT 204 ? 8  'BINDING SITE FOR RESIDUE ACT A 204' 
AC5 Software A NA  205 ? 6  'BINDING SITE FOR RESIDUE NA A 205'  
AC6 Software A NA  206 ? 4  'BINDING SITE FOR RESIDUE NA A 206'  
AC7 Software A FME 207 ? 12 'BINDING SITE FOR RESIDUE FME A 207' 
AC8 Software A ALA 208 ? 5  'BINDING SITE FOR RESIDUE ALA A 208' 
AC9 Software A GOL 209 ? 2  'BINDING SITE FOR RESIDUE GOL A 209' 
# 
loop_
_struct_site_gen.id 
_struct_site_gen.site_id 
_struct_site_gen.pdbx_num_res 
_struct_site_gen.label_comp_id 
_struct_site_gen.label_asym_id 
_struct_site_gen.label_seq_id 
_struct_site_gen.pdbx_auth_ins_code 
_struct_site_gen.auth_comp_id 
_struct_site_gen.auth_asym_id 
_struct_site_gen.auth_seq_id 
_struct_site_gen.label_atom_id 
_struct_site_gen.label_alt_id 
_struct_site_gen.symmetry 
_struct_site_gen.details 
1  AC1 5  GLU A 37  ? GLU A 37  . ? 1_555 ? 
2  AC1 5  GLU A 132 ? GLU A 132 . ? 8_445 ? 
3  AC1 5  HOH K .   ? HOH A 366 . ? 1_555 ? 
4  AC1 5  HOH K .   ? HOH A 367 . ? 1_555 ? 
5  AC1 5  HOH K .   ? HOH A 372 . ? 1_555 ? 
6  AC2 6  GLN A 51  ? GLN A 51  . ? 1_555 ? 
7  AC2 6  CSD A 99  ? CSD A 99  . ? 1_555 ? 
8  AC2 6  HIS A 141 ? HIS A 141 . ? 1_555 ? 
9  AC2 6  HIS A 145 ? HIS A 145 . ? 1_555 ? 
10 AC2 6  FME H .   ? FME A 207 . ? 1_555 ? 
11 AC2 6  HOH K .   ? HOH A 362 . ? 1_555 ? 
12 AC3 5  HIS A 43  ? HIS A 43  . ? 8_545 ? 
13 AC3 5  GLU A 128 ? GLU A 128 . ? 1_555 ? 
14 AC3 5  GLU A 130 ? GLU A 130 . ? 1_555 ? 
15 AC3 5  HOH K .   ? HOH A 368 . ? 1_555 ? 
16 AC3 5  HOH K .   ? HOH A 373 . ? 1_555 ? 
17 AC4 8  LEU A 14  ? LEU A 14  . ? 1_555 ? 
18 AC4 8  ARG A 149 ? ARG A 149 . ? 1_555 ? 
19 AC4 8  LEU A 150 ? LEU A 150 . ? 1_555 ? 
20 AC4 8  SER A 153 ? SER A 153 . ? 1_555 ? 
21 AC4 8  ASP A 159 ? ASP A 159 . ? 8_555 ? 
22 AC4 8  HOH K .   ? HOH A 350 . ? 8_555 ? 
23 AC4 8  HOH K .   ? HOH A 378 . ? 1_555 ? 
24 AC4 8  HOH K .   ? HOH A 385 . ? 8_555 ? 
25 AC5 6  LEU A 14  ? LEU A 14  . ? 1_555 ? 
26 AC5 6  GLY A 148 ? GLY A 148 . ? 1_555 ? 
27 AC5 6  ASP A 159 ? ASP A 159 . ? 8_555 ? 
28 AC5 6  HOH K .   ? HOH A 370 . ? 1_555 ? 
29 AC5 6  HOH K .   ? HOH A 371 . ? 1_555 ? 
30 AC5 6  HOH K .   ? HOH A 374 . ? 1_555 ? 
31 AC6 4  LEU A 105 ? LEU A 105 . ? 1_555 ? 
32 AC6 4  ASP A 164 ? ASP A 164 . ? 1_555 ? 
33 AC6 4  HOH K .   ? HOH A 337 . ? 1_555 ? 
34 AC6 4  HOH K .   ? HOH A 359 . ? 1_555 ? 
35 AC7 12 GLY A 44  ? GLY A 44  . ? 1_555 ? 
36 AC7 12 VAL A 45  ? VAL A 45  . ? 1_555 ? 
37 AC7 12 GLY A 46  ? GLY A 46  . ? 1_555 ? 
38 AC7 12 GLN A 51  ? GLN A 51  . ? 1_555 ? 
39 AC7 12 GLY A 98  ? GLY A 98  . ? 1_555 ? 
40 AC7 12 PHE A 134 ? PHE A 134 . ? 1_555 ? 
41 AC7 12 HIS A 141 ? HIS A 141 . ? 1_555 ? 
42 AC7 12 GLU A 142 ? GLU A 142 . ? 1_555 ? 
43 AC7 12 HIS A 145 ? HIS A 145 . ? 1_555 ? 
44 AC7 12 CD  C .   ? CD  A 202 . ? 1_555 ? 
45 AC7 12 ALA I .   ? ALA A 208 . ? 1_555 ? 
46 AC7 12 HOH K .   ? HOH A 362 . ? 1_555 ? 
47 AC8 5  ARG A 68  ? ARG A 68  . ? 1_555 ? 
48 AC8 5  TYR A 69  ? TYR A 69  . ? 1_555 ? 
49 AC8 5  GLY A 98  ? GLY A 98  . ? 1_555 ? 
50 AC8 5  LEU A 100 ? LEU A 100 . ? 1_555 ? 
51 AC8 5  FME H .   ? FME A 207 . ? 1_555 ? 
52 AC9 2  ASN A 22  ? ASN A 22  . ? 1_555 ? 
53 AC9 2  HOH K .   ? HOH A 394 . ? 1_555 ? 
# 
_pdbx_entry_details.entry_id                   4NT8 
_pdbx_entry_details.compound_details           ? 
_pdbx_entry_details.source_details             ? 
_pdbx_entry_details.nonpolymer_details         ? 
_pdbx_entry_details.sequence_details           ? 
_pdbx_entry_details.has_ligand_of_interest     ? 
_pdbx_entry_details.has_protein_modification   Y 
# 
loop_
_pdbx_validate_close_contact.id 
_pdbx_validate_close_contact.PDB_model_num 
_pdbx_validate_close_contact.auth_atom_id_1 
_pdbx_validate_close_contact.auth_asym_id_1 
_pdbx_validate_close_contact.auth_comp_id_1 
_pdbx_validate_close_contact.auth_seq_id_1 
_pdbx_validate_close_contact.PDB_ins_code_1 
_pdbx_validate_close_contact.label_alt_id_1 
_pdbx_validate_close_contact.auth_atom_id_2 
_pdbx_validate_close_contact.auth_asym_id_2 
_pdbx_validate_close_contact.auth_comp_id_2 
_pdbx_validate_close_contact.auth_seq_id_2 
_pdbx_validate_close_contact.PDB_ins_code_2 
_pdbx_validate_close_contact.label_alt_id_2 
_pdbx_validate_close_contact.dist 
1 1 O   A HOH 366 ? ? O   A HOH 372 ? ? 1.86 
2 1 O   A HOH 302 ? ? O   A HOH 360 ? ? 2.03 
3 1 OE2 A GLU 130 ? ? O   A HOH 373 ? ? 2.11 
4 1 OH  A TYR 69  ? ? OXT A ALA 208 ? ? 2.17 
# 
loop_
_pdbx_validate_rmsd_angle.id 
_pdbx_validate_rmsd_angle.PDB_model_num 
_pdbx_validate_rmsd_angle.auth_atom_id_1 
_pdbx_validate_rmsd_angle.auth_asym_id_1 
_pdbx_validate_rmsd_angle.auth_comp_id_1 
_pdbx_validate_rmsd_angle.auth_seq_id_1 
_pdbx_validate_rmsd_angle.PDB_ins_code_1 
_pdbx_validate_rmsd_angle.label_alt_id_1 
_pdbx_validate_rmsd_angle.auth_atom_id_2 
_pdbx_validate_rmsd_angle.auth_asym_id_2 
_pdbx_validate_rmsd_angle.auth_comp_id_2 
_pdbx_validate_rmsd_angle.auth_seq_id_2 
_pdbx_validate_rmsd_angle.PDB_ins_code_2 
_pdbx_validate_rmsd_angle.label_alt_id_2 
_pdbx_validate_rmsd_angle.auth_atom_id_3 
_pdbx_validate_rmsd_angle.auth_asym_id_3 
_pdbx_validate_rmsd_angle.auth_comp_id_3 
_pdbx_validate_rmsd_angle.auth_seq_id_3 
_pdbx_validate_rmsd_angle.PDB_ins_code_3 
_pdbx_validate_rmsd_angle.label_alt_id_3 
_pdbx_validate_rmsd_angle.angle_value 
_pdbx_validate_rmsd_angle.angle_target_value 
_pdbx_validate_rmsd_angle.angle_deviation 
_pdbx_validate_rmsd_angle.angle_standard_deviation 
_pdbx_validate_rmsd_angle.linker_flag 
1 1 NE A ARG 116 ? ? CZ A ARG 116 ? ? NH1 A ARG 116 ? ? 124.95 120.30 4.65  0.50 N 
2 1 NE A ARG 116 ? ? CZ A ARG 116 ? ? NH2 A ARG 116 ? ? 115.81 120.30 -4.49 0.50 N 
# 
_pdbx_struct_mod_residue.id               1 
_pdbx_struct_mod_residue.label_asym_id    A 
_pdbx_struct_mod_residue.label_comp_id    CSD 
_pdbx_struct_mod_residue.label_seq_id     99 
_pdbx_struct_mod_residue.auth_asym_id     A 
_pdbx_struct_mod_residue.auth_comp_id     CSD 
_pdbx_struct_mod_residue.auth_seq_id      99 
_pdbx_struct_mod_residue.PDB_ins_code     ? 
_pdbx_struct_mod_residue.parent_comp_id   CYS 
_pdbx_struct_mod_residue.details          3-SULFINOALANINE 
# 
_pdbx_struct_special_symmetry.id              1 
_pdbx_struct_special_symmetry.PDB_model_num   1 
_pdbx_struct_special_symmetry.auth_asym_id    A 
_pdbx_struct_special_symmetry.auth_comp_id    HOH 
_pdbx_struct_special_symmetry.auth_seq_id     384 
_pdbx_struct_special_symmetry.PDB_ins_code    ? 
_pdbx_struct_special_symmetry.label_asym_id   K 
_pdbx_struct_special_symmetry.label_comp_id   HOH 
_pdbx_struct_special_symmetry.label_seq_id    . 
# 
loop_
_pdbx_unobs_or_zero_occ_residues.id 
_pdbx_unobs_or_zero_occ_residues.PDB_model_num 
_pdbx_unobs_or_zero_occ_residues.polymer_flag 
_pdbx_unobs_or_zero_occ_residues.occupancy_flag 
_pdbx_unobs_or_zero_occ_residues.auth_asym_id 
_pdbx_unobs_or_zero_occ_residues.auth_comp_id 
_pdbx_unobs_or_zero_occ_residues.auth_seq_id 
_pdbx_unobs_or_zero_occ_residues.PDB_ins_code 
_pdbx_unobs_or_zero_occ_residues.label_asym_id 
_pdbx_unobs_or_zero_occ_residues.label_comp_id 
_pdbx_unobs_or_zero_occ_residues.label_seq_id 
1 1 Y 1 A TYR 169 ? A TYR 169 
2 1 Y 1 A ASP 170 ? A ASP 170 
3 1 Y 1 A LEU 171 ? A LEU 171 
# 
loop_
_chem_comp_atom.comp_id 
_chem_comp_atom.atom_id 
_chem_comp_atom.type_symbol 
_chem_comp_atom.pdbx_aromatic_flag 
_chem_comp_atom.pdbx_stereo_config 
_chem_comp_atom.pdbx_ordinal 
ACT C    C  N N 1   
ACT O    O  N N 2   
ACT OXT  O  N N 3   
ACT CH3  C  N N 4   
ACT H1   H  N N 5   
ACT H2   H  N N 6   
ACT H3   H  N N 7   
ALA N    N  N N 8   
ALA CA   C  N S 9   
ALA C    C  N N 10  
ALA O    O  N N 11  
ALA CB   C  N N 12  
ALA OXT  O  N N 13  
ALA H    H  N N 14  
ALA H2   H  N N 15  
ALA HA   H  N N 16  
ALA HB1  H  N N 17  
ALA HB2  H  N N 18  
ALA HB3  H  N N 19  
ALA HXT  H  N N 20  
ARG N    N  N N 21  
ARG CA   C  N S 22  
ARG C    C  N N 23  
ARG O    O  N N 24  
ARG CB   C  N N 25  
ARG CG   C  N N 26  
ARG CD   C  N N 27  
ARG NE   N  N N 28  
ARG CZ   C  N N 29  
ARG NH1  N  N N 30  
ARG NH2  N  N N 31  
ARG OXT  O  N N 32  
ARG H    H  N N 33  
ARG H2   H  N N 34  
ARG HA   H  N N 35  
ARG HB2  H  N N 36  
ARG HB3  H  N N 37  
ARG HG2  H  N N 38  
ARG HG3  H  N N 39  
ARG HD2  H  N N 40  
ARG HD3  H  N N 41  
ARG HE   H  N N 42  
ARG HH11 H  N N 43  
ARG HH12 H  N N 44  
ARG HH21 H  N N 45  
ARG HH22 H  N N 46  
ARG HXT  H  N N 47  
ASN N    N  N N 48  
ASN CA   C  N S 49  
ASN C    C  N N 50  
ASN O    O  N N 51  
ASN CB   C  N N 52  
ASN CG   C  N N 53  
ASN OD1  O  N N 54  
ASN ND2  N  N N 55  
ASN OXT  O  N N 56  
ASN H    H  N N 57  
ASN H2   H  N N 58  
ASN HA   H  N N 59  
ASN HB2  H  N N 60  
ASN HB3  H  N N 61  
ASN HD21 H  N N 62  
ASN HD22 H  N N 63  
ASN HXT  H  N N 64  
ASP N    N  N N 65  
ASP CA   C  N S 66  
ASP C    C  N N 67  
ASP O    O  N N 68  
ASP CB   C  N N 69  
ASP CG   C  N N 70  
ASP OD1  O  N N 71  
ASP OD2  O  N N 72  
ASP OXT  O  N N 73  
ASP H    H  N N 74  
ASP H2   H  N N 75  
ASP HA   H  N N 76  
ASP HB2  H  N N 77  
ASP HB3  H  N N 78  
ASP HD2  H  N N 79  
ASP HXT  H  N N 80  
CD  CD   CD N N 81  
CSD N    N  N N 82  
CSD CA   C  N R 83  
CSD CB   C  N N 84  
CSD SG   S  N N 85  
CSD C    C  N N 86  
CSD O    O  N N 87  
CSD OXT  O  N N 88  
CSD OD1  O  N N 89  
CSD OD2  O  N N 90  
CSD H    H  N N 91  
CSD H2   H  N N 92  
CSD HA   H  N N 93  
CSD HB2  H  N N 94  
CSD HB3  H  N N 95  
CSD HXT  H  N N 96  
CSD HD2  H  N N 97  
FME N    N  N N 98  
FME CN   C  N N 99  
FME O1   O  N N 100 
FME CA   C  N S 101 
FME CB   C  N N 102 
FME CG   C  N N 103 
FME SD   S  N N 104 
FME CE   C  N N 105 
FME C    C  N N 106 
FME O    O  N N 107 
FME OXT  O  N N 108 
FME H    H  N N 109 
FME HCN  H  N N 110 
FME HA   H  N N 111 
FME HB2  H  N N 112 
FME HB3  H  N N 113 
FME HG2  H  N N 114 
FME HG3  H  N N 115 
FME HE1  H  N N 116 
FME HE2  H  N N 117 
FME HE3  H  N N 118 
FME HXT  H  N N 119 
GLN N    N  N N 120 
GLN CA   C  N S 121 
GLN C    C  N N 122 
GLN O    O  N N 123 
GLN CB   C  N N 124 
GLN CG   C  N N 125 
GLN CD   C  N N 126 
GLN OE1  O  N N 127 
GLN NE2  N  N N 128 
GLN OXT  O  N N 129 
GLN H    H  N N 130 
GLN H2   H  N N 131 
GLN HA   H  N N 132 
GLN HB2  H  N N 133 
GLN HB3  H  N N 134 
GLN HG2  H  N N 135 
GLN HG3  H  N N 136 
GLN HE21 H  N N 137 
GLN HE22 H  N N 138 
GLN HXT  H  N N 139 
GLU N    N  N N 140 
GLU CA   C  N S 141 
GLU C    C  N N 142 
GLU O    O  N N 143 
GLU CB   C  N N 144 
GLU CG   C  N N 145 
GLU CD   C  N N 146 
GLU OE1  O  N N 147 
GLU OE2  O  N N 148 
GLU OXT  O  N N 149 
GLU H    H  N N 150 
GLU H2   H  N N 151 
GLU HA   H  N N 152 
GLU HB2  H  N N 153 
GLU HB3  H  N N 154 
GLU HG2  H  N N 155 
GLU HG3  H  N N 156 
GLU HE2  H  N N 157 
GLU HXT  H  N N 158 
GLY N    N  N N 159 
GLY CA   C  N N 160 
GLY C    C  N N 161 
GLY O    O  N N 162 
GLY OXT  O  N N 163 
GLY H    H  N N 164 
GLY H2   H  N N 165 
GLY HA2  H  N N 166 
GLY HA3  H  N N 167 
GLY HXT  H  N N 168 
GOL C1   C  N N 169 
GOL O1   O  N N 170 
GOL C2   C  N N 171 
GOL O2   O  N N 172 
GOL C3   C  N N 173 
GOL O3   O  N N 174 
GOL H11  H  N N 175 
GOL H12  H  N N 176 
GOL HO1  H  N N 177 
GOL H2   H  N N 178 
GOL HO2  H  N N 179 
GOL H31  H  N N 180 
GOL H32  H  N N 181 
GOL HO3  H  N N 182 
HIS N    N  N N 183 
HIS CA   C  N S 184 
HIS C    C  N N 185 
HIS O    O  N N 186 
HIS CB   C  N N 187 
HIS CG   C  Y N 188 
HIS ND1  N  Y N 189 
HIS CD2  C  Y N 190 
HIS CE1  C  Y N 191 
HIS NE2  N  Y N 192 
HIS OXT  O  N N 193 
HIS H    H  N N 194 
HIS H2   H  N N 195 
HIS HA   H  N N 196 
HIS HB2  H  N N 197 
HIS HB3  H  N N 198 
HIS HD1  H  N N 199 
HIS HD2  H  N N 200 
HIS HE1  H  N N 201 
HIS HE2  H  N N 202 
HIS HXT  H  N N 203 
HOH O    O  N N 204 
HOH H1   H  N N 205 
HOH H2   H  N N 206 
ILE N    N  N N 207 
ILE CA   C  N S 208 
ILE C    C  N N 209 
ILE O    O  N N 210 
ILE CB   C  N S 211 
ILE CG1  C  N N 212 
ILE CG2  C  N N 213 
ILE CD1  C  N N 214 
ILE OXT  O  N N 215 
ILE H    H  N N 216 
ILE H2   H  N N 217 
ILE HA   H  N N 218 
ILE HB   H  N N 219 
ILE HG12 H  N N 220 
ILE HG13 H  N N 221 
ILE HG21 H  N N 222 
ILE HG22 H  N N 223 
ILE HG23 H  N N 224 
ILE HD11 H  N N 225 
ILE HD12 H  N N 226 
ILE HD13 H  N N 227 
ILE HXT  H  N N 228 
LEU N    N  N N 229 
LEU CA   C  N S 230 
LEU C    C  N N 231 
LEU O    O  N N 232 
LEU CB   C  N N 233 
LEU CG   C  N N 234 
LEU CD1  C  N N 235 
LEU CD2  C  N N 236 
LEU OXT  O  N N 237 
LEU H    H  N N 238 
LEU H2   H  N N 239 
LEU HA   H  N N 240 
LEU HB2  H  N N 241 
LEU HB3  H  N N 242 
LEU HG   H  N N 243 
LEU HD11 H  N N 244 
LEU HD12 H  N N 245 
LEU HD13 H  N N 246 
LEU HD21 H  N N 247 
LEU HD22 H  N N 248 
LEU HD23 H  N N 249 
LEU HXT  H  N N 250 
LYS N    N  N N 251 
LYS CA   C  N S 252 
LYS C    C  N N 253 
LYS O    O  N N 254 
LYS CB   C  N N 255 
LYS CG   C  N N 256 
LYS CD   C  N N 257 
LYS CE   C  N N 258 
LYS NZ   N  N N 259 
LYS OXT  O  N N 260 
LYS H    H  N N 261 
LYS H2   H  N N 262 
LYS HA   H  N N 263 
LYS HB2  H  N N 264 
LYS HB3  H  N N 265 
LYS HG2  H  N N 266 
LYS HG3  H  N N 267 
LYS HD2  H  N N 268 
LYS HD3  H  N N 269 
LYS HE2  H  N N 270 
LYS HE3  H  N N 271 
LYS HZ1  H  N N 272 
LYS HZ2  H  N N 273 
LYS HZ3  H  N N 274 
LYS HXT  H  N N 275 
MET N    N  N N 276 
MET CA   C  N S 277 
MET C    C  N N 278 
MET O    O  N N 279 
MET CB   C  N N 280 
MET CG   C  N N 281 
MET SD   S  N N 282 
MET CE   C  N N 283 
MET OXT  O  N N 284 
MET H    H  N N 285 
MET H2   H  N N 286 
MET HA   H  N N 287 
MET HB2  H  N N 288 
MET HB3  H  N N 289 
MET HG2  H  N N 290 
MET HG3  H  N N 291 
MET HE1  H  N N 292 
MET HE2  H  N N 293 
MET HE3  H  N N 294 
MET HXT  H  N N 295 
NA  NA   NA N N 296 
PHE N    N  N N 297 
PHE CA   C  N S 298 
PHE C    C  N N 299 
PHE O    O  N N 300 
PHE CB   C  N N 301 
PHE CG   C  Y N 302 
PHE CD1  C  Y N 303 
PHE CD2  C  Y N 304 
PHE CE1  C  Y N 305 
PHE CE2  C  Y N 306 
PHE CZ   C  Y N 307 
PHE OXT  O  N N 308 
PHE H    H  N N 309 
PHE H2   H  N N 310 
PHE HA   H  N N 311 
PHE HB2  H  N N 312 
PHE HB3  H  N N 313 
PHE HD1  H  N N 314 
PHE HD2  H  N N 315 
PHE HE1  H  N N 316 
PHE HE2  H  N N 317 
PHE HZ   H  N N 318 
PHE HXT  H  N N 319 
PRO N    N  N N 320 
PRO CA   C  N S 321 
PRO C    C  N N 322 
PRO O    O  N N 323 
PRO CB   C  N N 324 
PRO CG   C  N N 325 
PRO CD   C  N N 326 
PRO OXT  O  N N 327 
PRO H    H  N N 328 
PRO HA   H  N N 329 
PRO HB2  H  N N 330 
PRO HB3  H  N N 331 
PRO HG2  H  N N 332 
PRO HG3  H  N N 333 
PRO HD2  H  N N 334 
PRO HD3  H  N N 335 
PRO HXT  H  N N 336 
SER N    N  N N 337 
SER CA   C  N S 338 
SER C    C  N N 339 
SER O    O  N N 340 
SER CB   C  N N 341 
SER OG   O  N N 342 
SER OXT  O  N N 343 
SER H    H  N N 344 
SER H2   H  N N 345 
SER HA   H  N N 346 
SER HB2  H  N N 347 
SER HB3  H  N N 348 
SER HG   H  N N 349 
SER HXT  H  N N 350 
THR N    N  N N 351 
THR CA   C  N S 352 
THR C    C  N N 353 
THR O    O  N N 354 
THR CB   C  N R 355 
THR OG1  O  N N 356 
THR CG2  C  N N 357 
THR OXT  O  N N 358 
THR H    H  N N 359 
THR H2   H  N N 360 
THR HA   H  N N 361 
THR HB   H  N N 362 
THR HG1  H  N N 363 
THR HG21 H  N N 364 
THR HG22 H  N N 365 
THR HG23 H  N N 366 
THR HXT  H  N N 367 
TRP N    N  N N 368 
TRP CA   C  N S 369 
TRP C    C  N N 370 
TRP O    O  N N 371 
TRP CB   C  N N 372 
TRP CG   C  Y N 373 
TRP CD1  C  Y N 374 
TRP CD2  C  Y N 375 
TRP NE1  N  Y N 376 
TRP CE2  C  Y N 377 
TRP CE3  C  Y N 378 
TRP CZ2  C  Y N 379 
TRP CZ3  C  Y N 380 
TRP CH2  C  Y N 381 
TRP OXT  O  N N 382 
TRP H    H  N N 383 
TRP H2   H  N N 384 
TRP HA   H  N N 385 
TRP HB2  H  N N 386 
TRP HB3  H  N N 387 
TRP HD1  H  N N 388 
TRP HE1  H  N N 389 
TRP HE3  H  N N 390 
TRP HZ2  H  N N 391 
TRP HZ3  H  N N 392 
TRP HH2  H  N N 393 
TRP HXT  H  N N 394 
TYR N    N  N N 395 
TYR CA   C  N S 396 
TYR C    C  N N 397 
TYR O    O  N N 398 
TYR CB   C  N N 399 
TYR CG   C  Y N 400 
TYR CD1  C  Y N 401 
TYR CD2  C  Y N 402 
TYR CE1  C  Y N 403 
TYR CE2  C  Y N 404 
TYR CZ   C  Y N 405 
TYR OH   O  N N 406 
TYR OXT  O  N N 407 
TYR H    H  N N 408 
TYR H2   H  N N 409 
TYR HA   H  N N 410 
TYR HB2  H  N N 411 
TYR HB3  H  N N 412 
TYR HD1  H  N N 413 
TYR HD2  H  N N 414 
TYR HE1  H  N N 415 
TYR HE2  H  N N 416 
TYR HH   H  N N 417 
TYR HXT  H  N N 418 
VAL N    N  N N 419 
VAL CA   C  N S 420 
VAL C    C  N N 421 
VAL O    O  N N 422 
VAL CB   C  N N 423 
VAL CG1  C  N N 424 
VAL CG2  C  N N 425 
VAL OXT  O  N N 426 
VAL H    H  N N 427 
VAL H2   H  N N 428 
VAL HA   H  N N 429 
VAL HB   H  N N 430 
VAL HG11 H  N N 431 
VAL HG12 H  N N 432 
VAL HG13 H  N N 433 
VAL HG21 H  N N 434 
VAL HG22 H  N N 435 
VAL HG23 H  N N 436 
VAL HXT  H  N N 437 
# 
loop_
_chem_comp_bond.comp_id 
_chem_comp_bond.atom_id_1 
_chem_comp_bond.atom_id_2 
_chem_comp_bond.value_order 
_chem_comp_bond.pdbx_aromatic_flag 
_chem_comp_bond.pdbx_stereo_config 
_chem_comp_bond.pdbx_ordinal 
ACT C   O    doub N N 1   
ACT C   OXT  sing N N 2   
ACT C   CH3  sing N N 3   
ACT CH3 H1   sing N N 4   
ACT CH3 H2   sing N N 5   
ACT CH3 H3   sing N N 6   
ALA N   CA   sing N N 7   
ALA N   H    sing N N 8   
ALA N   H2   sing N N 9   
ALA CA  C    sing N N 10  
ALA CA  CB   sing N N 11  
ALA CA  HA   sing N N 12  
ALA C   O    doub N N 13  
ALA C   OXT  sing N N 14  
ALA CB  HB1  sing N N 15  
ALA CB  HB2  sing N N 16  
ALA CB  HB3  sing N N 17  
ALA OXT HXT  sing N N 18  
ARG N   CA   sing N N 19  
ARG N   H    sing N N 20  
ARG N   H2   sing N N 21  
ARG CA  C    sing N N 22  
ARG CA  CB   sing N N 23  
ARG CA  HA   sing N N 24  
ARG C   O    doub N N 25  
ARG C   OXT  sing N N 26  
ARG CB  CG   sing N N 27  
ARG CB  HB2  sing N N 28  
ARG CB  HB3  sing N N 29  
ARG CG  CD   sing N N 30  
ARG CG  HG2  sing N N 31  
ARG CG  HG3  sing N N 32  
ARG CD  NE   sing N N 33  
ARG CD  HD2  sing N N 34  
ARG CD  HD3  sing N N 35  
ARG NE  CZ   sing N N 36  
ARG NE  HE   sing N N 37  
ARG CZ  NH1  sing N N 38  
ARG CZ  NH2  doub N N 39  
ARG NH1 HH11 sing N N 40  
ARG NH1 HH12 sing N N 41  
ARG NH2 HH21 sing N N 42  
ARG NH2 HH22 sing N N 43  
ARG OXT HXT  sing N N 44  
ASN N   CA   sing N N 45  
ASN N   H    sing N N 46  
ASN N   H2   sing N N 47  
ASN CA  C    sing N N 48  
ASN CA  CB   sing N N 49  
ASN CA  HA   sing N N 50  
ASN C   O    doub N N 51  
ASN C   OXT  sing N N 52  
ASN CB  CG   sing N N 53  
ASN CB  HB2  sing N N 54  
ASN CB  HB3  sing N N 55  
ASN CG  OD1  doub N N 56  
ASN CG  ND2  sing N N 57  
ASN ND2 HD21 sing N N 58  
ASN ND2 HD22 sing N N 59  
ASN OXT HXT  sing N N 60  
ASP N   CA   sing N N 61  
ASP N   H    sing N N 62  
ASP N   H2   sing N N 63  
ASP CA  C    sing N N 64  
ASP CA  CB   sing N N 65  
ASP CA  HA   sing N N 66  
ASP C   O    doub N N 67  
ASP C   OXT  sing N N 68  
ASP CB  CG   sing N N 69  
ASP CB  HB2  sing N N 70  
ASP CB  HB3  sing N N 71  
ASP CG  OD1  doub N N 72  
ASP CG  OD2  sing N N 73  
ASP OD2 HD2  sing N N 74  
ASP OXT HXT  sing N N 75  
CSD N   CA   sing N N 76  
CSD N   H    sing N N 77  
CSD N   H2   sing N N 78  
CSD CA  CB   sing N N 79  
CSD CA  C    sing N N 80  
CSD CA  HA   sing N N 81  
CSD CB  SG   sing N N 82  
CSD CB  HB2  sing N N 83  
CSD CB  HB3  sing N N 84  
CSD SG  OD1  doub N N 85  
CSD SG  OD2  sing N N 86  
CSD C   O    doub N N 87  
CSD C   OXT  sing N N 88  
CSD OXT HXT  sing N N 89  
CSD OD2 HD2  sing N N 90  
FME N   CN   sing N N 91  
FME N   CA   sing N N 92  
FME N   H    sing N N 93  
FME CN  O1   doub N N 94  
FME CN  HCN  sing N N 95  
FME CA  CB   sing N N 96  
FME CA  C    sing N N 97  
FME CA  HA   sing N N 98  
FME CB  CG   sing N N 99  
FME CB  HB2  sing N N 100 
FME CB  HB3  sing N N 101 
FME CG  SD   sing N N 102 
FME CG  HG2  sing N N 103 
FME CG  HG3  sing N N 104 
FME SD  CE   sing N N 105 
FME CE  HE1  sing N N 106 
FME CE  HE2  sing N N 107 
FME CE  HE3  sing N N 108 
FME C   O    doub N N 109 
FME C   OXT  sing N N 110 
FME OXT HXT  sing N N 111 
GLN N   CA   sing N N 112 
GLN N   H    sing N N 113 
GLN N   H2   sing N N 114 
GLN CA  C    sing N N 115 
GLN CA  CB   sing N N 116 
GLN CA  HA   sing N N 117 
GLN C   O    doub N N 118 
GLN C   OXT  sing N N 119 
GLN CB  CG   sing N N 120 
GLN CB  HB2  sing N N 121 
GLN CB  HB3  sing N N 122 
GLN CG  CD   sing N N 123 
GLN CG  HG2  sing N N 124 
GLN CG  HG3  sing N N 125 
GLN CD  OE1  doub N N 126 
GLN CD  NE2  sing N N 127 
GLN NE2 HE21 sing N N 128 
GLN NE2 HE22 sing N N 129 
GLN OXT HXT  sing N N 130 
GLU N   CA   sing N N 131 
GLU N   H    sing N N 132 
GLU N   H2   sing N N 133 
GLU CA  C    sing N N 134 
GLU CA  CB   sing N N 135 
GLU CA  HA   sing N N 136 
GLU C   O    doub N N 137 
GLU C   OXT  sing N N 138 
GLU CB  CG   sing N N 139 
GLU CB  HB2  sing N N 140 
GLU CB  HB3  sing N N 141 
GLU CG  CD   sing N N 142 
GLU CG  HG2  sing N N 143 
GLU CG  HG3  sing N N 144 
GLU CD  OE1  doub N N 145 
GLU CD  OE2  sing N N 146 
GLU OE2 HE2  sing N N 147 
GLU OXT HXT  sing N N 148 
GLY N   CA   sing N N 149 
GLY N   H    sing N N 150 
GLY N   H2   sing N N 151 
GLY CA  C    sing N N 152 
GLY CA  HA2  sing N N 153 
GLY CA  HA3  sing N N 154 
GLY C   O    doub N N 155 
GLY C   OXT  sing N N 156 
GLY OXT HXT  sing N N 157 
GOL C1  O1   sing N N 158 
GOL C1  C2   sing N N 159 
GOL C1  H11  sing N N 160 
GOL C1  H12  sing N N 161 
GOL O1  HO1  sing N N 162 
GOL C2  O2   sing N N 163 
GOL C2  C3   sing N N 164 
GOL C2  H2   sing N N 165 
GOL O2  HO2  sing N N 166 
GOL C3  O3   sing N N 167 
GOL C3  H31  sing N N 168 
GOL C3  H32  sing N N 169 
GOL O3  HO3  sing N N 170 
HIS N   CA   sing N N 171 
HIS N   H    sing N N 172 
HIS N   H2   sing N N 173 
HIS CA  C    sing N N 174 
HIS CA  CB   sing N N 175 
HIS CA  HA   sing N N 176 
HIS C   O    doub N N 177 
HIS C   OXT  sing N N 178 
HIS CB  CG   sing N N 179 
HIS CB  HB2  sing N N 180 
HIS CB  HB3  sing N N 181 
HIS CG  ND1  sing Y N 182 
HIS CG  CD2  doub Y N 183 
HIS ND1 CE1  doub Y N 184 
HIS ND1 HD1  sing N N 185 
HIS CD2 NE2  sing Y N 186 
HIS CD2 HD2  sing N N 187 
HIS CE1 NE2  sing Y N 188 
HIS CE1 HE1  sing N N 189 
HIS NE2 HE2  sing N N 190 
HIS OXT HXT  sing N N 191 
HOH O   H1   sing N N 192 
HOH O   H2   sing N N 193 
ILE N   CA   sing N N 194 
ILE N   H    sing N N 195 
ILE N   H2   sing N N 196 
ILE CA  C    sing N N 197 
ILE CA  CB   sing N N 198 
ILE CA  HA   sing N N 199 
ILE C   O    doub N N 200 
ILE C   OXT  sing N N 201 
ILE CB  CG1  sing N N 202 
ILE CB  CG2  sing N N 203 
ILE CB  HB   sing N N 204 
ILE CG1 CD1  sing N N 205 
ILE CG1 HG12 sing N N 206 
ILE CG1 HG13 sing N N 207 
ILE CG2 HG21 sing N N 208 
ILE CG2 HG22 sing N N 209 
ILE CG2 HG23 sing N N 210 
ILE CD1 HD11 sing N N 211 
ILE CD1 HD12 sing N N 212 
ILE CD1 HD13 sing N N 213 
ILE OXT HXT  sing N N 214 
LEU N   CA   sing N N 215 
LEU N   H    sing N N 216 
LEU N   H2   sing N N 217 
LEU CA  C    sing N N 218 
LEU CA  CB   sing N N 219 
LEU CA  HA   sing N N 220 
LEU C   O    doub N N 221 
LEU C   OXT  sing N N 222 
LEU CB  CG   sing N N 223 
LEU CB  HB2  sing N N 224 
LEU CB  HB3  sing N N 225 
LEU CG  CD1  sing N N 226 
LEU CG  CD2  sing N N 227 
LEU CG  HG   sing N N 228 
LEU CD1 HD11 sing N N 229 
LEU CD1 HD12 sing N N 230 
LEU CD1 HD13 sing N N 231 
LEU CD2 HD21 sing N N 232 
LEU CD2 HD22 sing N N 233 
LEU CD2 HD23 sing N N 234 
LEU OXT HXT  sing N N 235 
LYS N   CA   sing N N 236 
LYS N   H    sing N N 237 
LYS N   H2   sing N N 238 
LYS CA  C    sing N N 239 
LYS CA  CB   sing N N 240 
LYS CA  HA   sing N N 241 
LYS C   O    doub N N 242 
LYS C   OXT  sing N N 243 
LYS CB  CG   sing N N 244 
LYS CB  HB2  sing N N 245 
LYS CB  HB3  sing N N 246 
LYS CG  CD   sing N N 247 
LYS CG  HG2  sing N N 248 
LYS CG  HG3  sing N N 249 
LYS CD  CE   sing N N 250 
LYS CD  HD2  sing N N 251 
LYS CD  HD3  sing N N 252 
LYS CE  NZ   sing N N 253 
LYS CE  HE2  sing N N 254 
LYS CE  HE3  sing N N 255 
LYS NZ  HZ1  sing N N 256 
LYS NZ  HZ2  sing N N 257 
LYS NZ  HZ3  sing N N 258 
LYS OXT HXT  sing N N 259 
MET N   CA   sing N N 260 
MET N   H    sing N N 261 
MET N   H2   sing N N 262 
MET CA  C    sing N N 263 
MET CA  CB   sing N N 264 
MET CA  HA   sing N N 265 
MET C   O    doub N N 266 
MET C   OXT  sing N N 267 
MET CB  CG   sing N N 268 
MET CB  HB2  sing N N 269 
MET CB  HB3  sing N N 270 
MET CG  SD   sing N N 271 
MET CG  HG2  sing N N 272 
MET CG  HG3  sing N N 273 
MET SD  CE   sing N N 274 
MET CE  HE1  sing N N 275 
MET CE  HE2  sing N N 276 
MET CE  HE3  sing N N 277 
MET OXT HXT  sing N N 278 
PHE N   CA   sing N N 279 
PHE N   H    sing N N 280 
PHE N   H2   sing N N 281 
PHE CA  C    sing N N 282 
PHE CA  CB   sing N N 283 
PHE CA  HA   sing N N 284 
PHE C   O    doub N N 285 
PHE C   OXT  sing N N 286 
PHE CB  CG   sing N N 287 
PHE CB  HB2  sing N N 288 
PHE CB  HB3  sing N N 289 
PHE CG  CD1  doub Y N 290 
PHE CG  CD2  sing Y N 291 
PHE CD1 CE1  sing Y N 292 
PHE CD1 HD1  sing N N 293 
PHE CD2 CE2  doub Y N 294 
PHE CD2 HD2  sing N N 295 
PHE CE1 CZ   doub Y N 296 
PHE CE1 HE1  sing N N 297 
PHE CE2 CZ   sing Y N 298 
PHE CE2 HE2  sing N N 299 
PHE CZ  HZ   sing N N 300 
PHE OXT HXT  sing N N 301 
PRO N   CA   sing N N 302 
PRO N   CD   sing N N 303 
PRO N   H    sing N N 304 
PRO CA  C    sing N N 305 
PRO CA  CB   sing N N 306 
PRO CA  HA   sing N N 307 
PRO C   O    doub N N 308 
PRO C   OXT  sing N N 309 
PRO CB  CG   sing N N 310 
PRO CB  HB2  sing N N 311 
PRO CB  HB3  sing N N 312 
PRO CG  CD   sing N N 313 
PRO CG  HG2  sing N N 314 
PRO CG  HG3  sing N N 315 
PRO CD  HD2  sing N N 316 
PRO CD  HD3  sing N N 317 
PRO OXT HXT  sing N N 318 
SER N   CA   sing N N 319 
SER N   H    sing N N 320 
SER N   H2   sing N N 321 
SER CA  C    sing N N 322 
SER CA  CB   sing N N 323 
SER CA  HA   sing N N 324 
SER C   O    doub N N 325 
SER C   OXT  sing N N 326 
SER CB  OG   sing N N 327 
SER CB  HB2  sing N N 328 
SER CB  HB3  sing N N 329 
SER OG  HG   sing N N 330 
SER OXT HXT  sing N N 331 
THR N   CA   sing N N 332 
THR N   H    sing N N 333 
THR N   H2   sing N N 334 
THR CA  C    sing N N 335 
THR CA  CB   sing N N 336 
THR CA  HA   sing N N 337 
THR C   O    doub N N 338 
THR C   OXT  sing N N 339 
THR CB  OG1  sing N N 340 
THR CB  CG2  sing N N 341 
THR CB  HB   sing N N 342 
THR OG1 HG1  sing N N 343 
THR CG2 HG21 sing N N 344 
THR CG2 HG22 sing N N 345 
THR CG2 HG23 sing N N 346 
THR OXT HXT  sing N N 347 
TRP N   CA   sing N N 348 
TRP N   H    sing N N 349 
TRP N   H2   sing N N 350 
TRP CA  C    sing N N 351 
TRP CA  CB   sing N N 352 
TRP CA  HA   sing N N 353 
TRP C   O    doub N N 354 
TRP C   OXT  sing N N 355 
TRP CB  CG   sing N N 356 
TRP CB  HB2  sing N N 357 
TRP CB  HB3  sing N N 358 
TRP CG  CD1  doub Y N 359 
TRP CG  CD2  sing Y N 360 
TRP CD1 NE1  sing Y N 361 
TRP CD1 HD1  sing N N 362 
TRP CD2 CE2  doub Y N 363 
TRP CD2 CE3  sing Y N 364 
TRP NE1 CE2  sing Y N 365 
TRP NE1 HE1  sing N N 366 
TRP CE2 CZ2  sing Y N 367 
TRP CE3 CZ3  doub Y N 368 
TRP CE3 HE3  sing N N 369 
TRP CZ2 CH2  doub Y N 370 
TRP CZ2 HZ2  sing N N 371 
TRP CZ3 CH2  sing Y N 372 
TRP CZ3 HZ3  sing N N 373 
TRP CH2 HH2  sing N N 374 
TRP OXT HXT  sing N N 375 
TYR N   CA   sing N N 376 
TYR N   H    sing N N 377 
TYR N   H2   sing N N 378 
TYR CA  C    sing N N 379 
TYR CA  CB   sing N N 380 
TYR CA  HA   sing N N 381 
TYR C   O    doub N N 382 
TYR C   OXT  sing N N 383 
TYR CB  CG   sing N N 384 
TYR CB  HB2  sing N N 385 
TYR CB  HB3  sing N N 386 
TYR CG  CD1  doub Y N 387 
TYR CG  CD2  sing Y N 388 
TYR CD1 CE1  sing Y N 389 
TYR CD1 HD1  sing N N 390 
TYR CD2 CE2  doub Y N 391 
TYR CD2 HD2  sing N N 392 
TYR CE1 CZ   doub Y N 393 
TYR CE1 HE1  sing N N 394 
TYR CE2 CZ   sing Y N 395 
TYR CE2 HE2  sing N N 396 
TYR CZ  OH   sing N N 397 
TYR OH  HH   sing N N 398 
TYR OXT HXT  sing N N 399 
VAL N   CA   sing N N 400 
VAL N   H    sing N N 401 
VAL N   H2   sing N N 402 
VAL CA  C    sing N N 403 
VAL CA  CB   sing N N 404 
VAL CA  HA   sing N N 405 
VAL C   O    doub N N 406 
VAL C   OXT  sing N N 407 
VAL CB  CG1  sing N N 408 
VAL CB  CG2  sing N N 409 
VAL CB  HB   sing N N 410 
VAL CG1 HG11 sing N N 411 
VAL CG1 HG12 sing N N 412 
VAL CG1 HG13 sing N N 413 
VAL CG2 HG21 sing N N 414 
VAL CG2 HG22 sing N N 415 
VAL CG2 HG23 sing N N 416 
VAL OXT HXT  sing N N 417 
# 
_pdbx_initial_refinement_model.id               1 
_pdbx_initial_refinement_model.entity_id_list   ? 
_pdbx_initial_refinement_model.type             'experimental model' 
_pdbx_initial_refinement_model.source_name      PDB 
_pdbx_initial_refinement_model.accession_code   4FR8 
_pdbx_initial_refinement_model.details          ? 
# 
_atom_sites.entry_id                    4NT8 
_atom_sites.fract_transf_matrix[1][1]   -0.00515622 
_atom_sites.fract_transf_matrix[1][2]   0.00508076 
_atom_sites.fract_transf_matrix[1][3]   0.01833317 
_atom_sites.fract_transf_matrix[2][1]   -0.00567419 
_atom_sites.fract_transf_matrix[2][2]   -0.01384029 
_atom_sites.fract_transf_matrix[2][3]   0.01283487 
_atom_sites.fract_transf_matrix[3][1]   0.00356156 
_atom_sites.fract_transf_matrix[3][2]   -0.00042262 
_atom_sites.fract_transf_matrix[3][3]   0.00111881 
_atom_sites.fract_transf_vector[1]      -0.043828 
_atom_sites.fract_transf_vector[2]      -0.342520 
_atom_sites.fract_transf_vector[3]      0.014577 
# 
loop_
_atom_type.symbol 
C  
CD 
N  
NA 
O  
S  
# 
loop_
_atom_site.group_PDB 
_atom_site.id 
_atom_site.type_symbol 
_atom_site.label_atom_id 
_atom_site.label_alt_id 
_atom_site.label_comp_id 
_atom_site.label_asym_id 
_atom_site.label_entity_id 
_atom_site.label_seq_id 
_atom_site.pdbx_PDB_ins_code 
_atom_site.Cartn_x 
_atom_site.Cartn_y 
_atom_site.Cartn_z 
_atom_site.occupancy 
_atom_site.B_iso_or_equiv 
_atom_site.pdbx_formal_charge 
_atom_site.auth_seq_id 
_atom_site.auth_comp_id 
_atom_site.auth_asym_id 
_atom_site.auth_atom_id 
_atom_site.pdbx_PDB_model_num 
ATOM   1    N  N   . MET A 1 1   ? 11.675  -9.863  -11.578 1.00 39.56 ? 1   MET A N   1 
ATOM   2    C  CA  . MET A 1 1   ? 11.593  -11.144 -10.835 1.00 38.02 ? 1   MET A CA  1 
ATOM   3    C  C   . MET A 1 1   ? 10.427  -10.977 -9.870  1.00 34.34 ? 1   MET A C   1 
ATOM   4    O  O   . MET A 1 1   ? 10.377  -10.020 -9.101  1.00 35.08 ? 1   MET A O   1 
ATOM   5    C  CB  . MET A 1 1   ? 12.904  -11.407 -10.133 1.00 39.75 ? 1   MET A CB  1 
ATOM   6    C  CG  . MET A 1 1   ? 13.072  -12.793 -9.552  1.00 51.17 ? 1   MET A CG  1 
ATOM   7    S  SD  . MET A 1 1   ? 14.187  -12.752 -8.088  1.00 69.85 ? 1   MET A SD  1 
ATOM   8    C  CE  . MET A 1 1   ? 15.594  -11.791 -8.691  1.00 67.71 ? 1   MET A CE  1 
ATOM   9    N  N   . ILE A 1 2   ? 9.440   -11.847 -9.999  1.00 30.17 ? 2   ILE A N   1 
ATOM   10   C  CA  . ILE A 1 2   ? 8.325   -11.911 -9.081  1.00 29.28 ? 2   ILE A CA  1 
ATOM   11   C  C   . ILE A 1 2   ? 8.845   -12.393 -7.727  1.00 29.33 ? 2   ILE A C   1 
ATOM   12   O  O   . ILE A 1 2   ? 9.566   -13.364 -7.660  1.00 29.91 ? 2   ILE A O   1 
ATOM   13   C  CB  . ILE A 1 2   ? 7.227   -12.828 -9.668  1.00 30.34 ? 2   ILE A CB  1 
ATOM   14   C  CG1 . ILE A 1 2   ? 6.535   -12.093 -10.832 1.00 30.13 ? 2   ILE A CG1 1 
ATOM   15   C  CG2 . ILE A 1 2   ? 6.215   -13.250 -8.616  1.00 29.99 ? 2   ILE A CG2 1 
ATOM   16   C  CD1 . ILE A 1 2   ? 5.639   -12.984 -11.669 1.00 30.30 ? 2   ILE A CD1 1 
ATOM   17   N  N   . ARG A 1 3   ? 8.564   -11.662 -6.652  1.00 31.27 ? 3   ARG A N   1 
ATOM   18   C  CA  . ARG A 1 3   ? 8.960   -12.117 -5.302  1.00 31.07 ? 3   ARG A CA  1 
ATOM   19   C  C   . ARG A 1 3   ? 7.808   -12.764 -4.571  1.00 27.89 ? 3   ARG A C   1 
ATOM   20   O  O   . ARG A 1 3   ? 6.660   -12.419 -4.792  1.00 27.05 ? 3   ARG A O   1 
ATOM   21   C  CB  . ARG A 1 3   ? 9.380   -10.951 -4.449  1.00 33.55 ? 3   ARG A CB  1 
ATOM   22   C  CG  . ARG A 1 3   ? 10.399  -10.084 -5.091  1.00 36.92 ? 3   ARG A CG  1 
ATOM   23   C  CD  . ARG A 1 3   ? 11.684  -10.841 -5.291  1.00 38.24 ? 3   ARG A CD  1 
ATOM   24   N  NE  . ARG A 1 3   ? 12.650  -9.866  -5.762  1.00 41.57 ? 3   ARG A NE  1 
ATOM   25   C  CZ  . ARG A 1 3   ? 13.370  -9.060  -4.984  1.00 37.18 ? 3   ARG A CZ  1 
ATOM   26   N  NH1 . ARG A 1 3   ? 13.316  -9.126  -3.666  1.00 35.37 ? 3   ARG A NH1 1 
ATOM   27   N  NH2 . ARG A 1 3   ? 14.187  -8.206  -5.558  1.00 39.17 ? 3   ARG A NH2 1 
ATOM   28   N  N   . ASP A 1 4   ? 8.151   -13.630 -3.633  1.00 28.86 ? 4   ASP A N   1 
ATOM   29   C  CA  . ASP A 1 4   ? 7.188   -14.184 -2.684  1.00 28.76 ? 4   ASP A CA  1 
ATOM   30   C  C   . ASP A 1 4   ? 6.636   -13.092 -1.767  1.00 26.95 ? 4   ASP A C   1 
ATOM   31   O  O   . ASP A 1 4   ? 7.380   -12.299 -1.160  1.00 25.57 ? 4   ASP A O   1 
ATOM   32   C  CB  . ASP A 1 4   ? 7.843   -15.254 -1.803  1.00 30.86 ? 4   ASP A CB  1 
ATOM   33   C  CG  . ASP A 1 4   ? 8.122   -16.574 -2.534  1.00 36.47 ? 4   ASP A CG  1 
ATOM   34   O  OD1 . ASP A 1 4   ? 7.338   -17.017 -3.415  1.00 39.04 ? 4   ASP A OD1 1 
ATOM   35   O  OD2 . ASP A 1 4   ? 9.126   -17.215 -2.164  1.00 40.52 ? 4   ASP A OD2 1 
ATOM   36   N  N   . ILE A 1 5   ? 5.324   -13.055 -1.673  1.00 26.49 ? 5   ILE A N   1 
ATOM   37   C  CA  . ILE A 1 5   ? 4.627   -12.182 -0.741  1.00 26.83 ? 5   ILE A CA  1 
ATOM   38   C  C   . ILE A 1 5   ? 4.459   -12.938 0.563   1.00 26.86 ? 5   ILE A C   1 
ATOM   39   O  O   . ILE A 1 5   ? 3.837   -13.985 0.584   1.00 27.54 ? 5   ILE A O   1 
ATOM   40   C  CB  . ILE A 1 5   ? 3.276   -11.774 -1.310  1.00 25.98 ? 5   ILE A CB  1 
ATOM   41   C  CG1 . ILE A 1 5   ? 3.506   -10.922 -2.569  1.00 26.25 ? 5   ILE A CG1 1 
ATOM   42   C  CG2 . ILE A 1 5   ? 2.450   -11.027 -0.261  1.00 29.20 ? 5   ILE A CG2 1 
ATOM   43   C  CD1 . ILE A 1 5   ? 2.254   -10.419 -3.279  1.00 24.49 ? 5   ILE A CD1 1 
ATOM   44   N  N   . ILE A 1 6   ? 5.051   -12.433 1.639   1.00 25.77 ? 6   ILE A N   1 
ATOM   45   C  CA  . ILE A 1 6   ? 4.840   -13.014 2.967   1.00 25.88 ? 6   ILE A CA  1 
ATOM   46   C  C   . ILE A 1 6   ? 3.448   -12.695 3.575   1.00 26.05 ? 6   ILE A C   1 
ATOM   47   O  O   . ILE A 1 6   ? 2.905   -11.617 3.412   1.00 27.25 ? 6   ILE A O   1 
ATOM   48   C  CB  . ILE A 1 6   ? 5.969   -12.637 3.951   1.00 24.31 ? 6   ILE A CB  1 
ATOM   49   C  CG1 . ILE A 1 6   ? 6.008   -11.125 4.195   1.00 25.09 ? 6   ILE A CG1 1 
ATOM   50   C  CG2 . ILE A 1 6   ? 7.277   -13.179 3.425   1.00 24.43 ? 6   ILE A CG2 1 
ATOM   51   C  CD1 . ILE A 1 6   ? 7.035   -10.672 5.224   1.00 26.16 ? 6   ILE A CD1 1 
ATOM   52   N  N   . ARG A 1 7   ? 2.912   -13.660 4.306   1.00 25.17 ? 7   ARG A N   1 
ATOM   53   C  CA  . ARG A 1 7   ? 1.581   -13.583 4.845   1.00 26.77 ? 7   ARG A CA  1 
ATOM   54   C  C   . ARG A 1 7   ? 1.527   -13.237 6.343   1.00 25.34 ? 7   ARG A C   1 
ATOM   55   O  O   . ARG A 1 7   ? 2.438   -13.544 7.141   1.00 22.94 ? 7   ARG A O   1 
ATOM   56   C  CB  . ARG A 1 7   ? 0.872   -14.902 4.596   1.00 30.82 ? 7   ARG A CB  1 
ATOM   57   C  CG  . ARG A 1 7   ? 0.517   -15.114 3.123   1.00 34.05 ? 7   ARG A CG  1 
ATOM   58   C  CD  . ARG A 1 7   ? -0.089  -16.509 2.943   1.00 40.41 ? 7   ARG A CD  1 
ATOM   59   N  NE  . ARG A 1 7   ? 0.790   -17.527 3.555   1.00 43.50 ? 7   ARG A NE  1 
ATOM   60   C  CZ  . ARG A 1 7   ? 0.391   -18.612 4.220   1.00 46.49 ? 7   ARG A CZ  1 
ATOM   61   N  NH1 . ARG A 1 7   ? -0.902  -18.929 4.378   1.00 48.18 ? 7   ARG A NH1 1 
ATOM   62   N  NH2 . ARG A 1 7   ? 1.306   -19.411 4.716   1.00 49.51 ? 7   ARG A NH2 1 
ATOM   63   N  N   . MET A 1 8   ? 0.421   -12.594 6.701   1.00 25.64 ? 8   MET A N   1 
ATOM   64   C  CA  . MET A 1 8   ? 0.153   -12.166 8.070   1.00 25.95 ? 8   MET A CA  1 
ATOM   65   C  C   . MET A 1 8   ? 0.487   -13.305 9.025   1.00 27.12 ? 8   MET A C   1 
ATOM   66   O  O   . MET A 1 8   ? 0.236   -14.491 8.738   1.00 22.64 ? 8   MET A O   1 
ATOM   67   C  CB  . MET A 1 8   ? -1.282  -11.742 8.231   1.00 25.81 ? 8   MET A CB  1 
ATOM   68   C  CG  . MET A 1 8   ? -1.560  -11.215 9.638   1.00 27.91 ? 8   MET A CG  1 
ATOM   69   S  SD  . MET A 1 8   ? -3.162  -10.384 9.787   1.00 26.37 ? 8   MET A SD  1 
ATOM   70   C  CE  . MET A 1 8   ? -4.219  -11.827 9.651   1.00 27.53 ? 8   MET A CE  1 
ATOM   71   N  N   . GLY A 1 9   ? 1.116   -12.930 10.126  1.00 26.26 ? 9   GLY A N   1 
ATOM   72   C  CA  . GLY A 1 9   ? 1.751   -13.890 10.993  1.00 27.69 ? 9   GLY A CA  1 
ATOM   73   C  C   . GLY A 1 9   ? 3.249   -13.803 10.969  1.00 28.01 ? 9   GLY A C   1 
ATOM   74   O  O   . GLY A 1 9   ? 3.887   -14.145 11.939  1.00 30.71 ? 9   GLY A O   1 
ATOM   75   N  N   . ASP A 1 10  ? 3.819   -13.417 9.833   1.00 29.17 ? 10  ASP A N   1 
ATOM   76   C  CA  . ASP A 1 10  ? 5.269   -13.277 9.722   1.00 28.50 ? 10  ASP A CA  1 
ATOM   77   C  C   . ASP A 1 10  ? 5.705   -12.023 10.480  1.00 28.31 ? 10  ASP A C   1 
ATOM   78   O  O   . ASP A 1 10  ? 5.138   -10.940 10.278  1.00 25.17 ? 10  ASP A O   1 
ATOM   79   C  CB  . ASP A 1 10  ? 5.639   -13.103 8.272   1.00 29.07 ? 10  ASP A CB  1 
ATOM   80   C  CG  . ASP A 1 10  ? 7.075   -13.318 8.022   1.00 27.01 ? 10  ASP A CG  1 
ATOM   81   O  OD1 . ASP A 1 10  ? 7.936   -12.670 8.653   1.00 26.01 ? 10  ASP A OD1 1 
ATOM   82   O  OD2 . ASP A 1 10  ? 7.322   -14.132 7.152   1.00 25.66 ? 10  ASP A OD2 1 
ATOM   83   N  N   . LYS A 1 11  ? 6.696   -12.184 11.346  1.00 28.55 ? 11  LYS A N   1 
ATOM   84   C  CA  . LYS A 1 11  ? 7.214   -11.069 12.160  1.00 31.77 ? 11  LYS A CA  1 
ATOM   85   C  C   . LYS A 1 11  ? 7.700   -9.926  11.306  1.00 31.07 ? 11  LYS A C   1 
ATOM   86   O  O   . LYS A 1 11  ? 7.644   -8.766  11.699  1.00 31.27 ? 11  LYS A O   1 
ATOM   87   C  CB  . LYS A 1 11  ? 8.377   -11.527 13.044  1.00 33.34 ? 11  LYS A CB  1 
ATOM   88   C  CG  . LYS A 1 11  ? 7.920   -12.010 14.387  1.00 40.29 ? 11  LYS A CG  1 
ATOM   89   C  CD  . LYS A 1 11  ? 9.046   -12.709 15.132  1.00 46.70 ? 11  LYS A CD  1 
ATOM   90   C  CE  . LYS A 1 11  ? 8.515   -13.834 16.027  1.00 53.70 ? 11  LYS A CE  1 
ATOM   91   N  NZ  . LYS A 1 11  ? 8.302   -13.390 17.429  1.00 56.35 ? 11  LYS A NZ  1 
ATOM   92   N  N   . ARG A 1 12  ? 8.189   -10.248 10.122  1.00 31.72 ? 12  ARG A N   1 
ATOM   93   C  CA  . ARG A 1 12  ? 8.748   -9.210  9.286   1.00 30.99 ? 12  ARG A CA  1 
ATOM   94   C  C   . ARG A 1 12  ? 7.737   -8.141  8.854   1.00 30.70 ? 12  ARG A C   1 
ATOM   95   O  O   . ARG A 1 12  ? 8.157   -7.038  8.495   1.00 34.18 ? 12  ARG A O   1 
ATOM   96   C  CB  . ARG A 1 12  ? 9.493   -9.816  8.115   1.00 28.30 ? 12  ARG A CB  1 
ATOM   97   C  CG  . ARG A 1 12  ? 10.707  -10.589 8.611   1.00 28.40 ? 12  ARG A CG  1 
ATOM   98   C  CD  . ARG A 1 12  ? 11.336  -11.404 7.510   1.00 29.11 ? 12  ARG A CD  1 
ATOM   99   N  NE  . ARG A 1 12  ? 10.483  -12.516 7.109   1.00 28.31 ? 12  ARG A NE  1 
ATOM   100  C  CZ  . ARG A 1 12  ? 10.815  -13.422 6.202   1.00 28.08 ? 12  ARG A CZ  1 
ATOM   101  N  NH1 . ARG A 1 12  ? 11.968  -13.348 5.572   1.00 29.13 ? 12  ARG A NH1 1 
ATOM   102  N  NH2 . ARG A 1 12  ? 9.966   -14.389 5.893   1.00 29.21 ? 12  ARG A NH2 1 
ATOM   103  N  N   . LEU A 1 13  ? 6.440   -8.438  8.910   1.00 26.10 ? 13  LEU A N   1 
ATOM   104  C  CA  . LEU A 1 13  ? 5.412   -7.429  8.599   1.00 26.31 ? 13  LEU A CA  1 
ATOM   105  C  C   . LEU A 1 13  ? 5.105   -6.467  9.732   1.00 25.50 ? 13  LEU A C   1 
ATOM   106  O  O   . LEU A 1 13  ? 4.358   -5.502  9.555   1.00 23.74 ? 13  LEU A O   1 
ATOM   107  C  CB  . LEU A 1 13  ? 4.127   -8.128  8.229   1.00 28.19 ? 13  LEU A CB  1 
ATOM   108  C  CG  . LEU A 1 13  ? 4.237   -8.920  6.927   1.00 30.25 ? 13  LEU A CG  1 
ATOM   109  C  CD1 . LEU A 1 13  ? 3.078   -9.895  6.825   1.00 32.72 ? 13  LEU A CD1 1 
ATOM   110  C  CD2 . LEU A 1 13  ? 4.236   -7.991  5.715   1.00 30.18 ? 13  LEU A CD2 1 
ATOM   111  N  N   . LEU A 1 14  ? 5.637   -6.787  10.914  1.00 26.60 ? 14  LEU A N   1 
ATOM   112  C  CA  . LEU A 1 14  ? 5.420   -6.046  12.136  1.00 27.04 ? 14  LEU A CA  1 
ATOM   113  C  C   . LEU A 1 14  ? 6.544   -5.044  12.473  1.00 27.89 ? 14  LEU A C   1 
ATOM   114  O  O   . LEU A 1 14  ? 6.408   -4.260  13.416  1.00 27.95 ? 14  LEU A O   1 
ATOM   115  C  CB  . LEU A 1 14  ? 5.247   -7.051  13.292  1.00 28.47 ? 14  LEU A CB  1 
ATOM   116  C  CG  . LEU A 1 14  ? 4.159   -8.127  13.070  1.00 29.35 ? 14  LEU A CG  1 
ATOM   117  C  CD1 . LEU A 1 14  ? 4.016   -9.042  14.270  1.00 27.58 ? 14  LEU A CD1 1 
ATOM   118  C  CD2 . LEU A 1 14  ? 2.803   -7.507  12.712  1.00 27.87 ? 14  LEU A CD2 1 
ATOM   119  N  N   . ARG A 1 15  ? 7.619   -5.057  11.694  1.00 26.32 ? 15  ARG A N   1 
ATOM   120  C  CA  . ARG A 1 15  ? 8.756   -4.127  11.855  1.00 27.82 ? 15  ARG A CA  1 
ATOM   121  C  C   . ARG A 1 15  ? 8.502   -2.711  11.430  1.00 25.25 ? 15  ARG A C   1 
ATOM   122  O  O   . ARG A 1 15  ? 7.723   -2.462  10.522  1.00 25.49 ? 15  ARG A O   1 
ATOM   123  C  CB  . ARG A 1 15  ? 9.889   -4.537  10.914  1.00 28.62 ? 15  ARG A CB  1 
ATOM   124  C  CG  . ARG A 1 15  ? 10.521  -5.828  11.254  1.00 30.36 ? 15  ARG A CG  1 
ATOM   125  C  CD  . ARG A 1 15  ? 11.796  -6.027  10.474  1.00 32.15 ? 15  ARG A CD  1 
ATOM   126  N  NE  . ARG A 1 15  ? 11.561  -6.525  9.110   1.00 33.04 ? 15  ARG A NE  1 
ATOM   127  C  CZ  . ARG A 1 15  ? 12.394  -7.355  8.503   1.00 34.11 ? 15  ARG A CZ  1 
ATOM   128  N  NH1 . ARG A 1 15  ? 13.446  -7.776  9.178   1.00 33.01 ? 15  ARG A NH1 1 
ATOM   129  N  NH2 . ARG A 1 15  ? 12.196  -7.779  7.251   1.00 35.67 ? 15  ARG A NH2 1 
ATOM   130  N  N   . VAL A 1 16  ? 9.272   -1.797  12.009  1.00 26.87 ? 16  VAL A N   1 
ATOM   131  C  CA  . VAL A 1 16  ? 9.339   -0.433  11.527  1.00 26.97 ? 16  VAL A CA  1 
ATOM   132  C  C   . VAL A 1 16  ? 10.541  -0.345  10.577  1.00 25.98 ? 16  VAL A C   1 
ATOM   133  O  O   . VAL A 1 16  ? 11.671  -0.457  11.004  1.00 26.31 ? 16  VAL A O   1 
ATOM   134  C  CB  . VAL A 1 16  ? 9.469   0.571   12.665  1.00 28.12 ? 16  VAL A CB  1 
ATOM   135  C  CG1 . VAL A 1 16  ? 9.399   1.979   12.127  1.00 26.75 ? 16  VAL A CG1 1 
ATOM   136  C  CG2 . VAL A 1 16  ? 8.334   0.386   13.655  1.00 29.04 ? 16  VAL A CG2 1 
ATOM   137  N  N   . ALA A 1 17  ? 10.271  -0.183  9.280   1.00 24.57 ? 17  ALA A N   1 
ATOM   138  C  CA  . ALA A 1 17  ? 11.312  -0.178  8.244   1.00 24.69 ? 17  ALA A CA  1 
ATOM   139  C  C   . ALA A 1 17  ? 12.174  1.096   8.248   1.00 24.39 ? 17  ALA A C   1 
ATOM   140  O  O   . ALA A 1 17  ? 11.653  2.219   8.409   1.00 22.54 ? 17  ALA A O   1 
ATOM   141  C  CB  . ALA A 1 17  ? 10.688  -0.359  6.868   1.00 24.18 ? 17  ALA A CB  1 
ATOM   142  N  N   . PRO A 1 18  ? 13.501  0.926   8.038   1.00 24.77 ? 18  PRO A N   1 
ATOM   143  C  CA  . PRO A 1 18  ? 14.407  2.056   7.894   1.00 25.83 ? 18  PRO A CA  1 
ATOM   144  C  C   . PRO A 1 18  ? 14.255  2.732   6.531   1.00 27.83 ? 18  PRO A C   1 
ATOM   145  O  O   . PRO A 1 18  ? 13.605  2.181   5.619   1.00 25.63 ? 18  PRO A O   1 
ATOM   146  C  CB  . PRO A 1 18  ? 15.784  1.411   7.999   1.00 25.20 ? 18  PRO A CB  1 
ATOM   147  C  CG  . PRO A 1 18  ? 15.586  0.086   7.378   1.00 26.65 ? 18  PRO A CG  1 
ATOM   148  C  CD  . PRO A 1 18  ? 14.199  -0.348  7.807   1.00 25.84 ? 18  PRO A CD  1 
ATOM   149  N  N   . GLN A 1 19  ? 14.862  3.915   6.410   1.00 28.16 ? 19  GLN A N   1 
ATOM   150  C  CA  . GLN A 1 19  ? 14.828  4.674   5.185   1.00 29.92 ? 19  GLN A CA  1 
ATOM   151  C  C   . GLN A 1 19  ? 15.620  4.052   4.065   1.00 25.41 ? 19  GLN A C   1 
ATOM   152  O  O   . GLN A 1 19  ? 16.613  3.364   4.286   1.00 24.60 ? 19  GLN A O   1 
ATOM   153  C  CB  . GLN A 1 19  ? 15.439  6.013   5.398   1.00 33.10 ? 19  GLN A CB  1 
ATOM   154  C  CG  . GLN A 1 19  ? 14.635  6.924   6.248   1.00 40.67 ? 19  GLN A CG  1 
ATOM   155  C  CD  . GLN A 1 19  ? 15.228  8.325   6.137   1.00 48.45 ? 19  GLN A CD  1 
ATOM   156  O  OE1 . GLN A 1 19  ? 16.448  8.517   6.324   1.00 47.15 ? 19  GLN A OE1 1 
ATOM   157  N  NE2 . GLN A 1 19  ? 14.391  9.291   5.757   1.00 49.39 ? 19  GLN A NE2 1 
ATOM   158  N  N   . VAL A 1 20  ? 15.166  4.340   2.862   1.00 22.62 ? 20  VAL A N   1 
ATOM   159  C  CA  . VAL A 1 20  ? 15.940  4.090   1.661   1.00 23.29 ? 20  VAL A CA  1 
ATOM   160  C  C   . VAL A 1 20  ? 17.113  5.129   1.559   1.00 22.75 ? 20  VAL A C   1 
ATOM   161  O  O   . VAL A 1 20  ? 16.933  6.345   1.750   1.00 20.38 ? 20  VAL A O   1 
ATOM   162  C  CB  . VAL A 1 20  ? 15.023  4.182   0.400   1.00 25.47 ? 20  VAL A CB  1 
ATOM   163  C  CG1 . VAL A 1 20  ? 15.851  4.113   -0.895  1.00 25.39 ? 20  VAL A CG1 1 
ATOM   164  C  CG2 . VAL A 1 20  ? 13.930  3.092   0.411   1.00 25.10 ? 20  VAL A CG2 1 
ATOM   165  N  N   . THR A 1 21  ? 18.319  4.650   1.279   1.00 22.42 ? 21  THR A N   1 
ATOM   166  C  CA  . THR A 1 21  ? 19.457  5.526   1.144   1.00 22.46 ? 21  THR A CA  1 
ATOM   167  C  C   . THR A 1 21  ? 20.213  5.307   -0.175  1.00 23.82 ? 21  THR A C   1 
ATOM   168  O  O   . THR A 1 21  ? 21.332  5.834   -0.340  1.00 24.89 ? 21  THR A O   1 
ATOM   169  C  CB  . THR A 1 21  ? 20.430  5.351   2.317   1.00 21.78 ? 21  THR A CB  1 
ATOM   170  O  OG1 . THR A 1 21  ? 20.840  4.000   2.347   1.00 24.85 ? 21  THR A OG1 1 
ATOM   171  C  CG2 . THR A 1 21  ? 19.793  5.720   3.648   1.00 21.54 ? 21  THR A CG2 1 
ATOM   172  N  N   . ASN A 1 22  ? 19.602  4.599   -1.129  1.00 22.05 ? 22  ASN A N   1 
ATOM   173  C  CA  . ASN A 1 22  ? 20.260  4.336   -2.400  1.00 22.11 ? 22  ASN A CA  1 
ATOM   174  C  C   . ASN A 1 22  ? 19.429  4.757   -3.579  1.00 23.50 ? 22  ASN A C   1 
ATOM   175  O  O   . ASN A 1 22  ? 19.394  4.069   -4.596  1.00 22.62 ? 22  ASN A O   1 
ATOM   176  C  CB  . ASN A 1 22  ? 20.698  2.873   -2.530  1.00 22.85 ? 22  ASN A CB  1 
ATOM   177  C  CG  . ASN A 1 22  ? 19.543  1.891   -2.460  1.00 24.64 ? 22  ASN A CG  1 
ATOM   178  O  OD1 . ASN A 1 22  ? 18.424  2.230   -2.089  1.00 25.37 ? 22  ASN A OD1 1 
ATOM   179  N  ND2 . ASN A 1 22  ? 19.810  0.663   -2.871  1.00 27.06 ? 22  ASN A ND2 1 
ATOM   180  N  N   . LEU A 1 23  ? 18.805  5.927   -3.445  1.00 21.82 ? 23  LEU A N   1 
ATOM   181  C  CA  . LEU A 1 23  ? 18.118  6.541   -4.523  1.00 20.47 ? 23  LEU A CA  1 
ATOM   182  C  C   . LEU A 1 23  ? 19.036  6.695   -5.727  1.00 22.16 ? 23  LEU A C   1 
ATOM   183  O  O   . LEU A 1 23  ? 20.218  7.014   -5.614  1.00 21.99 ? 23  LEU A O   1 
ATOM   184  C  CB  . LEU A 1 23  ? 17.592  7.921   -4.103  1.00 21.18 ? 23  LEU A CB  1 
ATOM   185  C  CG  . LEU A 1 23  ? 16.611  7.929   -2.920  1.00 21.61 ? 23  LEU A CG  1 
ATOM   186  C  CD1 . LEU A 1 23  ? 16.300  9.345   -2.496  1.00 21.13 ? 23  LEU A CD1 1 
ATOM   187  C  CD2 . LEU A 1 23  ? 15.334  7.190   -3.279  1.00 22.32 ? 23  LEU A CD2 1 
ATOM   188  N  N   . GLY A 1 24  ? 18.462  6.460   -6.901  1.00 24.70 ? 24  GLY A N   1 
ATOM   189  C  CA  . GLY A 1 24  ? 19.160  6.584   -8.173  1.00 23.50 ? 24  GLY A CA  1 
ATOM   190  C  C   . GLY A 1 24  ? 20.079  5.427   -8.454  1.00 23.11 ? 24  GLY A C   1 
ATOM   191  O  O   . GLY A 1 24  ? 20.816  5.471   -9.421  1.00 24.29 ? 24  GLY A O   1 
ATOM   192  N  N   . SER A 1 25  ? 20.055  4.389   -7.630  1.00 22.94 ? 25  SER A N   1 
ATOM   193  C  CA  . SER A 1 25  ? 20.956  3.274   -7.836  1.00 23.34 ? 25  SER A CA  1 
ATOM   194  C  C   . SER A 1 25  ? 20.317  2.183   -8.687  1.00 24.06 ? 25  SER A C   1 
ATOM   195  O  O   . SER A 1 25  ? 19.091  2.079   -8.716  1.00 22.10 ? 25  SER A O   1 
ATOM   196  C  CB  . SER A 1 25  ? 21.404  2.687   -6.497  1.00 22.82 ? 25  SER A CB  1 
ATOM   197  O  OG  . SER A 1 25  ? 20.424  1.873   -5.872  1.00 21.83 ? 25  SER A OG  1 
ATOM   198  N  N   . ALA A 1 26  ? 21.161  1.355   -9.318  1.00 23.21 ? 26  ALA A N   1 
ATOM   199  C  CA  . ALA A 1 26  ? 20.715  0.223   -10.131 1.00 24.67 ? 26  ALA A CA  1 
ATOM   200  C  C   . ALA A 1 26  ? 20.018  -0.825  -9.276  1.00 24.96 ? 26  ALA A C   1 
ATOM   201  O  O   . ALA A 1 26  ? 19.045  -1.430  -9.711  1.00 24.64 ? 26  ALA A O   1 
ATOM   202  C  CB  . ALA A 1 26  ? 21.881  -0.412  -10.914 1.00 23.65 ? 26  ALA A CB  1 
ATOM   203  N  N   . GLU A 1 27  ? 20.524  -1.025  -8.066  1.00 26.27 ? 27  GLU A N   1 
ATOM   204  C  CA  . GLU A 1 27  ? 19.919  -1.927  -7.086  1.00 26.89 ? 27  GLU A CA  1 
ATOM   205  C  C   . GLU A 1 27  ? 18.507  -1.507  -6.689  1.00 26.51 ? 27  GLU A C   1 
ATOM   206  O  O   . GLU A 1 27  ? 17.621  -2.325  -6.572  1.00 24.67 ? 27  GLU A O   1 
ATOM   207  C  CB  . GLU A 1 27  ? 20.729  -1.954  -5.812  1.00 29.09 ? 27  GLU A CB  1 
ATOM   208  C  CG  . GLU A 1 27  ? 22.105  -2.554  -6.001  1.00 33.73 ? 27  GLU A CG  1 
ATOM   209  C  CD  . GLU A 1 27  ? 23.159  -1.574  -6.505  1.00 35.18 ? 27  GLU A CD  1 
ATOM   210  O  OE1 . GLU A 1 27  ? 22.868  -0.405  -6.923  1.00 33.29 ? 27  GLU A OE1 1 
ATOM   211  O  OE2 . GLU A 1 27  ? 24.315  -2.032  -6.481  1.00 42.05 ? 27  GLU A OE2 1 
ATOM   212  N  N   . LEU A 1 28  ? 18.314  -0.227  -6.453  1.00 24.29 ? 28  LEU A N   1 
ATOM   213  C  CA  . LEU A 1 28  ? 17.010  0.211   -6.110  1.00 24.50 ? 28  LEU A CA  1 
ATOM   214  C  C   . LEU A 1 28  ? 16.104  0.051   -7.315  1.00 23.88 ? 28  LEU A C   1 
ATOM   215  O  O   . LEU A 1 28  ? 14.973  -0.357  -7.121  1.00 23.49 ? 28  LEU A O   1 
ATOM   216  C  CB  . LEU A 1 28  ? 16.987  1.646   -5.578  1.00 23.52 ? 28  LEU A CB  1 
ATOM   217  C  CG  . LEU A 1 28  ? 15.589  2.127   -5.217  1.00 25.57 ? 28  LEU A CG  1 
ATOM   218  C  CD1 . LEU A 1 28  ? 15.117  1.403   -3.942  1.00 27.34 ? 28  LEU A CD1 1 
ATOM   219  C  CD2 . LEU A 1 28  ? 15.518  3.624   -5.038  1.00 26.10 ? 28  LEU A CD2 1 
ATOM   220  N  N   . HIS A 1 29  ? 16.552  0.400   -8.526  1.00 24.27 ? 29  HIS A N   1 
ATOM   221  C  CA  . HIS A 1 29  ? 15.651  0.317   -9.728  1.00 26.25 ? 29  HIS A CA  1 
ATOM   222  C  C   . HIS A 1 29  ? 15.199  -1.136  -9.918  1.00 23.82 ? 29  HIS A C   1 
ATOM   223  O  O   . HIS A 1 29  ? 14.064  -1.402  -10.192 1.00 19.71 ? 29  HIS A O   1 
ATOM   224  C  CB  . HIS A 1 29  ? 16.259  0.924   -11.036 1.00 29.98 ? 29  HIS A CB  1 
ATOM   225  C  CG  . HIS A 1 29  ? 16.319  2.452   -11.038 1.00 38.37 ? 29  HIS A CG  1 
ATOM   226  N  ND1 . HIS A 1 29  ? 15.254  3.254   -11.418 1.00 41.89 ? 29  HIS A ND1 1 
ATOM   227  C  CD2 . HIS A 1 29  ? 17.310  3.317   -10.680 1.00 37.24 ? 29  HIS A CD2 1 
ATOM   228  C  CE1 . HIS A 1 29  ? 15.596  4.528   -11.324 1.00 37.26 ? 29  HIS A CE1 1 
ATOM   229  N  NE2 . HIS A 1 29  ? 16.832  4.592   -10.867 1.00 36.52 ? 29  HIS A NE2 1 
ATOM   230  N  N   . ALA A 1 30  ? 16.105  -2.070  -9.672  1.00 23.89 ? 30  ALA A N   1 
ATOM   231  C  CA  . ALA A 1 30  ? 15.833  -3.452  -9.852  1.00 23.74 ? 30  ALA A CA  1 
ATOM   232  C  C   . ALA A 1 30  ? 14.780  -3.902  -8.838  1.00 24.90 ? 30  ALA A C   1 
ATOM   233  O  O   . ALA A 1 30  ? 13.852  -4.607  -9.188  1.00 24.97 ? 30  ALA A O   1 
ATOM   234  C  CB  . ALA A 1 30  ? 17.117  -4.262  -9.705  1.00 22.84 ? 30  ALA A CB  1 
ATOM   235  N  N   . LEU A 1 31  ? 14.966  -3.516  -7.576  1.00 24.20 ? 31  LEU A N   1 
ATOM   236  C  CA  . LEU A 1 31  ? 14.001  -3.794  -6.529  1.00 22.08 ? 31  LEU A CA  1 
ATOM   237  C  C   . LEU A 1 31  ? 12.623  -3.249  -6.891  1.00 21.83 ? 31  LEU A C   1 
ATOM   238  O  O   . LEU A 1 31  ? 11.636  -3.981  -6.775  1.00 21.30 ? 31  LEU A O   1 
ATOM   239  C  CB  . LEU A 1 31  ? 14.469  -3.216  -5.206  1.00 20.66 ? 31  LEU A CB  1 
ATOM   240  C  CG  . LEU A 1 31  ? 13.443  -3.292  -4.092  1.00 20.87 ? 31  LEU A CG  1 
ATOM   241  C  CD1 . LEU A 1 31  ? 12.993  -4.721  -3.795  1.00 20.89 ? 31  LEU A CD1 1 
ATOM   242  C  CD2 . LEU A 1 31  ? 14.001  -2.678  -2.823  1.00 21.32 ? 31  LEU A CD2 1 
ATOM   243  N  N   . VAL A 1 32  ? 12.528  -2.005  -7.363  1.00 21.69 ? 32  VAL A N   1 
ATOM   244  C  CA  . VAL A 1 32  ? 11.199  -1.501  -7.681  1.00 22.95 ? 32  VAL A CA  1 
ATOM   245  C  C   . VAL A 1 32  ? 10.587  -2.184  -8.885  1.00 23.46 ? 32  VAL A C   1 
ATOM   246  O  O   . VAL A 1 32  ? 9.366   -2.321  -8.964  1.00 23.38 ? 32  VAL A O   1 
ATOM   247  C  CB  . VAL A 1 32  ? 11.019  0.058   -7.729  1.00 24.61 ? 32  VAL A CB  1 
ATOM   248  C  CG1 . VAL A 1 32  ? 12.219  0.821   -7.268  1.00 28.73 ? 32  VAL A CG1 1 
ATOM   249  C  CG2 . VAL A 1 32  ? 10.465  0.559   -9.024  1.00 23.37 ? 32  VAL A CG2 1 
ATOM   250  N  N   . SER A 1 33  ? 11.421  -2.559  -9.837  1.00 23.61 ? 33  SER A N   1 
ATOM   251  C  CA  . SER A 1 33  ? 10.978  -3.322  -11.008 1.00 26.03 ? 33  SER A CA  1 
ATOM   252  C  C   . SER A 1 33  ? 10.275  -4.617  -10.563 1.00 24.56 ? 33  SER A C   1 
ATOM   253  O  O   . SER A 1 33  ? 9.141   -4.951  -10.996 1.00 20.78 ? 33  SER A O   1 
ATOM   254  C  CB  . SER A 1 33  ? 12.180  -3.662  -11.893 1.00 28.40 ? 33  SER A CB  1 
ATOM   255  O  OG  . SER A 1 33  ? 11.827  -3.407  -13.237 1.00 35.06 ? 33  SER A OG  1 
ATOM   256  N  N   . ASP A 1 34  ? 10.967  -5.307  -9.668  1.00 22.62 ? 34  ASP A N   1 
ATOM   257  C  CA  . ASP A 1 34  ? 10.458  -6.489  -9.028  1.00 23.64 ? 34  ASP A CA  1 
ATOM   258  C  C   . ASP A 1 34  ? 9.146   -6.222  -8.301  1.00 23.76 ? 34  ASP A C   1 
ATOM   259  O  O   . ASP A 1 34  ? 8.227   -7.050  -8.329  1.00 23.81 ? 34  ASP A O   1 
ATOM   260  C  CB  . ASP A 1 34  ? 11.456  -7.030  -8.003  1.00 24.12 ? 34  ASP A CB  1 
ATOM   261  C  CG  . ASP A 1 34  ? 12.633  -7.736  -8.630  1.00 25.54 ? 34  ASP A CG  1 
ATOM   262  O  OD1 . ASP A 1 34  ? 12.740  -7.820  -9.854  1.00 25.18 ? 34  ASP A OD1 1 
ATOM   263  O  OD2 . ASP A 1 34  ? 13.453  -8.264  -7.853  1.00 28.42 ? 34  ASP A OD2 1 
ATOM   264  N  N   . MET A 1 35  ? 9.083   -5.127  -7.552  1.00 23.56 ? 35  MET A N   1 
ATOM   265  C  CA  . MET A 1 35  ? 7.844   -4.802  -6.850  1.00 20.80 ? 35  MET A CA  1 
ATOM   266  C  C   . MET A 1 35  ? 6.650   -4.582  -7.798  1.00 19.34 ? 35  MET A C   1 
ATOM   267  O  O   . MET A 1 35  ? 5.542   -5.026  -7.515  1.00 18.52 ? 35  MET A O   1 
ATOM   268  C  CB  . MET A 1 35  ? 8.052   -3.608  -5.927  1.00 20.57 ? 35  MET A CB  1 
ATOM   269  C  CG  . MET A 1 35  ? 8.903   -3.975  -4.727  1.00 20.72 ? 35  MET A CG  1 
ATOM   270  S  SD  . MET A 1 35  ? 9.210   -2.575  -3.662  1.00 23.01 ? 35  MET A SD  1 
ATOM   271  C  CE  . MET A 1 35  ? 7.586   -2.313  -2.939  1.00 24.32 ? 35  MET A CE  1 
ATOM   272  N  N   . PHE A 1 36  ? 6.861   -3.865  -8.889  1.00 20.09 ? 36  PHE A N   1 
ATOM   273  C  CA  . PHE A 1 36  ? 5.788   -3.644  -9.854  1.00 22.15 ? 36  PHE A CA  1 
ATOM   274  C  C   . PHE A 1 36  ? 5.353   -4.981  -10.463 1.00 22.64 ? 36  PHE A C   1 
ATOM   275  O  O   . PHE A 1 36  ? 4.155   -5.224  -10.630 1.00 20.69 ? 36  PHE A O   1 
ATOM   276  C  CB  . PHE A 1 36  ? 6.184   -2.688  -10.971 1.00 23.53 ? 36  PHE A CB  1 
ATOM   277  C  CG  . PHE A 1 36  ? 6.023   -1.234  -10.605 1.00 23.35 ? 36  PHE A CG  1 
ATOM   278  C  CD1 . PHE A 1 36  ? 4.767   -0.722  -10.323 1.00 22.51 ? 36  PHE A CD1 1 
ATOM   279  C  CD2 . PHE A 1 36  ? 7.119   -0.387  -10.534 1.00 21.45 ? 36  PHE A CD2 1 
ATOM   280  C  CE1 . PHE A 1 36  ? 4.597   0.594   -9.938  1.00 22.85 ? 36  PHE A CE1 1 
ATOM   281  C  CE2 . PHE A 1 36  ? 6.946   0.950   -10.205 1.00 22.30 ? 36  PHE A CE2 1 
ATOM   282  C  CZ  . PHE A 1 36  ? 5.694   1.438   -9.887  1.00 22.38 ? 36  PHE A CZ  1 
ATOM   283  N  N   . GLU A 1 37  ? 6.338   -5.835  -10.752 1.00 22.80 ? 37  GLU A N   1 
ATOM   284  C  CA  . GLU A 1 37  ? 6.093   -7.097  -11.350 1.00 23.18 ? 37  GLU A CA  1 
ATOM   285  C  C   . GLU A 1 37  ? 5.303   -7.965  -10.396 1.00 22.79 ? 37  GLU A C   1 
ATOM   286  O  O   . GLU A 1 37  ? 4.311   -8.622  -10.793 1.00 23.59 ? 37  GLU A O   1 
ATOM   287  C  CB  . GLU A 1 37  ? 7.395   -7.799  -11.749 1.00 25.14 ? 37  GLU A CB  1 
ATOM   288  C  CG  . GLU A 1 37  ? 7.096   -8.966  -12.679 1.00 28.73 ? 37  GLU A CG  1 
ATOM   289  C  CD  . GLU A 1 37  ? 8.299   -9.634  -13.299 1.00 29.32 ? 37  GLU A CD  1 
ATOM   290  O  OE1 . GLU A 1 37  ? 9.445   -9.248  -12.956 1.00 28.11 ? 37  GLU A OE1 1 
ATOM   291  O  OE2 . GLU A 1 37  ? 8.068   -10.538 -14.153 1.00 34.73 ? 37  GLU A OE2 1 
ATOM   292  N  N   . THR A 1 38  ? 5.771   -8.015  -9.156  1.00 19.96 ? 38  THR A N   1 
ATOM   293  C  CA  . THR A 1 38  ? 5.122   -8.784  -8.129  1.00 19.53 ? 38  THR A CA  1 
ATOM   294  C  C   . THR A 1 38  ? 3.714   -8.293  -7.871  1.00 21.27 ? 38  THR A C   1 
ATOM   295  O  O   . THR A 1 38  ? 2.790   -9.105  -7.791  1.00 23.39 ? 38  THR A O   1 
ATOM   296  C  CB  . THR A 1 38  ? 5.888   -8.715  -6.836  1.00 19.81 ? 38  THR A CB  1 
ATOM   297  O  OG1 . THR A 1 38  ? 7.250   -9.177  -7.055  1.00 19.58 ? 38  THR A OG1 1 
ATOM   298  C  CG2 . THR A 1 38  ? 5.173   -9.561  -5.794  1.00 20.59 ? 38  THR A CG2 1 
ATOM   299  N  N   . MET A 1 39  ? 3.538   -6.972  -7.764  1.00 20.85 ? 39  MET A N   1 
ATOM   300  C  CA  . MET A 1 39  ? 2.212   -6.392  -7.556  1.00 21.94 ? 39  MET A CA  1 
ATOM   301  C  C   . MET A 1 39  ? 1.256   -6.767  -8.697  1.00 22.85 ? 39  MET A C   1 
ATOM   302  O  O   . MET A 1 39  ? 0.088   -7.045  -8.456  1.00 20.08 ? 39  MET A O   1 
ATOM   303  C  CB  . MET A 1 39  ? 2.283   -4.872  -7.415  1.00 22.46 ? 39  MET A CB  1 
ATOM   304  C  CG  . MET A 1 39  ? 0.911   -4.211  -7.269  1.00 22.94 ? 39  MET A CG  1 
ATOM   305  S  SD  . MET A 1 39  ? 1.007   -2.433  -6.979  1.00 24.78 ? 39  MET A SD  1 
ATOM   306  C  CE  . MET A 1 39  ? 0.842   -1.763  -8.606  1.00 22.75 ? 39  MET A CE  1 
ATOM   307  N  N   . GLY A 1 40  ? 1.796   -6.796  -9.920  1.00 22.55 ? 40  GLY A N   1 
ATOM   308  C  CA  . GLY A 1 40  ? 1.039   -7.164  -11.105 1.00 23.47 ? 40  GLY A CA  1 
ATOM   309  C  C   . GLY A 1 40  ? 0.598   -8.619  -11.083 1.00 22.64 ? 40  GLY A C   1 
ATOM   310  O  O   . GLY A 1 40  ? -0.542  -8.922  -11.345 1.00 21.87 ? 40  GLY A O   1 
ATOM   311  N  N   . ALA A 1 41  ? 1.493   -9.509  -10.710 1.00 23.01 ? 41  ALA A N   1 
ATOM   312  C  CA  . ALA A 1 41  ? 1.164   -10.903 -10.739 1.00 24.56 ? 41  ALA A CA  1 
ATOM   313  C  C   . ALA A 1 41  ? 0.103   -11.219 -9.694  1.00 26.14 ? 41  ALA A C   1 
ATOM   314  O  O   . ALA A 1 41  ? -0.704  -12.128 -9.880  1.00 29.31 ? 41  ALA A O   1 
ATOM   315  C  CB  . ALA A 1 41  ? 2.393   -11.753 -10.505 1.00 23.55 ? 41  ALA A CB  1 
ATOM   316  N  N   . ALA A 1 42  ? 0.087   -10.466 -8.609  1.00 27.41 ? 42  ALA A N   1 
ATOM   317  C  CA  . ALA A 1 42  ? -0.855  -10.758 -7.536  1.00 26.21 ? 42  ALA A CA  1 
ATOM   318  C  C   . ALA A 1 42  ? -2.097  -9.881  -7.637  1.00 24.56 ? 42  ALA A C   1 
ATOM   319  O  O   . ALA A 1 42  ? -2.934  -9.930  -6.788  1.00 25.71 ? 42  ALA A O   1 
ATOM   320  C  CB  . ALA A 1 42  ? -0.170  -10.603 -6.190  1.00 27.56 ? 42  ALA A CB  1 
ATOM   321  N  N   . HIS A 1 43  ? -2.215  -9.088  -8.689  1.00 24.72 ? 43  HIS A N   1 
ATOM   322  C  CA  . HIS A 1 43  ? -3.363  -8.253  -8.910  1.00 24.40 ? 43  HIS A CA  1 
ATOM   323  C  C   . HIS A 1 43  ? -3.554  -7.262  -7.770  1.00 25.55 ? 43  HIS A C   1 
ATOM   324  O  O   . HIS A 1 43  ? -4.670  -6.984  -7.348  1.00 26.06 ? 43  HIS A O   1 
ATOM   325  C  CB  . HIS A 1 43  ? -4.607  -9.090  -9.144  1.00 27.48 ? 43  HIS A CB  1 
ATOM   326  C  CG  . HIS A 1 43  ? -4.538  -9.977  -10.361 1.00 34.08 ? 43  HIS A CG  1 
ATOM   327  N  ND1 . HIS A 1 43  ? -5.589  -10.109 -11.246 1.00 37.84 ? 43  HIS A ND1 1 
ATOM   328  C  CD2 . HIS A 1 43  ? -3.555  -10.778 -10.834 1.00 34.59 ? 43  HIS A CD2 1 
ATOM   329  C  CE1 . HIS A 1 43  ? -5.245  -10.923 -12.224 1.00 36.39 ? 43  HIS A CE1 1 
ATOM   330  N  NE2 . HIS A 1 43  ? -4.022  -11.349 -11.992 1.00 36.22 ? 43  HIS A NE2 1 
ATOM   331  N  N   . GLY A 1 44  ? -2.465  -6.688  -7.261  1.00 25.44 ? 44  GLY A N   1 
ATOM   332  C  CA  . GLY A 1 44  ? -2.604  -5.642  -6.264  1.00 24.02 ? 44  GLY A CA  1 
ATOM   333  C  C   . GLY A 1 44  ? -2.759  -4.277  -6.862  1.00 22.21 ? 44  GLY A C   1 
ATOM   334  O  O   . GLY A 1 44  ? -2.417  -4.074  -8.028  1.00 20.95 ? 44  GLY A O   1 
ATOM   335  N  N   . VAL A 1 45  ? -3.207  -3.331  -6.045  1.00 21.61 ? 45  VAL A N   1 
ATOM   336  C  CA  . VAL A 1 45  ? -3.166  -1.908  -6.408  1.00 21.20 ? 45  VAL A CA  1 
ATOM   337  C  C   . VAL A 1 45  ? -2.077  -1.147  -5.647  1.00 22.64 ? 45  VAL A C   1 
ATOM   338  O  O   . VAL A 1 45  ? -1.809  0.009   -5.913  1.00 23.04 ? 45  VAL A O   1 
ATOM   339  C  CB  . VAL A 1 45  ? -4.541  -1.229  -6.218  1.00 23.17 ? 45  VAL A CB  1 
ATOM   340  C  CG1 . VAL A 1 45  ? -5.542  -1.806  -7.228  1.00 24.22 ? 45  VAL A CG1 1 
ATOM   341  C  CG2 . VAL A 1 45  ? -5.046  -1.369  -4.791  1.00 22.91 ? 45  VAL A CG2 1 
ATOM   342  N  N   . GLY A 1 46  ? -1.449  -1.808  -4.691  1.00 22.41 ? 46  GLY A N   1 
ATOM   343  C  CA  . GLY A 1 46  ? -0.281  -1.278  -4.045  1.00 20.80 ? 46  GLY A CA  1 
ATOM   344  C  C   . GLY A 1 46  ? 0.490   -2.458  -3.524  1.00 19.99 ? 46  GLY A C   1 
ATOM   345  O  O   . GLY A 1 46  ? -0.046  -3.570  -3.455  1.00 19.46 ? 46  GLY A O   1 
ATOM   346  N  N   . LEU A 1 47  ? 1.723   -2.214  -3.122  1.00 19.54 ? 47  LEU A N   1 
ATOM   347  C  CA  . LEU A 1 47  ? 2.549   -3.248  -2.498  1.00 20.16 ? 47  LEU A CA  1 
ATOM   348  C  C   . LEU A 1 47  ? 3.660   -2.568  -1.760  1.00 20.71 ? 47  LEU A C   1 
ATOM   349  O  O   . LEU A 1 47  ? 4.280   -1.627  -2.278  1.00 21.08 ? 47  LEU A O   1 
ATOM   350  C  CB  . LEU A 1 47  ? 3.137   -4.170  -3.554  1.00 21.84 ? 47  LEU A CB  1 
ATOM   351  C  CG  . LEU A 1 47  ? 4.040   -5.299  -3.037  1.00 23.66 ? 47  LEU A CG  1 
ATOM   352  C  CD1 . LEU A 1 47  ? 3.220   -6.440  -2.470  1.00 25.22 ? 47  LEU A CD1 1 
ATOM   353  C  CD2 . LEU A 1 47  ? 4.917   -5.812  -4.184  1.00 24.47 ? 47  LEU A CD2 1 
ATOM   354  N  N   . ALA A 1 48  ? 3.927   -3.045  -0.557  1.00 20.13 ? 48  ALA A N   1 
ATOM   355  C  CA  . ALA A 1 48  ? 4.890   -2.408  0.287   1.00 20.43 ? 48  ALA A CA  1 
ATOM   356  C  C   . ALA A 1 48  ? 6.074   -3.324  0.444   1.00 18.98 ? 48  ALA A C   1 
ATOM   357  O  O   . ALA A 1 48  ? 5.912   -4.509  0.568   1.00 18.46 ? 48  ALA A O   1 
ATOM   358  C  CB  . ALA A 1 48  ? 4.242   -2.100  1.626   1.00 22.13 ? 48  ALA A CB  1 
ATOM   359  N  N   . ALA A 1 49  ? 7.279   -2.775  0.388   1.00 19.80 ? 49  ALA A N   1 
ATOM   360  C  CA  . ALA A 1 49  ? 8.513   -3.595  0.451   1.00 19.35 ? 49  ALA A CA  1 
ATOM   361  C  C   . ALA A 1 49  ? 8.515   -4.652  1.561   1.00 19.55 ? 49  ALA A C   1 
ATOM   362  O  O   . ALA A 1 49  ? 9.004   -5.753  1.365   1.00 21.66 ? 49  ALA A O   1 
ATOM   363  C  CB  . ALA A 1 49  ? 9.749   -2.688  0.574   1.00 18.60 ? 49  ALA A CB  1 
ATOM   364  N  N   . PRO A 1 50  ? 7.985   -4.336  2.747   1.00 19.02 ? 50  PRO A N   1 
ATOM   365  C  CA  . PRO A 1 50  ? 8.017   -5.358  3.787   1.00 19.69 ? 50  PRO A CA  1 
ATOM   366  C  C   . PRO A 1 50  ? 7.244   -6.627  3.448   1.00 20.12 ? 50  PRO A C   1 
ATOM   367  O  O   . PRO A 1 50  ? 7.595   -7.707  3.938   1.00 18.30 ? 50  PRO A O   1 
ATOM   368  C  CB  . PRO A 1 50  ? 7.360   -4.645  4.965   1.00 20.07 ? 50  PRO A CB  1 
ATOM   369  C  CG  . PRO A 1 50  ? 7.814   -3.225  4.774   1.00 19.39 ? 50  PRO A CG  1 
ATOM   370  C  CD  . PRO A 1 50  ? 7.632   -3.024  3.306   1.00 19.54 ? 50  PRO A CD  1 
ATOM   371  N  N   . GLN A 1 51  ? 6.234   -6.492  2.575   1.00 20.75 ? 51  GLN A N   1 
ATOM   372  C  CA  . GLN A 1 51  ? 5.460   -7.616  2.120   1.00 21.27 ? 51  GLN A CA  1 
ATOM   373  C  C   . GLN A 1 51  ? 6.283   -8.598  1.355   1.00 21.40 ? 51  GLN A C   1 
ATOM   374  O  O   . GLN A 1 51  ? 5.857   -9.745  1.227   1.00 24.04 ? 51  GLN A O   1 
ATOM   375  C  CB  . GLN A 1 51  ? 4.275   -7.180  1.260   1.00 20.68 ? 51  GLN A CB  1 
ATOM   376  C  CG  . GLN A 1 51  ? 3.255   -6.370  2.023   1.00 21.46 ? 51  GLN A CG  1 
ATOM   377  C  CD  . GLN A 1 51  ? 2.012   -6.091  1.214   1.00 23.44 ? 51  GLN A CD  1 
ATOM   378  O  OE1 . GLN A 1 51  ? 1.913   -5.073  0.538   1.00 24.42 ? 51  GLN A OE1 1 
ATOM   379  N  NE2 . GLN A 1 51  ? 1.057   -7.003  1.274   1.00 24.12 ? 51  GLN A NE2 1 
ATOM   380  N  N   . ILE A 1 52  ? 7.408   -8.161  0.782   1.00 20.87 ? 52  ILE A N   1 
ATOM   381  C  CA  . ILE A 1 52  ? 8.319   -9.095  0.146   1.00 20.76 ? 52  ILE A CA  1 
ATOM   382  C  C   . ILE A 1 52  ? 9.554   -9.236  0.999   1.00 21.78 ? 52  ILE A C   1 
ATOM   383  O  O   . ILE A 1 52  ? 10.612  -9.512  0.504   1.00 21.87 ? 52  ILE A O   1 
ATOM   384  C  CB  . ILE A 1 52  ? 8.677   -8.701  -1.297  1.00 21.82 ? 52  ILE A CB  1 
ATOM   385  C  CG1 . ILE A 1 52  ? 9.253   -7.279  -1.359  1.00 24.26 ? 52  ILE A CG1 1 
ATOM   386  C  CG2 . ILE A 1 52  ? 7.453   -8.819  -2.190  1.00 20.96 ? 52  ILE A CG2 1 
ATOM   387  C  CD1 . ILE A 1 52  ? 10.007  -6.971  -2.650  1.00 26.01 ? 52  ILE A CD1 1 
ATOM   388  N  N   . ALA A 1 53  ? 9.400   -9.072  2.303   1.00 22.15 ? 53  ALA A N   1 
ATOM   389  C  CA  . ALA A 1 53  ? 10.504  -9.238  3.265   1.00 24.03 ? 53  ALA A CA  1 
ATOM   390  C  C   . ALA A 1 53  ? 11.703  -8.318  3.003   1.00 24.30 ? 53  ALA A C   1 
ATOM   391  O  O   . ALA A 1 53  ? 12.825  -8.652  3.368   1.00 23.47 ? 53  ALA A O   1 
ATOM   392  C  CB  . ALA A 1 53  ? 10.979  -10.697 3.373   1.00 22.15 ? 53  ALA A CB  1 
ATOM   393  N  N   . VAL A 1 54  ? 11.486  -7.156  2.418   1.00 25.25 ? 54  VAL A N   1 
ATOM   394  C  CA  . VAL A 1 54  ? 12.596  -6.254  2.359   1.00 25.40 ? 54  VAL A CA  1 
ATOM   395  C  C   . VAL A 1 54  ? 12.243  -5.079  3.245   1.00 23.98 ? 54  VAL A C   1 
ATOM   396  O  O   . VAL A 1 54  ? 11.239  -4.373  3.076   1.00 22.84 ? 54  VAL A O   1 
ATOM   397  C  CB  . VAL A 1 54  ? 13.137  -5.939  0.915   1.00 26.73 ? 54  VAL A CB  1 
ATOM   398  C  CG1 . VAL A 1 54  ? 12.624  -6.895  -0.165  1.00 27.06 ? 54  VAL A CG1 1 
ATOM   399  C  CG2 . VAL A 1 54  ? 12.931  -4.505  0.525   1.00 26.69 ? 54  VAL A CG2 1 
ATOM   400  N  N   . ASP A 1 55  ? 13.097  -4.931  4.232   1.00 23.35 ? 55  ASP A N   1 
ATOM   401  C  CA  . ASP A 1 55  ? 12.925  -3.977  5.295   1.00 23.79 ? 55  ASP A CA  1 
ATOM   402  C  C   . ASP A 1 55  ? 13.323  -2.570  4.870   1.00 23.00 ? 55  ASP A C   1 
ATOM   403  O  O   . ASP A 1 55  ? 14.409  -2.079  5.231   1.00 23.29 ? 55  ASP A O   1 
ATOM   404  C  CB  . ASP A 1 55  ? 13.782  -4.446  6.485   1.00 24.24 ? 55  ASP A CB  1 
ATOM   405  C  CG  . ASP A 1 55  ? 13.404  -3.761  7.792   1.00 25.91 ? 55  ASP A CG  1 
ATOM   406  O  OD1 . ASP A 1 55  ? 12.311  -3.133  7.901   1.00 26.56 ? 55  ASP A OD1 1 
ATOM   407  O  OD2 . ASP A 1 55  ? 14.229  -3.851  8.722   1.00 29.38 ? 55  ASP A OD2 1 
ATOM   408  N  N   . LEU A 1 56  ? 12.443  -1.911  4.111   1.00 22.92 ? 56  LEU A N   1 
ATOM   409  C  CA  . LEU A 1 56  ? 12.710  -0.547  3.620   1.00 21.44 ? 56  LEU A CA  1 
ATOM   410  C  C   . LEU A 1 56  ? 11.453  0.250   3.472   1.00 20.86 ? 56  LEU A C   1 
ATOM   411  O  O   . LEU A 1 56  ? 10.366  -0.289  3.172   1.00 22.28 ? 56  LEU A O   1 
ATOM   412  C  CB  . LEU A 1 56  ? 13.357  -0.601  2.239   1.00 23.12 ? 56  LEU A CB  1 
ATOM   413  C  CG  . LEU A 1 56  ? 14.827  -1.068  2.087   1.00 24.44 ? 56  LEU A CG  1 
ATOM   414  C  CD1 . LEU A 1 56  ? 15.181  -1.134  0.584   1.00 22.59 ? 56  LEU A CD1 1 
ATOM   415  C  CD2 . LEU A 1 56  ? 15.791  -0.181  2.887   1.00 22.69 ? 56  LEU A CD2 1 
ATOM   416  N  N   . GLN A 1 57  ? 11.592  1.545   3.627   1.00 20.17 ? 57  GLN A N   1 
ATOM   417  C  CA  . GLN A 1 57  ? 10.478  2.480   3.383   1.00 19.99 ? 57  GLN A CA  1 
ATOM   418  C  C   . GLN A 1 57  ? 10.246  2.694   1.894   1.00 20.10 ? 57  GLN A C   1 
ATOM   419  O  O   . GLN A 1 57  ? 10.645  3.730   1.308   1.00 19.29 ? 57  GLN A O   1 
ATOM   420  C  CB  . GLN A 1 57  ? 10.734  3.821   4.071   1.00 20.32 ? 57  GLN A CB  1 
ATOM   421  C  CG  . GLN A 1 57  ? 10.812  3.722   5.605   1.00 20.40 ? 57  GLN A CG  1 
ATOM   422  C  CD  . GLN A 1 57  ? 11.103  5.043   6.225   1.00 21.47 ? 57  GLN A CD  1 
ATOM   423  O  OE1 . GLN A 1 57  ? 10.777  6.080   5.673   1.00 23.06 ? 57  GLN A OE1 1 
ATOM   424  N  NE2 . GLN A 1 57  ? 11.721  5.027   7.372   1.00 23.24 ? 57  GLN A NE2 1 
ATOM   425  N  N   . LEU A 1 58  ? 9.537   1.743   1.303   1.00 17.95 ? 58  LEU A N   1 
ATOM   426  C  CA  . LEU A 1 58  ? 9.302   1.785   -0.113  1.00 18.46 ? 58  LEU A CA  1 
ATOM   427  C  C   . LEU A 1 58  ? 7.993   1.118   -0.462  1.00 18.74 ? 58  LEU A C   1 
ATOM   428  O  O   . LEU A 1 58  ? 7.656   0.042   0.053   1.00 20.14 ? 58  LEU A O   1 
ATOM   429  C  CB  . LEU A 1 58  ? 10.463  1.045   -0.800  1.00 18.21 ? 58  LEU A CB  1 
ATOM   430  C  CG  . LEU A 1 58  ? 10.527  0.762   -2.287  1.00 18.20 ? 58  LEU A CG  1 
ATOM   431  C  CD1 . LEU A 1 58  ? 10.586  2.087   -3.024  1.00 19.12 ? 58  LEU A CD1 1 
ATOM   432  C  CD2 . LEU A 1 58  ? 11.766  -0.091  -2.598  1.00 18.75 ? 58  LEU A CD2 1 
ATOM   433  N  N   . MET A 1 59  ? 7.288   1.727   -1.395  1.00 19.66 ? 59  MET A N   1 
ATOM   434  C  CA  . MET A 1 59  ? 5.982   1.234   -1.805  1.00 19.58 ? 59  MET A CA  1 
ATOM   435  C  C   . MET A 1 59  ? 5.787   1.506   -3.295  1.00 18.68 ? 59  MET A C   1 
ATOM   436  O  O   . MET A 1 59  ? 6.387   2.445   -3.854  1.00 18.58 ? 59  MET A O   1 
ATOM   437  C  CB  . MET A 1 59  ? 4.881   1.941   -1.009  1.00 20.86 ? 59  MET A CB  1 
ATOM   438  C  CG  . MET A 1 59  ? 4.711   3.440   -1.295  1.00 19.48 ? 59  MET A CG  1 
ATOM   439  S  SD  . MET A 1 59  ? 3.284   4.216   -0.472  1.00 21.39 ? 59  MET A SD  1 
ATOM   440  C  CE  . MET A 1 59  ? 3.866   4.061   1.193   1.00 21.25 ? 59  MET A CE  1 
ATOM   441  N  N   . VAL A 1 60  ? 5.001   0.670   -3.946  1.00 17.83 ? 60  VAL A N   1 
ATOM   442  C  CA  . VAL A 1 60  ? 4.544   0.985   -5.281  1.00 18.62 ? 60  VAL A CA  1 
ATOM   443  C  C   . VAL A 1 60  ? 3.057   0.897   -5.315  1.00 18.05 ? 60  VAL A C   1 
ATOM   444  O  O   . VAL A 1 60  ? 2.458   0.219   -4.506  1.00 17.95 ? 60  VAL A O   1 
ATOM   445  C  CB  . VAL A 1 60  ? 5.101   0.012   -6.332  1.00 19.25 ? 60  VAL A CB  1 
ATOM   446  C  CG1 . VAL A 1 60  ? 6.629   0.089   -6.391  1.00 19.88 ? 60  VAL A CG1 1 
ATOM   447  C  CG2 . VAL A 1 60  ? 4.657   -1.406  -6.056  1.00 19.45 ? 60  VAL A CG2 1 
ATOM   448  N  N   . PHE A 1 61  ? 2.458   1.584   -6.254  1.00 18.30 ? 61  PHE A N   1 
ATOM   449  C  CA  . PHE A 1 61  ? 1.029   1.545   -6.357  1.00 20.32 ? 61  PHE A CA  1 
ATOM   450  C  C   . PHE A 1 61  ? 0.560   2.155   -7.643  1.00 21.13 ? 61  PHE A C   1 
ATOM   451  O  O   . PHE A 1 61  ? 1.327   2.812   -8.337  1.00 22.72 ? 61  PHE A O   1 
ATOM   452  C  CB  . PHE A 1 61  ? 0.362   2.286   -5.144  1.00 20.09 ? 61  PHE A CB  1 
ATOM   453  C  CG  . PHE A 1 61  ? 0.849   3.734   -4.919  1.00 19.65 ? 61  PHE A CG  1 
ATOM   454  C  CD1 . PHE A 1 61  ? 1.946   4.006   -4.083  1.00 20.00 ? 61  PHE A CD1 1 
ATOM   455  C  CD2 . PHE A 1 61  ? 0.182   4.801   -5.489  1.00 19.00 ? 61  PHE A CD2 1 
ATOM   456  C  CE1 . PHE A 1 61  ? 2.356   5.309   -3.865  1.00 18.45 ? 61  PHE A CE1 1 
ATOM   457  C  CE2 . PHE A 1 61  ? 0.570   6.096   -5.265  1.00 19.54 ? 61  PHE A CE2 1 
ATOM   458  C  CZ  . PHE A 1 61  ? 1.657   6.350   -4.440  1.00 19.50 ? 61  PHE A CZ  1 
ATOM   459  N  N   . GLY A 1 62  ? -0.723  1.966   -7.927  1.00 22.23 ? 62  GLY A N   1 
ATOM   460  C  CA  . GLY A 1 62  ? -1.390  2.615   -9.026  1.00 24.51 ? 62  GLY A CA  1 
ATOM   461  C  C   . GLY A 1 62  ? -1.979  1.616   -10.001 1.00 27.80 ? 62  GLY A C   1 
ATOM   462  O  O   . GLY A 1 62  ? -1.709  0.424   -9.935  1.00 25.93 ? 62  GLY A O   1 
ATOM   463  N  N   . PHE A 1 63  ? -2.823  2.130   -10.891 1.00 31.82 ? 63  PHE A N   1 
ATOM   464  C  CA  . PHE A 1 63  ? -3.407  1.341   -11.963 1.00 34.80 ? 63  PHE A CA  1 
ATOM   465  C  C   . PHE A 1 63  ? -4.124  2.268   -12.905 1.00 36.09 ? 63  PHE A C   1 
ATOM   466  O  O   . PHE A 1 63  ? -4.628  3.312   -12.494 1.00 33.53 ? 63  PHE A O   1 
ATOM   467  C  CB  . PHE A 1 63  ? -4.443  0.387   -11.375 1.00 37.29 ? 63  PHE A CB  1 
ATOM   468  C  CG  . PHE A 1 63  ? -5.425  1.086   -10.489 1.00 40.18 ? 63  PHE A CG  1 
ATOM   469  C  CD1 . PHE A 1 63  ? -6.653  1.519   -10.994 1.00 42.75 ? 63  PHE A CD1 1 
ATOM   470  C  CD2 . PHE A 1 63  ? -5.094  1.391   -9.175  1.00 40.11 ? 63  PHE A CD2 1 
ATOM   471  C  CE1 . PHE A 1 63  ? -7.561  2.183   -10.193 1.00 41.52 ? 63  PHE A CE1 1 
ATOM   472  C  CE2 . PHE A 1 63  ? -5.994  2.063   -8.365  1.00 40.86 ? 63  PHE A CE2 1 
ATOM   473  C  CZ  . PHE A 1 63  ? -7.227  2.460   -8.878  1.00 42.13 ? 63  PHE A CZ  1 
ATOM   474  N  N   . GLU A 1 64  ? -4.240  1.838   -14.150 1.00 42.64 ? 64  GLU A N   1 
ATOM   475  C  CA  . GLU A 1 64  ? -5.139  2.469   -15.130 1.00 47.20 ? 64  GLU A CA  1 
ATOM   476  C  C   . GLU A 1 64  ? -6.582  2.152   -14.777 1.00 46.89 ? 64  GLU A C   1 
ATOM   477  O  O   . GLU A 1 64  ? -7.432  3.035   -14.734 1.00 49.53 ? 64  GLU A O   1 
ATOM   478  C  CB  . GLU A 1 64  ? -4.829  1.937   -16.523 1.00 53.58 ? 64  GLU A CB  1 
ATOM   479  C  CG  . GLU A 1 64  ? -5.043  2.946   -17.636 1.00 62.19 ? 64  GLU A CG  1 
ATOM   480  C  CD  . GLU A 1 64  ? -4.098  2.692   -18.796 1.00 62.24 ? 64  GLU A CD  1 
ATOM   481  O  OE1 . GLU A 1 64  ? -4.398  1.797   -19.619 1.00 57.44 ? 64  GLU A OE1 1 
ATOM   482  O  OE2 . GLU A 1 64  ? -3.053  3.382   -18.867 1.00 62.35 ? 64  GLU A OE2 1 
ATOM   483  N  N   . ALA A 1 65  ? -6.826  0.866   -14.531 1.00 51.69 ? 65  ALA A N   1 
ATOM   484  C  CA  . ALA A 1 65  ? -8.123  0.336   -14.088 1.00 53.27 ? 65  ALA A CA  1 
ATOM   485  C  C   . ALA A 1 65  ? -7.969  -0.906  -13.162 1.00 54.16 ? 65  ALA A C   1 
ATOM   486  O  O   . ALA A 1 65  ? -7.016  -1.724  -13.307 1.00 53.79 ? 65  ALA A O   1 
ATOM   487  C  CB  . ALA A 1 65  ? -8.984  -0.014  -15.288 1.00 52.32 ? 65  ALA A CB  1 
ATOM   488  N  N   . SER A 1 66  ? -8.928  -1.020  -12.229 1.00 56.59 ? 66  SER A N   1 
ATOM   489  C  CA  . SER A 1 66  ? -9.040  -2.119  -11.251 1.00 56.45 ? 66  SER A CA  1 
ATOM   490  C  C   . SER A 1 66  ? -10.304 -2.978  -11.506 1.00 59.77 ? 66  SER A C   1 
ATOM   491  O  O   . SER A 1 66  ? -11.407 -2.431  -11.631 1.00 62.04 ? 66  SER A O   1 
ATOM   492  C  CB  . SER A 1 66  ? -9.080  -1.524  -9.828  1.00 54.00 ? 66  SER A CB  1 
ATOM   493  O  OG  . SER A 1 66  ? -8.992  -2.522  -8.804  1.00 52.68 ? 66  SER A OG  1 
ATOM   494  N  N   . GLU A 1 67  ? -10.138 -4.304  -11.612 1.00 60.19 ? 67  GLU A N   1 
ATOM   495  C  CA  . GLU A 1 67  ? -11.279 -5.251  -11.607 1.00 62.32 ? 67  GLU A CA  1 
ATOM   496  C  C   . GLU A 1 67  ? -11.946 -5.201  -10.197 1.00 66.19 ? 67  GLU A C   1 
ATOM   497  O  O   . GLU A 1 67  ? -13.161 -4.990  -10.075 1.00 65.89 ? 67  GLU A O   1 
ATOM   498  C  CB  . GLU A 1 67  ? -10.836 -6.700  -12.009 1.00 64.36 ? 67  GLU A CB  1 
ATOM   499  C  CG  . GLU A 1 67  ? -10.813 -7.772  -10.881 1.00 74.95 ? 67  GLU A CG  1 
ATOM   500  C  CD  . GLU A 1 67  ? -9.790  -8.912  -11.071 1.00 84.30 ? 67  GLU A CD  1 
ATOM   501  O  OE1 . GLU A 1 67  ? -9.535  -9.305  -12.236 1.00 91.26 ? 67  GLU A OE1 1 
ATOM   502  O  OE2 . GLU A 1 67  ? -9.237  -9.423  -10.046 1.00 72.02 ? 67  GLU A OE2 1 
ATOM   503  N  N   . ARG A 1 68  ? -11.109 -5.330  -9.154  1.00 63.65 ? 68  ARG A N   1 
ATOM   504  C  CA  . ARG A 1 68  ? -11.520 -5.361  -7.755  1.00 62.43 ? 68  ARG A CA  1 
ATOM   505  C  C   . ARG A 1 68  ? -12.291 -4.135  -7.330  1.00 61.87 ? 68  ARG A C   1 
ATOM   506  O  O   . ARG A 1 68  ? -13.248 -4.265  -6.582  1.00 70.47 ? 68  ARG A O   1 
ATOM   507  C  CB  . ARG A 1 68  ? -10.303 -5.521  -6.846  1.00 62.78 ? 68  ARG A CB  1 
ATOM   508  C  CG  . ARG A 1 68  ? -9.721  -6.916  -6.924  1.00 67.94 ? 68  ARG A CG  1 
ATOM   509  C  CD  . ARG A 1 68  ? -8.286  -7.016  -6.425  1.00 69.87 ? 68  ARG A CD  1 
ATOM   510  N  NE  . ARG A 1 68  ? -7.932  -8.424  -6.212  1.00 72.46 ? 68  ARG A NE  1 
ATOM   511  C  CZ  . ARG A 1 68  ? -6.776  -8.865  -5.715  1.00 69.02 ? 68  ARG A CZ  1 
ATOM   512  N  NH1 . ARG A 1 68  ? -5.823  -8.012  -5.380  1.00 77.40 ? 68  ARG A NH1 1 
ATOM   513  N  NH2 . ARG A 1 68  ? -6.563  -10.168 -5.554  1.00 64.61 ? 68  ARG A NH2 1 
ATOM   514  N  N   . TYR A 1 69  ? -11.880 -2.959  -7.800  1.00 56.98 ? 69  TYR A N   1 
ATOM   515  C  CA  . TYR A 1 69  ? -12.509 -1.691  -7.409  1.00 55.37 ? 69  TYR A CA  1 
ATOM   516  C  C   . TYR A 1 69  ? -12.875 -0.912  -8.682  1.00 59.94 ? 69  TYR A C   1 
ATOM   517  O  O   . TYR A 1 69  ? -12.170 0.041   -9.071  1.00 52.70 ? 69  TYR A O   1 
ATOM   518  C  CB  . TYR A 1 69  ? -11.567 -0.880  -6.516  1.00 48.75 ? 69  TYR A CB  1 
ATOM   519  C  CG  . TYR A 1 69  ? -11.064 -1.618  -5.279  1.00 47.69 ? 69  TYR A CG  1 
ATOM   520  C  CD1 . TYR A 1 69  ? -11.830 -1.662  -4.094  1.00 45.60 ? 69  TYR A CD1 1 
ATOM   521  C  CD2 . TYR A 1 69  ? -9.815  -2.279  -5.276  1.00 40.91 ? 69  TYR A CD2 1 
ATOM   522  C  CE1 . TYR A 1 69  ? -11.370 -2.335  -2.959  1.00 40.57 ? 69  TYR A CE1 1 
ATOM   523  C  CE2 . TYR A 1 69  ? -9.361  -2.935  -4.146  1.00 38.46 ? 69  TYR A CE2 1 
ATOM   524  C  CZ  . TYR A 1 69  ? -10.145 -2.954  -2.993  1.00 38.28 ? 69  TYR A CZ  1 
ATOM   525  O  OH  . TYR A 1 69  ? -9.696  -3.596  -1.870  1.00 36.85 ? 69  TYR A OH  1 
ATOM   526  N  N   . PRO A 1 70  ? -13.972 -1.331  -9.352  1.00 61.73 ? 70  PRO A N   1 
ATOM   527  C  CA  . PRO A 1 70  ? -14.303 -0.798  -10.688 1.00 59.70 ? 70  PRO A CA  1 
ATOM   528  C  C   . PRO A 1 70  ? -14.663 0.679   -10.703 1.00 58.91 ? 70  PRO A C   1 
ATOM   529  O  O   . PRO A 1 70  ? -14.376 1.368   -11.676 1.00 61.03 ? 70  PRO A O   1 
ATOM   530  C  CB  . PRO A 1 70  ? -15.504 -1.644  -11.122 1.00 60.31 ? 70  PRO A CB  1 
ATOM   531  C  CG  . PRO A 1 70  ? -15.483 -2.850  -10.236 1.00 60.19 ? 70  PRO A CG  1 
ATOM   532  C  CD  . PRO A 1 70  ? -14.929 -2.373  -8.932  1.00 60.94 ? 70  PRO A CD  1 
ATOM   533  N  N   . GLU A 1 71  ? -15.270 1.162   -9.623  1.00 61.08 ? 71  GLU A N   1 
ATOM   534  C  CA  . GLU A 1 71  ? -15.657 2.560   -9.530  1.00 60.15 ? 71  GLU A CA  1 
ATOM   535  C  C   . GLU A 1 71  ? -14.486 3.486   -9.250  1.00 58.40 ? 71  GLU A C   1 
ATOM   536  O  O   . GLU A 1 71  ? -14.644 4.710   -9.333  1.00 61.99 ? 71  GLU A O   1 
ATOM   537  C  CB  . GLU A 1 71  ? -16.661 2.734   -8.413  1.00 65.96 ? 71  GLU A CB  1 
ATOM   538  C  CG  . GLU A 1 71  ? -17.961 1.992   -8.623  1.00 71.81 ? 71  GLU A CG  1 
ATOM   539  C  CD  . GLU A 1 71  ? -18.965 2.342   -7.537  1.00 83.93 ? 71  GLU A CD  1 
ATOM   540  O  OE1 . GLU A 1 71  ? -18.543 2.544   -6.370  1.00 88.39 ? 71  GLU A OE1 1 
ATOM   541  O  OE2 . GLU A 1 71  ? -20.176 2.425   -7.845  1.00 86.07 ? 71  GLU A OE2 1 
ATOM   542  N  N   . ALA A 1 72  ? -13.327 2.913   -8.901  1.00 53.38 ? 72  ALA A N   1 
ATOM   543  C  CA  . ALA A 1 72  ? -12.139 3.694   -8.516  1.00 51.23 ? 72  ALA A CA  1 
ATOM   544  C  C   . ALA A 1 72  ? -11.522 4.426   -9.698  1.00 48.33 ? 72  ALA A C   1 
ATOM   545  O  O   . ALA A 1 72  ? -11.253 3.818   -10.716 1.00 53.75 ? 72  ALA A O   1 
ATOM   546  C  CB  . ALA A 1 72  ? -11.087 2.786   -7.881  1.00 49.46 ? 72  ALA A CB  1 
ATOM   547  N  N   . PRO A 1 73  ? -11.273 5.726   -9.560  1.00 42.88 ? 73  PRO A N   1 
ATOM   548  C  CA  . PRO A 1 73  ? -10.542 6.386   -10.644 1.00 44.50 ? 73  PRO A CA  1 
ATOM   549  C  C   . PRO A 1 73  ? -9.119  5.860   -10.726 1.00 44.63 ? 73  PRO A C   1 
ATOM   550  O  O   . PRO A 1 73  ? -8.613  5.257   -9.767  1.00 49.66 ? 73  PRO A O   1 
ATOM   551  C  CB  . PRO A 1 73  ? -10.521 7.859   -10.241 1.00 42.17 ? 73  PRO A CB  1 
ATOM   552  C  CG  . PRO A 1 73  ? -10.723 7.856   -8.768  1.00 43.51 ? 73  PRO A CG  1 
ATOM   553  C  CD  . PRO A 1 73  ? -11.267 6.514   -8.324  1.00 43.05 ? 73  PRO A CD  1 
ATOM   554  N  N   . ALA A 1 74  ? -8.505  6.056   -11.884 1.00 39.82 ? 74  ALA A N   1 
ATOM   555  C  CA  . ALA A 1 74  ? -7.128  5.719   -12.078 1.00 36.33 ? 74  ALA A CA  1 
ATOM   556  C  C   . ALA A 1 74  ? -6.326  6.441   -10.992 1.00 35.75 ? 74  ALA A C   1 
ATOM   557  O  O   . ALA A 1 74  ? -6.689  7.523   -10.595 1.00 35.32 ? 74  ALA A O   1 
ATOM   558  C  CB  . ALA A 1 74  ? -6.670  6.151   -13.453 1.00 33.80 ? 74  ALA A CB  1 
ATOM   559  N  N   . VAL A 1 75  ? -5.277  5.779   -10.505 1.00 35.65 ? 75  VAL A N   1 
ATOM   560  C  CA  . VAL A 1 75  ? -4.265  6.321   -9.610  1.00 32.52 ? 75  VAL A CA  1 
ATOM   561  C  C   . VAL A 1 75  ? -2.932  6.175   -10.359 1.00 30.03 ? 75  VAL A C   1 
ATOM   562  O  O   . VAL A 1 75  ? -2.638  5.116   -10.871 1.00 28.71 ? 75  VAL A O   1 
ATOM   563  C  CB  . VAL A 1 75  ? -4.197  5.453   -8.349  1.00 35.57 ? 75  VAL A CB  1 
ATOM   564  C  CG1 . VAL A 1 75  ? -2.998  5.812   -7.480  1.00 37.09 ? 75  VAL A CG1 1 
ATOM   565  C  CG2 . VAL A 1 75  ? -5.504  5.531   -7.581  1.00 37.60 ? 75  VAL A CG2 1 
ATOM   566  N  N   . PRO A 1 76  ? -2.103  7.219   -10.386 1.00 31.03 ? 76  PRO A N   1 
ATOM   567  C  CA  . PRO A 1 76  ? -0.880  7.131   -11.172 1.00 28.55 ? 76  PRO A CA  1 
ATOM   568  C  C   . PRO A 1 76  ? 0.052   6.073   -10.637 1.00 26.77 ? 76  PRO A C   1 
ATOM   569  O  O   . PRO A 1 76  ? 0.182   5.915   -9.411  1.00 24.90 ? 76  PRO A O   1 
ATOM   570  C  CB  . PRO A 1 76  ? -0.238  8.525   -11.002 1.00 31.60 ? 76  PRO A CB  1 
ATOM   571  C  CG  . PRO A 1 76  ? -0.825  9.070   -9.726  1.00 33.08 ? 76  PRO A CG  1 
ATOM   572  C  CD  . PRO A 1 76  ? -2.227  8.520   -9.677  1.00 32.76 ? 76  PRO A CD  1 
ATOM   573  N  N   . LEU A 1 77  ? 0.672   5.343   -11.554 1.00 22.98 ? 77  LEU A N   1 
ATOM   574  C  CA  . LEU A 1 77  ? 1.618   4.326   -11.185 1.00 22.83 ? 77  LEU A CA  1 
ATOM   575  C  C   . LEU A 1 77  ? 2.786   5.027   -10.502 1.00 21.34 ? 77  LEU A C   1 
ATOM   576  O  O   . LEU A 1 77  ? 3.345   5.958   -11.043 1.00 20.35 ? 77  LEU A O   1 
ATOM   577  C  CB  . LEU A 1 77  ? 2.068   3.508   -12.411 1.00 23.98 ? 77  LEU A CB  1 
ATOM   578  C  CG  . LEU A 1 77  ? 1.031   2.493   -12.989 1.00 26.32 ? 77  LEU A CG  1 
ATOM   579  C  CD1 . LEU A 1 77  ? 1.370   2.041   -14.424 1.00 28.51 ? 77  LEU A CD1 1 
ATOM   580  C  CD2 . LEU A 1 77  ? 0.857   1.267   -12.108 1.00 25.52 ? 77  LEU A CD2 1 
ATOM   581  N  N   . THR A 1 78  ? 3.148   4.597   -9.304  1.00 19.41 ? 78  THR A N   1 
ATOM   582  C  CA  . THR A 1 78  ? 4.067   5.384   -8.524  1.00 19.35 ? 78  THR A CA  1 
ATOM   583  C  C   . THR A 1 78  ? 4.912   4.451   -7.704  1.00 19.64 ? 78  THR A C   1 
ATOM   584  O  O   . THR A 1 78  ? 4.410   3.468   -7.126  1.00 20.52 ? 78  THR A O   1 
ATOM   585  C  CB  . THR A 1 78  ? 3.304   6.324   -7.572  1.00 19.98 ? 78  THR A CB  1 
ATOM   586  O  OG1 . THR A 1 78  ? 2.379   7.144   -8.301  1.00 18.87 ? 78  THR A OG1 1 
ATOM   587  C  CG2 . THR A 1 78  ? 4.270   7.216   -6.824  1.00 22.12 ? 78  THR A CG2 1 
ATOM   588  N  N   . ALA A 1 79  ? 6.199   4.744   -7.670  1.00 17.81 ? 79  ALA A N   1 
ATOM   589  C  CA  . ALA A 1 79  ? 7.105   4.125   -6.750  1.00 18.11 ? 79  ALA A CA  1 
ATOM   590  C  C   . ALA A 1 79  ? 7.569   5.244   -5.813  1.00 19.06 ? 79  ALA A C   1 
ATOM   591  O  O   . ALA A 1 79  ? 8.055   6.261   -6.287  1.00 21.42 ? 79  ALA A O   1 
ATOM   592  C  CB  . ALA A 1 79  ? 8.275   3.532   -7.491  1.00 18.21 ? 79  ALA A CB  1 
ATOM   593  N  N   . LEU A 1 80  ? 7.408   5.044   -4.498  1.00 19.69 ? 80  LEU A N   1 
ATOM   594  C  CA  . LEU A 1 80  ? 7.639   6.070   -3.499  1.00 19.38 ? 80  LEU A CA  1 
ATOM   595  C  C   . LEU A 1 80  ? 8.518   5.558   -2.366  1.00 20.72 ? 80  LEU A C   1 
ATOM   596  O  O   . LEU A 1 80  ? 8.183   4.573   -1.657  1.00 20.18 ? 80  LEU A O   1 
ATOM   597  C  CB  . LEU A 1 80  ? 6.296   6.545   -2.924  1.00 21.49 ? 80  LEU A CB  1 
ATOM   598  C  CG  . LEU A 1 80  ? 6.301   7.763   -1.993  1.00 22.44 ? 80  LEU A CG  1 
ATOM   599  C  CD1 . LEU A 1 80  ? 6.818   8.972   -2.728  1.00 21.90 ? 80  LEU A CD1 1 
ATOM   600  C  CD2 . LEU A 1 80  ? 4.895   8.047   -1.441  1.00 25.04 ? 80  LEU A CD2 1 
ATOM   601  N  N   . ALA A 1 81  ? 9.635   6.268   -2.167  1.00 21.80 ? 81  ALA A N   1 
ATOM   602  C  CA  . ALA A 1 81  ? 10.542  5.994   -1.056  1.00 21.54 ? 81  ALA A CA  1 
ATOM   603  C  C   . ALA A 1 81  ? 10.416  7.038   0.040   1.00 20.32 ? 81  ALA A C   1 
ATOM   604  O  O   . ALA A 1 81  ? 10.126  8.182   -0.234  1.00 19.09 ? 81  ALA A O   1 
ATOM   605  C  CB  . ALA A 1 81  ? 11.970  5.962   -1.542  1.00 21.63 ? 81  ALA A CB  1 
ATOM   606  N  N   . ASN A 1 82  ? 10.704  6.593   1.259   1.00 20.28 ? 82  ASN A N   1 
ATOM   607  C  CA  . ASN A 1 82  ? 10.734  7.410   2.438   1.00 21.85 ? 82  ASN A CA  1 
ATOM   608  C  C   . ASN A 1 82  ? 9.478   8.268   2.591   1.00 22.98 ? 82  ASN A C   1 
ATOM   609  O  O   . ASN A 1 82  ? 9.556   9.467   2.911   1.00 23.18 ? 82  ASN A O   1 
ATOM   610  C  CB  . ASN A 1 82  ? 12.028  8.224   2.459   1.00 21.27 ? 82  ASN A CB  1 
ATOM   611  C  CG  . ASN A 1 82  ? 13.239  7.322   2.378   1.00 23.20 ? 82  ASN A CG  1 
ATOM   612  O  OD1 . ASN A 1 82  ? 13.142  6.130   2.682   1.00 24.01 ? 82  ASN A OD1 1 
ATOM   613  N  ND2 . ASN A 1 82  ? 14.380  7.851   1.934   1.00 22.34 ? 82  ASN A ND2 1 
ATOM   614  N  N   . ALA A 1 83  ? 8.323   7.637   2.370   1.00 21.25 ? 83  ALA A N   1 
ATOM   615  C  CA  . ALA A 1 83  ? 7.048   8.328   2.436   1.00 24.21 ? 83  ALA A CA  1 
ATOM   616  C  C   . ALA A 1 83  ? 6.794   9.001   3.778   1.00 24.93 ? 83  ALA A C   1 
ATOM   617  O  O   . ALA A 1 83  ? 7.026   8.444   4.848   1.00 20.45 ? 83  ALA A O   1 
ATOM   618  C  CB  . ALA A 1 83  ? 5.881   7.365   2.149   1.00 25.79 ? 83  ALA A CB  1 
ATOM   619  N  N   . GLN A 1 84  ? 6.240   10.192  3.726   1.00 28.29 ? 84  GLN A N   1 
ATOM   620  C  CA  . GLN A 1 84  ? 5.661   10.746  4.932   1.00 30.44 ? 84  GLN A CA  1 
ATOM   621  C  C   . GLN A 1 84  ? 4.297   11.273  4.538   1.00 28.06 ? 84  GLN A C   1 
ATOM   622  O  O   . GLN A 1 84  ? 4.044   11.598  3.384   1.00 25.02 ? 84  GLN A O   1 
ATOM   623  C  CB  . GLN A 1 84  ? 6.590   11.765  5.589   1.00 35.10 ? 84  GLN A CB  1 
ATOM   624  C  CG  . GLN A 1 84  ? 7.059   12.859  4.675   1.00 44.58 ? 84  GLN A CG  1 
ATOM   625  C  CD  . GLN A 1 84  ? 7.947   13.906  5.380   1.00 55.97 ? 84  GLN A CD  1 
ATOM   626  O  OE1 . GLN A 1 84  ? 9.065   13.600  5.830   1.00 58.23 ? 84  GLN A OE1 1 
ATOM   627  N  NE2 . GLN A 1 84  ? 7.457   15.159  5.441   1.00 55.18 ? 84  GLN A NE2 1 
ATOM   628  N  N   . ILE A 1 85  ? 3.393   11.244  5.498   1.00 27.33 ? 85  ILE A N   1 
ATOM   629  C  CA  . ILE A 1 85  ? 2.002   11.445  5.247   1.00 26.97 ? 85  ILE A CA  1 
ATOM   630  C  C   . ILE A 1 85  ? 1.418   12.402  6.291   1.00 27.27 ? 85  ILE A C   1 
ATOM   631  O  O   . ILE A 1 85  ? 1.746   12.332  7.465   1.00 24.14 ? 85  ILE A O   1 
ATOM   632  C  CB  . ILE A 1 85  ? 1.317   10.093  5.340   1.00 28.95 ? 85  ILE A CB  1 
ATOM   633  C  CG1 . ILE A 1 85  ? 1.517   9.371   4.057   1.00 32.63 ? 85  ILE A CG1 1 
ATOM   634  C  CG2 . ILE A 1 85  ? -0.170  10.204  5.555   1.00 30.50 ? 85  ILE A CG2 1 
ATOM   635  C  CD1 . ILE A 1 85  ? 0.883   8.010   4.102   1.00 39.13 ? 85  ILE A CD1 1 
ATOM   636  N  N   . GLU A 1 86  ? 0.481   13.222  5.840   1.00 29.00 ? 86  GLU A N   1 
ATOM   637  C  CA  . GLU A 1 86  ? -0.101  14.280  6.635   1.00 32.16 ? 86  GLU A CA  1 
ATOM   638  C  C   . GLU A 1 86  ? -1.555  14.308  6.228   1.00 28.01 ? 86  GLU A C   1 
ATOM   639  O  O   . GLU A 1 86  ? -1.869  14.431  5.044   1.00 27.15 ? 86  GLU A O   1 
ATOM   640  C  CB  . GLU A 1 86  ? 0.609   15.600  6.246   1.00 37.04 ? 86  GLU A CB  1 
ATOM   641  C  CG  . GLU A 1 86  ? 0.312   16.831  7.085   1.00 48.11 ? 86  GLU A CG  1 
ATOM   642  C  CD  . GLU A 1 86  ? 1.067   18.087  6.618   1.00 52.62 ? 86  GLU A CD  1 
ATOM   643  O  OE1 . GLU A 1 86  ? 1.966   18.002  5.717   1.00 57.51 ? 86  GLU A OE1 1 
ATOM   644  O  OE2 . GLU A 1 86  ? 0.736   19.169  7.160   1.00 54.27 ? 86  GLU A OE2 1 
ATOM   645  N  N   . PRO A 1 87  ? -2.458  14.168  7.193   1.00 27.56 ? 87  PRO A N   1 
ATOM   646  C  CA  . PRO A 1 87  ? -3.868  14.387  6.883   1.00 27.78 ? 87  PRO A CA  1 
ATOM   647  C  C   . PRO A 1 87  ? -4.171  15.885  6.667   1.00 24.93 ? 87  PRO A C   1 
ATOM   648  O  O   . PRO A 1 87  ? -3.534  16.711  7.280   1.00 23.25 ? 87  PRO A O   1 
ATOM   649  C  CB  . PRO A 1 87  ? -4.576  13.856  8.126   1.00 29.46 ? 87  PRO A CB  1 
ATOM   650  C  CG  . PRO A 1 87  ? -3.584  14.050  9.226   1.00 30.13 ? 87  PRO A CG  1 
ATOM   651  C  CD  . PRO A 1 87  ? -2.248  13.793  8.605   1.00 29.06 ? 87  PRO A CD  1 
ATOM   652  N  N   . LEU A 1 88  ? -5.074  16.201  5.751   1.00 24.25 ? 88  LEU A N   1 
ATOM   653  C  CA  . LEU A 1 88  ? -5.431  17.593  5.393   1.00 26.37 ? 88  LEU A CA  1 
ATOM   654  C  C   . LEU A 1 88  ? -6.770  18.064  5.959   1.00 27.25 ? 88  LEU A C   1 
ATOM   655  O  O   . LEU A 1 88  ? -7.159  19.220  5.771   1.00 25.06 ? 88  LEU A O   1 
ATOM   656  C  CB  . LEU A 1 88  ? -5.461  17.754  3.865   1.00 27.86 ? 88  LEU A CB  1 
ATOM   657  C  CG  . LEU A 1 88  ? -4.064  17.461  3.263   1.00 29.02 ? 88  LEU A CG  1 
ATOM   658  C  CD1 . LEU A 1 88  ? -4.130  17.607  1.764   1.00 30.73 ? 88  LEU A CD1 1 
ATOM   659  C  CD2 . LEU A 1 88  ? -2.955  18.321  3.861   1.00 28.76 ? 88  LEU A CD2 1 
ATOM   660  N  N   . SER A 1 89  ? -7.487  17.125  6.577   1.00 28.72 ? 89  SER A N   1 
ATOM   661  C  CA  . SER A 1 89  ? -8.616  17.414  7.436   1.00 30.34 ? 89  SER A CA  1 
ATOM   662  C  C   . SER A 1 89  ? -8.775  16.211  8.362   1.00 34.37 ? 89  SER A C   1 
ATOM   663  O  O   . SER A 1 89  ? -7.992  15.253  8.269   1.00 34.62 ? 89  SER A O   1 
ATOM   664  C  CB  . SER A 1 89  ? -9.875  17.714  6.614   1.00 29.87 ? 89  SER A CB  1 
ATOM   665  O  OG  . SER A 1 89  ? -10.781 16.674  6.505   1.00 27.98 ? 89  SER A OG  1 
ATOM   666  N  N   . ASP A 1 90  ? -9.748  16.307  9.263   1.00 32.81 ? 90  ASP A N   1 
ATOM   667  C  CA  . ASP A 1 90  ? -10.142 15.238  10.160  1.00 32.04 ? 90  ASP A CA  1 
ATOM   668  C  C   . ASP A 1 90  ? -11.183 14.342  9.528   1.00 27.70 ? 90  ASP A C   1 
ATOM   669  O  O   . ASP A 1 90  ? -11.469 13.319  10.089  1.00 27.22 ? 90  ASP A O   1 
ATOM   670  C  CB  . ASP A 1 90  ? -10.712 15.798  11.486  1.00 38.19 ? 90  ASP A CB  1 
ATOM   671  C  CG  . ASP A 1 90  ? -9.624  16.078  12.529  1.00 47.77 ? 90  ASP A CG  1 
ATOM   672  O  OD1 . ASP A 1 90  ? -8.668  15.264  12.605  1.00 59.80 ? 90  ASP A OD1 1 
ATOM   673  O  OD2 . ASP A 1 90  ? -9.715  17.091  13.290  1.00 53.29 ? 90  ASP A OD2 1 
ATOM   674  N  N   . GLU A 1 91  ? -11.735 14.689  8.373   1.00 26.53 ? 91  GLU A N   1 
ATOM   675  C  CA  . GLU A 1 91  ? -12.792 13.873  7.778   1.00 28.74 ? 91  GLU A CA  1 
ATOM   676  C  C   . GLU A 1 91  ? -12.289 12.439  7.480   1.00 33.12 ? 91  GLU A C   1 
ATOM   677  O  O   . GLU A 1 91  ? -11.228 12.254  6.848   1.00 31.55 ? 91  GLU A O   1 
ATOM   678  C  CB  . GLU A 1 91  ? -13.336 14.538  6.507   1.00 28.19 ? 91  GLU A CB  1 
ATOM   679  C  CG  . GLU A 1 91  ? -14.584 13.876  5.875   1.00 28.14 ? 91  GLU A CG  1 
ATOM   680  C  CD  . GLU A 1 91  ? -15.082 14.667  4.681   1.00 31.22 ? 91  GLU A CD  1 
ATOM   681  O  OE1 . GLU A 1 91  ? -16.165 14.340  4.107   1.00 32.85 ? 91  GLU A OE1 1 
ATOM   682  O  OE2 . GLU A 1 91  ? -14.382 15.661  4.315   1.00 33.15 ? 91  GLU A OE2 1 
ATOM   683  N  N   . MET A 1 92  ? -13.025 11.431  7.984   1.00 33.97 ? 92  MET A N   1 
ATOM   684  C  CA  . MET A 1 92  ? -12.744 10.021  7.674   1.00 33.64 ? 92  MET A CA  1 
ATOM   685  C  C   . MET A 1 92  ? -13.761 9.491   6.663   1.00 32.16 ? 92  MET A C   1 
ATOM   686  O  O   . MET A 1 92  ? -14.853 10.037  6.526   1.00 31.91 ? 92  MET A O   1 
ATOM   687  C  CB  . MET A 1 92  ? -12.786 9.166   8.927   1.00 34.56 ? 92  MET A CB  1 
ATOM   688  C  CG  . MET A 1 92  ? -11.988 9.739   10.071  1.00 39.09 ? 92  MET A CG  1 
ATOM   689  S  SD  . MET A 1 92  ? -10.228 9.602   9.757   1.00 39.99 ? 92  MET A SD  1 
ATOM   690  C  CE  . MET A 1 92  ? -9.910  7.912   10.221  1.00 34.91 ? 92  MET A CE  1 
ATOM   691  N  N   . GLU A 1 93  ? -13.382 8.423   5.961   1.00 31.54 ? 93  GLU A N   1 
ATOM   692  C  CA  . GLU A 1 93  ? -14.251 7.716   5.015   1.00 31.26 ? 93  GLU A CA  1 
ATOM   693  C  C   . GLU A 1 93  ? -14.017 6.198   5.131   1.00 30.60 ? 93  GLU A C   1 
ATOM   694  O  O   . GLU A 1 93  ? -12.876 5.697   5.196   1.00 26.87 ? 93  GLU A O   1 
ATOM   695  C  CB  . GLU A 1 93  ? -13.918 8.155   3.614   1.00 34.95 ? 93  GLU A CB  1 
ATOM   696  C  CG  . GLU A 1 93  ? -14.981 7.926   2.556   1.00 38.71 ? 93  GLU A CG  1 
ATOM   697  C  CD  . GLU A 1 93  ? -14.672 8.745   1.308   1.00 43.07 ? 93  GLU A CD  1 
ATOM   698  O  OE1 . GLU A 1 93  ? -13.649 8.471   0.672   1.00 44.59 ? 93  GLU A OE1 1 
ATOM   699  O  OE2 . GLU A 1 93  ? -15.410 9.699   0.979   1.00 50.80 ? 93  GLU A OE2 1 
ATOM   700  N  N   . ASN A 1 94  ? -15.116 5.473   5.192   1.00 29.98 ? 94  ASN A N   1 
ATOM   701  C  CA  . ASN A 1 94  ? -15.073 4.033   5.197   1.00 29.31 ? 94  ASN A CA  1 
ATOM   702  C  C   . ASN A 1 94  ? -14.988 3.532   3.783   1.00 27.29 ? 94  ASN A C   1 
ATOM   703  O  O   . ASN A 1 94  ? -15.602 4.108   2.892   1.00 28.03 ? 94  ASN A O   1 
ATOM   704  C  CB  . ASN A 1 94  ? -16.342 3.505   5.811   1.00 28.88 ? 94  ASN A CB  1 
ATOM   705  C  CG  . ASN A 1 94  ? -16.374 3.699   7.274   1.00 30.62 ? 94  ASN A CG  1 
ATOM   706  O  OD1 . ASN A 1 94  ? -15.392 3.432   8.013   1.00 29.76 ? 94  ASN A OD1 1 
ATOM   707  N  ND2 . ASN A 1 94  ? -17.504 4.183   7.733   1.00 33.78 ? 94  ASN A ND2 1 
ATOM   708  N  N   . GLY A 1 95  ? -14.239 2.457   3.581   1.00 25.19 ? 95  GLY A N   1 
ATOM   709  C  CA  . GLY A 1 95  ? -14.194 1.747   2.308   1.00 22.65 ? 95  GLY A CA  1 
ATOM   710  C  C   . GLY A 1 95  ? -13.594 0.348   2.503   1.00 24.21 ? 95  GLY A C   1 
ATOM   711  O  O   . GLY A 1 95  ? -12.911 0.081   3.526   1.00 22.12 ? 95  GLY A O   1 
ATOM   712  N  N   . TRP A 1 96  ? -13.853 -0.532  1.525   1.00 22.26 ? 96  TRP A N   1 
ATOM   713  C  CA  . TRP A 1 96  ? -13.288 -1.863  1.498   1.00 23.75 ? 96  TRP A CA  1 
ATOM   714  C  C   . TRP A 1 96  ? -11.764 -1.904  1.252   1.00 24.57 ? 96  TRP A C   1 
ATOM   715  O  O   . TRP A 1 96  ? -11.245 -1.268  0.356   1.00 27.56 ? 96  TRP A O   1 
ATOM   716  C  CB  . TRP A 1 96  ? -14.010 -2.707  0.446   1.00 24.10 ? 96  TRP A CB  1 
ATOM   717  C  CG  . TRP A 1 96  ? -15.434 -2.969  0.837   1.00 26.75 ? 96  TRP A CG  1 
ATOM   718  C  CD1 . TRP A 1 96  ? -16.541 -2.342  0.359   1.00 26.17 ? 96  TRP A CD1 1 
ATOM   719  C  CD2 . TRP A 1 96  ? -15.900 -3.920  1.812   1.00 24.89 ? 96  TRP A CD2 1 
ATOM   720  N  NE1 . TRP A 1 96  ? -17.667 -2.855  0.955   1.00 26.72 ? 96  TRP A NE1 1 
ATOM   721  C  CE2 . TRP A 1 96  ? -17.306 -3.829  1.843   1.00 25.67 ? 96  TRP A CE2 1 
ATOM   722  C  CE3 . TRP A 1 96  ? -15.262 -4.851  2.629   1.00 25.86 ? 96  TRP A CE3 1 
ATOM   723  C  CZ2 . TRP A 1 96  ? -18.098 -4.607  2.692   1.00 25.69 ? 96  TRP A CZ2 1 
ATOM   724  C  CZ3 . TRP A 1 96  ? -16.030 -5.627  3.481   1.00 28.13 ? 96  TRP A CZ3 1 
ATOM   725  C  CH2 . TRP A 1 96  ? -17.453 -5.505  3.505   1.00 27.17 ? 96  TRP A CH2 1 
ATOM   726  N  N   . GLU A 1 97  ? -11.056 -2.666  2.064   1.00 23.14 ? 97  GLU A N   1 
ATOM   727  C  CA  . GLU A 1 97  ? -9.673  -3.031  1.775   1.00 21.60 ? 97  GLU A CA  1 
ATOM   728  C  C   . GLU A 1 97  ? -9.481  -4.545  1.914   1.00 21.35 ? 97  GLU A C   1 
ATOM   729  O  O   . GLU A 1 97  ? -10.215 -5.198  2.651   1.00 18.77 ? 97  GLU A O   1 
ATOM   730  C  CB  . GLU A 1 97  ? -8.736  -2.329  2.745   1.00 21.01 ? 97  GLU A CB  1 
ATOM   731  C  CG  . GLU A 1 97  ? -8.820  -0.817  2.673   1.00 20.82 ? 97  GLU A CG  1 
ATOM   732  C  CD  . GLU A 1 97  ? -7.848  -0.110  3.594   1.00 20.66 ? 97  GLU A CD  1 
ATOM   733  O  OE1 . GLU A 1 97  ? -6.874  -0.731  4.109   1.00 19.98 ? 97  GLU A OE1 1 
ATOM   734  O  OE2 . GLU A 1 97  ? -8.085  1.092   3.817   1.00 19.46 ? 97  GLU A OE2 1 
ATOM   735  N  N   . GLY A 1 98  ? -8.498  -5.068  1.181   1.00 20.90 ? 98  GLY A N   1 
ATOM   736  C  CA  . GLY A 1 98  ? -7.964  -6.405  1.349   1.00 21.44 ? 98  GLY A CA  1 
ATOM   737  C  C   . GLY A 1 98  ? -6.446  -6.319  1.264   1.00 23.85 ? 98  GLY A C   1 
ATOM   738  O  O   . GLY A 1 98  ? -5.921  -5.269  0.919   1.00 21.80 ? 98  GLY A O   1 
HETATM 739  N  N   . CSD A 1 99  ? -5.741  -7.409  1.565   1.00 25.14 ? 99  CSD A N   1 
HETATM 740  C  CA  . CSD A 1 99  ? -4.273  -7.374  1.688   1.00 28.91 ? 99  CSD A CA  1 
HETATM 741  C  CB  . CSD A 1 99  ? -3.879  -7.327  3.174   1.00 31.94 ? 99  CSD A CB  1 
HETATM 742  S  SG  . CSD A 1 99  ? -2.323  -6.879  3.682   1.00 34.11 ? 99  CSD A SG  1 
HETATM 743  C  C   . CSD A 1 99  ? -3.788  -8.627  1.028   1.00 28.53 ? 99  CSD A C   1 
HETATM 744  O  O   . CSD A 1 99  ? -4.355  -9.712  1.191   1.00 28.62 ? 99  CSD A O   1 
HETATM 745  O  OD1 . CSD A 1 99  ? -1.378  -7.516  2.823   1.00 44.72 ? 99  CSD A OD1 1 
HETATM 746  O  OD2 . CSD A 1 99  ? -2.276  -5.487  3.984   1.00 42.49 ? 99  CSD A OD2 1 
ATOM   747  N  N   . LEU A 1 100 ? -2.702  -8.517  0.296   1.00 29.90 ? 100 LEU A N   1 
ATOM   748  C  CA  . LEU A 1 100 ? -2.119  -9.717  -0.338  1.00 28.80 ? 100 LEU A CA  1 
ATOM   749  C  C   . LEU A 1 100 ? -1.429  -10.615 0.706   1.00 30.55 ? 100 LEU A C   1 
ATOM   750  O  O   . LEU A 1 100 ? -1.284  -11.835 0.505   1.00 33.92 ? 100 LEU A O   1 
ATOM   751  C  CB  . LEU A 1 100 ? -1.150  -9.299  -1.419  1.00 29.06 ? 100 LEU A CB  1 
ATOM   752  C  CG  . LEU A 1 100 ? -1.792  -8.366  -2.447  1.00 31.15 ? 100 LEU A CG  1 
ATOM   753  C  CD1 . LEU A 1 100 ? -0.725  -7.651  -3.274  1.00 31.76 ? 100 LEU A CD1 1 
ATOM   754  C  CD2 . LEU A 1 100 ? -2.776  -9.141  -3.308  1.00 31.80 ? 100 LEU A CD2 1 
ATOM   755  N  N   . SER A 1 101 ? -1.028  -10.017 1.832   1.00 28.61 ? 101 SER A N   1 
ATOM   756  C  CA  . SER A 1 101 ? -0.493  -10.769 2.944   1.00 29.25 ? 101 SER A CA  1 
ATOM   757  C  C   . SER A 1 101 ? -1.638  -11.456 3.739   1.00 30.31 ? 101 SER A C   1 
ATOM   758  O  O   . SER A 1 101 ? -1.365  -12.281 4.616   1.00 28.16 ? 101 SER A O   1 
ATOM   759  C  CB  . SER A 1 101 ? 0.420   -9.868  3.807   1.00 28.07 ? 101 SER A CB  1 
ATOM   760  O  OG  . SER A 1 101 ? 1.471   -9.349  3.005   1.00 26.16 ? 101 SER A OG  1 
ATOM   761  N  N   . ILE A 1 102 ? -2.899  -11.152 3.388   1.00 31.85 ? 102 ILE A N   1 
ATOM   762  C  CA  . ILE A 1 102 ? -4.076  -11.767 4.020   1.00 35.84 ? 102 ILE A CA  1 
ATOM   763  C  C   . ILE A 1 102 ? -5.050  -12.229 2.938   1.00 35.98 ? 102 ILE A C   1 
ATOM   764  O  O   . ILE A 1 102 ? -6.140  -11.659 2.789   1.00 36.12 ? 102 ILE A O   1 
ATOM   765  C  CB  . ILE A 1 102 ? -4.817  -10.796 4.982   1.00 36.60 ? 102 ILE A CB  1 
ATOM   766  C  CG1 . ILE A 1 102 ? -3.836  -10.048 5.894   1.00 39.62 ? 102 ILE A CG1 1 
ATOM   767  C  CG2 . ILE A 1 102 ? -5.796  -11.567 5.881   1.00 37.71 ? 102 ILE A CG2 1 
ATOM   768  C  CD1 . ILE A 1 102 ? -4.446  -8.859  6.613   1.00 40.01 ? 102 ILE A CD1 1 
ATOM   769  N  N   . PRO A 1 103 ? -4.658  -13.262 2.172   1.00 36.20 ? 103 PRO A N   1 
ATOM   770  C  CA  . PRO A 1 103 ? -5.438  -13.578 0.968   1.00 33.15 ? 103 PRO A CA  1 
ATOM   771  C  C   . PRO A 1 103 ? -6.825  -14.060 1.310   1.00 32.45 ? 103 PRO A C   1 
ATOM   772  O  O   . PRO A 1 103 ? -6.990  -14.823 2.261   1.00 35.79 ? 103 PRO A O   1 
ATOM   773  C  CB  . PRO A 1 103 ? -4.645  -14.697 0.282   1.00 32.80 ? 103 PRO A CB  1 
ATOM   774  C  CG  . PRO A 1 103 ? -3.534  -15.064 1.213   1.00 33.67 ? 103 PRO A CG  1 
ATOM   775  C  CD  . PRO A 1 103 ? -3.369  -13.981 2.223   1.00 34.94 ? 103 PRO A CD  1 
ATOM   776  N  N   . GLY A 1 104 ? -7.806  -13.589 0.554   1.00 31.40 ? 104 GLY A N   1 
ATOM   777  C  CA  . GLY A 1 104 ? -9.149  -14.072 0.656   1.00 33.03 ? 104 GLY A CA  1 
ATOM   778  C  C   . GLY A 1 104 ? -10.037 -13.185 1.496   1.00 33.38 ? 104 GLY A C   1 
ATOM   779  O  O   . GLY A 1 104 ? -11.263 -13.330 1.471   1.00 37.98 ? 104 GLY A O   1 
ATOM   780  N  N   . LEU A 1 105 ? -9.455  -12.263 2.242   1.00 32.02 ? 105 LEU A N   1 
ATOM   781  C  CA  . LEU A 1 105 ? -10.263 -11.459 3.137   1.00 30.54 ? 105 LEU A CA  1 
ATOM   782  C  C   . LEU A 1 105 ? -10.325 -10.001 2.715   1.00 29.80 ? 105 LEU A C   1 
ATOM   783  O  O   . LEU A 1 105 ? -9.542  -9.523  1.838   1.00 32.85 ? 105 LEU A O   1 
ATOM   784  C  CB  . LEU A 1 105 ? -9.744  -11.595 4.568   1.00 29.49 ? 105 LEU A CB  1 
ATOM   785  C  CG  . LEU A 1 105 ? -9.893  -13.013 5.116   1.00 31.15 ? 105 LEU A CG  1 
ATOM   786  C  CD1 . LEU A 1 105 ? -9.076  -13.197 6.350   1.00 31.85 ? 105 LEU A CD1 1 
ATOM   787  C  CD2 . LEU A 1 105 ? -11.346 -13.347 5.438   1.00 33.92 ? 105 LEU A CD2 1 
ATOM   788  N  N   . ARG A 1 106 ? -11.350 -9.362  3.278   1.00 30.01 ? 106 ARG A N   1 
ATOM   789  C  CA  . ARG A 1 106 ? -11.499 -7.917  3.320   1.00 30.76 ? 106 ARG A CA  1 
ATOM   790  C  C   . ARG A 1 106 ? -12.370 -7.441  4.523   1.00 28.77 ? 106 ARG A C   1 
ATOM   791  O  O   . ARG A 1 106 ? -13.066 -8.231  5.168   1.00 25.13 ? 106 ARG A O   1 
ATOM   792  C  CB  . ARG A 1 106 ? -12.067 -7.389  1.997   1.00 31.92 ? 106 ARG A CB  1 
ATOM   793  C  CG  . ARG A 1 106 ? -13.259 -8.128  1.451   1.00 34.99 ? 106 ARG A CG  1 
ATOM   794  C  CD  . ARG A 1 106 ? -13.901 -7.360  0.286   1.00 38.46 ? 106 ARG A CD  1 
ATOM   795  N  NE  . ARG A 1 106 ? -14.939 -8.155  -0.386  1.00 43.26 ? 106 ARG A NE  1 
ATOM   796  C  CZ  . ARG A 1 106 ? -16.248 -7.872  -0.459  1.00 45.06 ? 106 ARG A CZ  1 
ATOM   797  N  NH1 . ARG A 1 106 ? -16.775 -6.758  0.037   1.00 43.97 ? 106 ARG A NH1 1 
ATOM   798  N  NH2 . ARG A 1 106 ? -17.046 -8.723  -1.081  1.00 47.51 ? 106 ARG A NH2 1 
ATOM   799  N  N   . ALA A 1 107 ? -12.269 -6.135  4.813   1.00 26.76 ? 107 ALA A N   1 
ATOM   800  C  CA  . ALA A 1 107 ? -13.081 -5.428  5.793   1.00 23.92 ? 107 ALA A CA  1 
ATOM   801  C  C   . ALA A 1 107 ? -13.247 -3.995  5.378   1.00 23.18 ? 107 ALA A C   1 
ATOM   802  O  O   . ALA A 1 107 ? -12.540 -3.490  4.512   1.00 22.56 ? 107 ALA A O   1 
ATOM   803  C  CB  . ALA A 1 107 ? -12.424 -5.481  7.170   1.00 23.06 ? 107 ALA A CB  1 
ATOM   804  N  N   . VAL A 1 108 ? -14.134 -3.307  6.070   1.00 23.51 ? 108 VAL A N   1 
ATOM   805  C  CA  . VAL A 1 108 ? -14.302 -1.883  5.885   1.00 22.65 ? 108 VAL A CA  1 
ATOM   806  C  C   . VAL A 1 108 ? -13.399 -1.189  6.872   1.00 23.17 ? 108 VAL A C   1 
ATOM   807  O  O   . VAL A 1 108 ? -13.425 -1.510  8.065   1.00 25.97 ? 108 VAL A O   1 
ATOM   808  C  CB  . VAL A 1 108 ? -15.753 -1.466  6.106   1.00 23.56 ? 108 VAL A CB  1 
ATOM   809  C  CG1 . VAL A 1 108 ? -15.884 0.056   6.171   1.00 24.05 ? 108 VAL A CG1 1 
ATOM   810  C  CG2 . VAL A 1 108 ? -16.611 -2.016  4.985   1.00 24.51 ? 108 VAL A CG2 1 
ATOM   811  N  N   . ILE A 1 109 ? -12.599 -0.248  6.370   1.00 23.70 ? 109 ILE A N   1 
ATOM   812  C  CA  . ILE A 1 109 ? -11.603 0.464   7.160   1.00 23.10 ? 109 ILE A CA  1 
ATOM   813  C  C   . ILE A 1 109 ? -11.860 1.949   7.006   1.00 23.05 ? 109 ILE A C   1 
ATOM   814  O  O   . ILE A 1 109 ? -12.090 2.427   5.885   1.00 22.24 ? 109 ILE A O   1 
ATOM   815  C  CB  . ILE A 1 109 ? -10.195 0.162   6.648   1.00 24.02 ? 109 ILE A CB  1 
ATOM   816  C  CG1 . ILE A 1 109 ? -9.933  -1.355  6.568   1.00 28.54 ? 109 ILE A CG1 1 
ATOM   817  C  CG2 . ILE A 1 109 ? -9.169  0.770   7.546   1.00 24.46 ? 109 ILE A CG2 1 
ATOM   818  C  CD1 . ILE A 1 109 ? -9.977  -2.065  7.912   1.00 29.29 ? 109 ILE A CD1 1 
ATOM   819  N  N   . PRO A 1 110 ? -11.866 2.687   8.129   1.00 24.97 ? 110 PRO A N   1 
ATOM   820  C  CA  . PRO A 1 110 ? -11.933 4.135   8.021   1.00 25.92 ? 110 PRO A CA  1 
ATOM   821  C  C   . PRO A 1 110 ? -10.565 4.720   7.701   1.00 23.25 ? 110 PRO A C   1 
ATOM   822  O  O   . PRO A 1 110 ? -9.611  4.381   8.342   1.00 23.60 ? 110 PRO A O   1 
ATOM   823  C  CB  . PRO A 1 110 ? -12.396 4.563   9.420   1.00 23.76 ? 110 PRO A CB  1 
ATOM   824  C  CG  . PRO A 1 110 ? -11.813 3.547   10.326  1.00 24.54 ? 110 PRO A CG  1 
ATOM   825  C  CD  . PRO A 1 110 ? -11.758 2.261   9.551   1.00 26.02 ? 110 PRO A CD  1 
ATOM   826  N  N   . ARG A 1 111 ? -10.484 5.593   6.722   1.00 23.63 ? 111 ARG A N   1 
ATOM   827  C  CA  . ARG A 1 111 ? -9.218  6.281   6.425   1.00 23.58 ? 111 ARG A CA  1 
ATOM   828  C  C   . ARG A 1 111 ? -9.466  7.787   6.249   1.00 23.92 ? 111 ARG A C   1 
ATOM   829  O  O   . ARG A 1 111 ? -10.566 8.213   5.931   1.00 24.28 ? 111 ARG A O   1 
ATOM   830  C  CB  . ARG A 1 111 ? -8.627  5.761   5.108   1.00 23.05 ? 111 ARG A CB  1 
ATOM   831  C  CG  . ARG A 1 111 ? -8.263  4.288   5.014   1.00 22.49 ? 111 ARG A CG  1 
ATOM   832  C  CD  . ARG A 1 111 ? -7.023  3.970   5.818   1.00 22.07 ? 111 ARG A CD  1 
ATOM   833  N  NE  . ARG A 1 111 ? -6.642  2.592   5.605   1.00 21.96 ? 111 ARG A NE  1 
ATOM   834  C  CZ  . ARG A 1 111 ? -5.588  2.006   6.167   1.00 23.78 ? 111 ARG A CZ  1 
ATOM   835  N  NH1 . ARG A 1 111 ? -4.781  2.681   6.980   1.00 23.74 ? 111 ARG A NH1 1 
ATOM   836  N  NH2 . ARG A 1 111 ? -5.343  0.727   5.936   1.00 23.54 ? 111 ARG A NH2 1 
ATOM   837  N  N   . TYR A 1 112 ? -8.439  8.596   6.418   1.00 24.17 ? 112 TYR A N   1 
ATOM   838  C  CA  . TYR A 1 112 ? -8.558  9.981   6.030   1.00 26.27 ? 112 TYR A CA  1 
ATOM   839  C  C   . TYR A 1 112 ? -8.970  10.112  4.564   1.00 25.72 ? 112 TYR A C   1 
ATOM   840  O  O   . TYR A 1 112 ? -8.381  9.498   3.639   1.00 23.75 ? 112 TYR A O   1 
ATOM   841  C  CB  . TYR A 1 112 ? -7.238  10.723  6.236   1.00 27.38 ? 112 TYR A CB  1 
ATOM   842  C  CG  . TYR A 1 112 ? -6.885  10.880  7.675   1.00 27.69 ? 112 TYR A CG  1 
ATOM   843  C  CD1 . TYR A 1 112 ? -7.578  11.792  8.478   1.00 29.19 ? 112 TYR A CD1 1 
ATOM   844  C  CD2 . TYR A 1 112 ? -5.876  10.120  8.243   1.00 27.51 ? 112 TYR A CD2 1 
ATOM   845  C  CE1 . TYR A 1 112 ? -7.256  11.938  9.805   1.00 30.34 ? 112 TYR A CE1 1 
ATOM   846  C  CE2 . TYR A 1 112 ? -5.559  10.243  9.580   1.00 27.92 ? 112 TYR A CE2 1 
ATOM   847  C  CZ  . TYR A 1 112 ? -6.238  11.151  10.345  1.00 29.91 ? 112 TYR A CZ  1 
ATOM   848  O  OH  . TYR A 1 112 ? -5.910  11.275  11.658  1.00 33.29 ? 112 TYR A OH  1 
ATOM   849  N  N   . ARG A 1 113 ? -9.957  10.952  4.357   1.00 24.65 ? 113 ARG A N   1 
ATOM   850  C  CA  . ARG A 1 113 ? -10.437 11.202  3.024   1.00 28.02 ? 113 ARG A CA  1 
ATOM   851  C  C   . ARG A 1 113 ? -9.404  12.001  2.176   1.00 28.78 ? 113 ARG A C   1 
ATOM   852  O  O   . ARG A 1 113 ? -9.297  11.771  0.959   1.00 26.00 ? 113 ARG A O   1 
ATOM   853  C  CB  . ARG A 1 113 ? -11.769 11.953  3.109   1.00 30.12 ? 113 ARG A CB  1 
ATOM   854  C  CG  . ARG A 1 113 ? -12.326 12.328  1.755   1.00 35.11 ? 113 ARG A CG  1 
ATOM   855  C  CD  . ARG A 1 113 ? -13.520 13.208  1.931   1.00 38.65 ? 113 ARG A CD  1 
ATOM   856  N  NE  . ARG A 1 113 ? -14.160 13.487  0.659   1.00 41.07 ? 113 ARG A NE  1 
ATOM   857  C  CZ  . ARG A 1 113 ? -15.310 14.161  0.536   1.00 44.99 ? 113 ARG A CZ  1 
ATOM   858  N  NH1 . ARG A 1 113 ? -15.975 14.641  1.609   1.00 43.10 ? 113 ARG A NH1 1 
ATOM   859  N  NH2 . ARG A 1 113 ? -15.804 14.373  -0.672  1.00 46.04 ? 113 ARG A NH2 1 
ATOM   860  N  N   . TYR A 1 114 ? -8.680  12.923  2.837   1.00 27.74 ? 114 TYR A N   1 
ATOM   861  C  CA  . TYR A 1 114 ? -7.746  13.859  2.203   1.00 28.65 ? 114 TYR A CA  1 
ATOM   862  C  C   . TYR A 1 114 ? -6.409  13.813  2.887   1.00 26.21 ? 114 TYR A C   1 
ATOM   863  O  O   . TYR A 1 114 ? -6.361  14.086  4.103   1.00 22.34 ? 114 TYR A O   1 
ATOM   864  C  CB  . TYR A 1 114 ? -8.187  15.324  2.320   1.00 30.06 ? 114 TYR A CB  1 
ATOM   865  C  CG  . TYR A 1 114 ? -9.503  15.705  1.693   1.00 34.81 ? 114 TYR A CG  1 
ATOM   866  C  CD1 . TYR A 1 114 ? -10.526 16.261  2.471   1.00 39.24 ? 114 TYR A CD1 1 
ATOM   867  C  CD2 . TYR A 1 114 ? -9.727  15.549  0.329   1.00 35.60 ? 114 TYR A CD2 1 
ATOM   868  C  CE1 . TYR A 1 114 ? -11.736 16.637  1.911   1.00 44.00 ? 114 TYR A CE1 1 
ATOM   869  C  CE2 . TYR A 1 114 ? -10.941 15.920  -0.250  1.00 39.00 ? 114 TYR A CE2 1 
ATOM   870  C  CZ  . TYR A 1 114 ? -11.943 16.465  0.535   1.00 44.80 ? 114 TYR A CZ  1 
ATOM   871  O  OH  . TYR A 1 114 ? -13.149 16.855  -0.034  1.00 43.36 ? 114 TYR A OH  1 
ATOM   872  N  N   . ILE A 1 115 ? -5.339  13.541  2.108   1.00 22.40 ? 115 ILE A N   1 
ATOM   873  C  CA  . ILE A 1 115 ? -3.974  13.635  2.625   1.00 22.91 ? 115 ILE A CA  1 
ATOM   874  C  C   . ILE A 1 115 ? -2.990  14.347  1.704   1.00 21.27 ? 115 ILE A C   1 
ATOM   875  O  O   . ILE A 1 115 ? -3.278  14.606  0.543   1.00 19.97 ? 115 ILE A O   1 
ATOM   876  C  CB  . ILE A 1 115 ? -3.345  12.239  2.931   1.00 23.27 ? 115 ILE A CB  1 
ATOM   877  C  CG1 . ILE A 1 115 ? -3.173  11.445  1.633   1.00 23.38 ? 115 ILE A CG1 1 
ATOM   878  C  CG2 . ILE A 1 115 ? -4.167  11.440  3.954   1.00 23.34 ? 115 ILE A CG2 1 
ATOM   879  C  CD1 . ILE A 1 115 ? -2.355  10.190  1.797   1.00 22.30 ? 115 ILE A CD1 1 
ATOM   880  N  N   . ARG A 1 116 ? -1.816  14.630  2.260   1.00 20.39 ? 116 ARG A N   1 
ATOM   881  C  CA  . ARG A 1 116 ? -0.634  14.921  1.477   1.00 22.96 ? 116 ARG A CA  1 
ATOM   882  C  C   . ARG A 1 116 ? 0.365   13.871  1.826   1.00 22.42 ? 116 ARG A C   1 
ATOM   883  O  O   . ARG A 1 116 ? 0.537   13.500  2.992   1.00 22.76 ? 116 ARG A O   1 
ATOM   884  C  CB  . ARG A 1 116 ? -0.022  16.333  1.753   1.00 25.09 ? 116 ARG A CB  1 
ATOM   885  C  CG  . ARG A 1 116 ? 1.330   16.626  1.036   1.00 26.81 ? 116 ARG A CG  1 
ATOM   886  C  CD  . ARG A 1 116 ? 1.482   18.098  0.553   1.00 29.02 ? 116 ARG A CD  1 
ATOM   887  N  NE  . ARG A 1 116 ? 1.177   18.956  1.652   1.00 32.35 ? 116 ARG A NE  1 
ATOM   888  C  CZ  . ARG A 1 116 ? 0.250   19.904  1.754   1.00 31.70 ? 116 ARG A CZ  1 
ATOM   889  N  NH1 . ARG A 1 116 ? -0.489  20.348  0.758   1.00 35.44 ? 116 ARG A NH1 1 
ATOM   890  N  NH2 . ARG A 1 116 ? 0.133   20.460  2.929   1.00 33.82 ? 116 ARG A NH2 1 
ATOM   891  N  N   . TYR A 1 117 ? 1.052   13.405  0.790   1.00 23.61 ? 117 TYR A N   1 
ATOM   892  C  CA  . TYR A 1 117 ? 2.197   12.524  0.961   1.00 21.75 ? 117 TYR A CA  1 
ATOM   893  C  C   . TYR A 1 117 ? 3.420   13.067  0.231   1.00 20.92 ? 117 TYR A C   1 
ATOM   894  O  O   . TYR A 1 117 ? 3.301   13.742  -0.795  1.00 22.10 ? 117 TYR A O   1 
ATOM   895  C  CB  . TYR A 1 117 ? 1.822   11.097  0.524   1.00 21.98 ? 117 TYR A CB  1 
ATOM   896  C  CG  . TYR A 1 117 ? 1.504   10.836  -0.949  1.00 20.83 ? 117 TYR A CG  1 
ATOM   897  C  CD1 . TYR A 1 117 ? 0.186   10.762  -1.389  1.00 21.60 ? 117 TYR A CD1 1 
ATOM   898  C  CD2 . TYR A 1 117 ? 2.527   10.527  -1.871  1.00 20.80 ? 117 TYR A CD2 1 
ATOM   899  C  CE1 . TYR A 1 117 ? -0.124  10.445  -2.721  1.00 21.95 ? 117 TYR A CE1 1 
ATOM   900  C  CE2 . TYR A 1 117 ? 2.241   10.219  -3.205  1.00 20.99 ? 117 TYR A CE2 1 
ATOM   901  C  CZ  . TYR A 1 117 ? 0.911   10.164  -3.628  1.00 21.07 ? 117 TYR A CZ  1 
ATOM   902  O  OH  . TYR A 1 117 ? 0.588   9.887   -4.943  1.00 21.78 ? 117 TYR A OH  1 
ATOM   903  N  N   . ARG A 1 118 ? 4.580   12.789  0.798   1.00 20.98 ? 118 ARG A N   1 
ATOM   904  C  CA  . ARG A 1 118 ? 5.857   13.245  0.289   1.00 23.87 ? 118 ARG A CA  1 
ATOM   905  C  C   . ARG A 1 118 ? 6.864   12.109  0.340   1.00 22.07 ? 118 ARG A C   1 
ATOM   906  O  O   . ARG A 1 118 ? 6.841   11.278  1.262   1.00 21.48 ? 118 ARG A O   1 
ATOM   907  C  CB  . ARG A 1 118 ? 6.468   14.356  1.170   1.00 27.84 ? 118 ARG A CB  1 
ATOM   908  C  CG  . ARG A 1 118 ? 5.754   15.665  1.234   1.00 32.91 ? 118 ARG A CG  1 
ATOM   909  C  CD  . ARG A 1 118 ? 6.404   16.510  2.330   1.00 37.55 ? 118 ARG A CD  1 
ATOM   910  N  NE  . ARG A 1 118 ? 5.717   17.787  2.588   1.00 45.54 ? 118 ARG A NE  1 
ATOM   911  C  CZ  . ARG A 1 118 ? 5.820   18.899  1.839   1.00 52.69 ? 118 ARG A CZ  1 
ATOM   912  N  NH1 . ARG A 1 118 ? 6.571   18.925  0.740   1.00 56.50 ? 118 ARG A NH1 1 
ATOM   913  N  NH2 . ARG A 1 118 ? 5.162   20.010  2.187   1.00 54.06 ? 118 ARG A NH2 1 
ATOM   914  N  N   . GLY A 1 119 ? 7.819   12.142  -0.578  1.00 20.66 ? 119 GLY A N   1 
ATOM   915  C  CA  . GLY A 1 119 ? 8.948   11.220  -0.522  1.00 21.95 ? 119 GLY A CA  1 
ATOM   916  C  C   . GLY A 1 119 ? 9.739   11.380  -1.814  1.00 23.69 ? 119 GLY A C   1 
ATOM   917  O  O   . GLY A 1 119 ? 9.748   12.452  -2.421  1.00 24.73 ? 119 GLY A O   1 
ATOM   918  N  N   . PHE A 1 120 ? 10.366  10.305  -2.262  1.00 24.43 ? 120 PHE A N   1 
ATOM   919  C  CA  . PHE A 1 120 ? 11.185  10.346  -3.465  1.00 25.06 ? 120 PHE A CA  1 
ATOM   920  C  C   . PHE A 1 120 ? 10.842  9.233   -4.417  1.00 23.02 ? 120 PHE A C   1 
ATOM   921  O  O   . PHE A 1 120 ? 10.559  8.099   -4.007  1.00 22.35 ? 120 PHE A O   1 
ATOM   922  C  CB  . PHE A 1 120 ? 12.655  10.287  -3.075  1.00 29.07 ? 120 PHE A CB  1 
ATOM   923  C  CG  . PHE A 1 120 ? 13.068  11.436  -2.211  1.00 32.50 ? 120 PHE A CG  1 
ATOM   924  C  CD1 . PHE A 1 120 ? 13.518  12.615  -2.772  1.00 33.83 ? 120 PHE A CD1 1 
ATOM   925  C  CD2 . PHE A 1 120 ? 12.886  11.388  -0.817  1.00 36.81 ? 120 PHE A CD2 1 
ATOM   926  C  CE1 . PHE A 1 120 ? 13.867  13.688  -1.953  1.00 31.95 ? 120 PHE A CE1 1 
ATOM   927  C  CE2 . PHE A 1 120 ? 13.230  12.468  -0.009  1.00 32.78 ? 120 PHE A CE2 1 
ATOM   928  C  CZ  . PHE A 1 120 ? 13.711  13.610  -0.591  1.00 30.52 ? 120 PHE A CZ  1 
ATOM   929  N  N   . ALA A 1 121 ? 10.832  9.586   -5.700  1.00 23.00 ? 121 ALA A N   1 
ATOM   930  C  CA  . ALA A 1 121 ? 10.839  8.597   -6.760  1.00 23.03 ? 121 ALA A CA  1 
ATOM   931  C  C   . ALA A 1 121 ? 12.202  7.910   -6.740  1.00 21.73 ? 121 ALA A C   1 
ATOM   932  O  O   . ALA A 1 121 ? 13.134  8.427   -6.154  1.00 23.42 ? 121 ALA A O   1 
ATOM   933  C  CB  . ALA A 1 121 ? 10.554  9.232   -8.110  1.00 22.68 ? 121 ALA A CB  1 
ATOM   934  N  N   . PRO A 1 122 ? 12.301  6.696   -7.307  1.00 24.00 ? 122 PRO A N   1 
ATOM   935  C  CA  . PRO A 1 122 ? 13.509  5.844   -7.242  1.00 22.93 ? 122 PRO A CA  1 
ATOM   936  C  C   . PRO A 1 122 ? 14.743  6.480   -7.846  1.00 23.79 ? 122 PRO A C   1 
ATOM   937  O  O   . PRO A 1 122 ? 15.866  6.110   -7.476  1.00 24.31 ? 122 PRO A O   1 
ATOM   938  C  CB  . PRO A 1 122 ? 13.132  4.670   -8.118  1.00 22.63 ? 122 PRO A CB  1 
ATOM   939  C  CG  . PRO A 1 122 ? 11.667  4.567   -7.932  1.00 23.87 ? 122 PRO A CG  1 
ATOM   940  C  CD  . PRO A 1 122 ? 11.205  5.989   -7.993  1.00 23.95 ? 122 PRO A CD  1 
ATOM   941  N  N   . ASP A 1 123 ? 14.532  7.405   -8.788  1.00 23.22 ? 123 ASP A N   1 
ATOM   942  C  CA  . ASP A 1 123 ? 15.632  8.146   -9.374  1.00 25.42 ? 123 ASP A CA  1 
ATOM   943  C  C   . ASP A 1 123 ? 16.040  9.270   -8.447  1.00 26.04 ? 123 ASP A C   1 
ATOM   944  O  O   . ASP A 1 123 ? 16.939  9.997   -8.755  1.00 27.93 ? 123 ASP A O   1 
ATOM   945  C  CB  . ASP A 1 123 ? 15.266  8.708   -10.757 1.00 25.82 ? 123 ASP A CB  1 
ATOM   946  C  CG  . ASP A 1 123 ? 14.303  9.868   -10.673 1.00 27.81 ? 123 ASP A CG  1 
ATOM   947  O  OD1 . ASP A 1 123 ? 13.911  10.396  -11.699 1.00 32.13 ? 123 ASP A OD1 1 
ATOM   948  O  OD2 . ASP A 1 123 ? 13.907  10.270  -9.557  1.00 34.49 ? 123 ASP A OD2 1 
ATOM   949  N  N   . GLY A 1 124 ? 15.352  9.491   -7.337  1.00 26.66 ? 124 GLY A N   1 
ATOM   950  C  CA  . GLY A 1 124 ? 15.737  10.632  -6.465  1.00 25.85 ? 124 GLY A CA  1 
ATOM   951  C  C   . GLY A 1 124 ? 14.989  11.938  -6.677  1.00 25.04 ? 124 GLY A C   1 
ATOM   952  O  O   . GLY A 1 124 ? 15.194  12.883  -5.950  1.00 23.90 ? 124 GLY A O   1 
ATOM   953  N  N   . SER A 1 125 ? 14.100  12.026  -7.651  1.00 27.12 ? 125 SER A N   1 
ATOM   954  C  CA  . SER A 1 125 ? 13.273  13.242  -7.717  1.00 28.54 ? 125 SER A CA  1 
ATOM   955  C  C   . SER A 1 125 ? 12.241  13.242  -6.588  1.00 30.40 ? 125 SER A C   1 
ATOM   956  O  O   . SER A 1 125 ? 11.657  12.198  -6.262  1.00 29.67 ? 125 SER A O   1 
ATOM   957  C  CB  . SER A 1 125 ? 12.569  13.407  -9.058  1.00 28.25 ? 125 SER A CB  1 
ATOM   958  O  OG  . SER A 1 125 ? 12.572  12.232  -9.823  1.00 32.93 ? 125 SER A OG  1 
ATOM   959  N  N   . PRO A 1 126 ? 12.024  14.416  -5.978  1.00 31.38 ? 126 PRO A N   1 
ATOM   960  C  CA  . PRO A 1 126 ? 11.101  14.505  -4.866  1.00 28.78 ? 126 PRO A CA  1 
ATOM   961  C  C   . PRO A 1 126 ? 9.700   14.431  -5.404  1.00 29.66 ? 126 PRO A C   1 
ATOM   962  O  O   . PRO A 1 126 ? 9.466   14.867  -6.518  1.00 26.66 ? 126 PRO A O   1 
ATOM   963  C  CB  . PRO A 1 126 ? 11.392  15.866  -4.262  1.00 30.35 ? 126 PRO A CB  1 
ATOM   964  C  CG  . PRO A 1 126 ? 11.979  16.673  -5.379  1.00 31.07 ? 126 PRO A CG  1 
ATOM   965  C  CD  . PRO A 1 126 ? 12.638  15.716  -6.311  1.00 31.30 ? 126 PRO A CD  1 
ATOM   966  N  N   . ILE A 1 127 ? 8.802   13.827  -4.613  1.00 26.99 ? 127 ILE A N   1 
ATOM   967  C  CA  . ILE A 1 127 ? 7.422   13.681  -4.966  1.00 26.17 ? 127 ILE A CA  1 
ATOM   968  C  C   . ILE A 1 127 ? 6.662   14.350  -3.816  1.00 24.79 ? 127 ILE A C   1 
ATOM   969  O  O   . ILE A 1 127 ? 7.009   14.125  -2.672  1.00 24.62 ? 127 ILE A O   1 
ATOM   970  C  CB  . ILE A 1 127 ? 7.064   12.158  -5.048  1.00 27.63 ? 127 ILE A CB  1 
ATOM   971  C  CG1 . ILE A 1 127 ? 7.762   11.474  -6.239  1.00 28.98 ? 127 ILE A CG1 1 
ATOM   972  C  CG2 . ILE A 1 127 ? 5.556   11.914  -5.142  1.00 26.66 ? 127 ILE A CG2 1 
ATOM   973  C  CD1 . ILE A 1 127 ? 7.458   9.982   -6.311  1.00 31.09 ? 127 ILE A CD1 1 
ATOM   974  N  N   . GLU A 1 128 ? 5.695   15.221  -4.113  1.00 24.35 ? 128 GLU A N   1 
ATOM   975  C  CA  . GLU A 1 128 ? 4.708   15.628  -3.104  1.00 25.18 ? 128 GLU A CA  1 
ATOM   976  C  C   . GLU A 1 128 ? 3.415   15.800  -3.769  1.00 24.69 ? 128 GLU A C   1 
ATOM   977  O  O   . GLU A 1 128 ? 3.333   16.536  -4.743  1.00 26.40 ? 128 GLU A O   1 
ATOM   978  C  CB  . GLU A 1 128 ? 5.022   16.900  -2.275  1.00 25.74 ? 128 GLU A CB  1 
ATOM   979  C  CG  . GLU A 1 128 ? 4.837   18.255  -2.897  1.00 28.25 ? 128 GLU A CG  1 
ATOM   980  C  CD  . GLU A 1 128 ? 3.418   18.791  -3.039  1.00 27.13 ? 128 GLU A CD  1 
ATOM   981  O  OE1 . GLU A 1 128 ? 2.483   18.544  -2.268  1.00 24.64 ? 128 GLU A OE1 1 
ATOM   982  O  OE2 . GLU A 1 128 ? 3.214   19.514  -4.010  1.00 30.18 ? 128 GLU A OE2 1 
ATOM   983  N  N   . ARG A 1 129 ? 2.391   15.133  -3.228  1.00 24.20 ? 129 ARG A N   1 
ATOM   984  C  CA  . ARG A 1 129 ? 1.068   15.220  -3.813  1.00 25.57 ? 129 ARG A CA  1 
ATOM   985  C  C   . ARG A 1 129 ? 0.008   15.274  -2.769  1.00 25.18 ? 129 ARG A C   1 
ATOM   986  O  O   . ARG A 1 129 ? 0.127   14.635  -1.699  1.00 24.45 ? 129 ARG A O   1 
ATOM   987  C  CB  . ARG A 1 129 ? 0.783   13.986  -4.682  1.00 26.29 ? 129 ARG A CB  1 
ATOM   988  C  CG  . ARG A 1 129 ? 1.754   13.800  -5.827  1.00 27.22 ? 129 ARG A CG  1 
ATOM   989  C  CD  . ARG A 1 129 ? 1.492   12.424  -6.386  1.00 29.15 ? 129 ARG A CD  1 
ATOM   990  N  NE  . ARG A 1 129 ? 2.206   12.109  -7.609  1.00 28.19 ? 129 ARG A NE  1 
ATOM   991  C  CZ  . ARG A 1 129 ? 2.373   10.867  -8.041  1.00 29.24 ? 129 ARG A CZ  1 
ATOM   992  N  NH1 . ARG A 1 129 ? 1.886   9.814   -7.372  1.00 26.61 ? 129 ARG A NH1 1 
ATOM   993  N  NH2 . ARG A 1 129 ? 3.028   10.676  -9.153  1.00 30.19 ? 129 ARG A NH2 1 
ATOM   994  N  N   . GLU A 1 130 ? -1.059  15.981  -3.114  1.00 24.85 ? 130 GLU A N   1 
ATOM   995  C  CA  . GLU A 1 130 ? -2.247  15.869  -2.322  1.00 26.54 ? 130 GLU A CA  1 
ATOM   996  C  C   . GLU A 1 130 ? -3.108  14.747  -2.935  1.00 27.24 ? 130 GLU A C   1 
ATOM   997  O  O   . GLU A 1 130 ? -3.032  14.522  -4.128  1.00 25.60 ? 130 GLU A O   1 
ATOM   998  C  CB  . GLU A 1 130 ? -2.948  17.217  -1.978  1.00 26.91 ? 130 GLU A CB  1 
ATOM   999  C  CG  . GLU A 1 130 ? -2.700  18.452  -2.826  1.00 30.63 ? 130 GLU A CG  1 
ATOM   1000 C  CD  . GLU A 1 130 ? -1.293  19.057  -2.851  1.00 26.61 ? 130 GLU A CD  1 
ATOM   1001 O  OE1 . GLU A 1 130 ? -0.498  19.235  -1.884  1.00 25.03 ? 130 GLU A OE1 1 
ATOM   1002 O  OE2 . GLU A 1 130 ? -0.946  19.375  -3.970  1.00 28.55 ? 130 GLU A OE2 1 
ATOM   1003 N  N   . ALA A 1 131 ? -3.814  13.968  -2.100  1.00 24.74 ? 131 ALA A N   1 
ATOM   1004 C  CA  . ALA A 1 131 ? -4.637  12.897  -2.608  1.00 24.62 ? 131 ALA A CA  1 
ATOM   1005 C  C   . ALA A 1 131 ? -5.929  12.731  -1.805  1.00 24.99 ? 131 ALA A C   1 
ATOM   1006 O  O   . ALA A 1 131 ? -6.004  13.083  -0.630  1.00 24.42 ? 131 ALA A O   1 
ATOM   1007 C  CB  . ALA A 1 131 ? -3.851  11.590  -2.631  1.00 23.84 ? 131 ALA A CB  1 
ATOM   1008 N  N   . GLU A 1 132 ? -6.944  12.194  -2.465  1.00 23.44 ? 132 GLU A N   1 
ATOM   1009 C  CA  . GLU A 1 132 ? -8.204  11.983  -1.827  1.00 24.69 ? 132 GLU A CA  1 
ATOM   1010 C  C   . GLU A 1 132 ? -8.796  10.613  -2.157  1.00 23.34 ? 132 GLU A C   1 
ATOM   1011 O  O   . GLU A 1 132 ? -8.328  9.913   -3.047  1.00 20.85 ? 132 GLU A O   1 
ATOM   1012 C  CB  . GLU A 1 132 ? -9.165  13.092  -2.252  1.00 26.75 ? 132 GLU A CB  1 
ATOM   1013 C  CG  . GLU A 1 132 ? -9.778  12.843  -3.599  1.00 29.87 ? 132 GLU A CG  1 
ATOM   1014 C  CD  . GLU A 1 132 ? -10.352 14.100  -4.155  1.00 31.93 ? 132 GLU A CD  1 
ATOM   1015 O  OE1 . GLU A 1 132 ? -9.813  14.577  -5.178  1.00 36.92 ? 132 GLU A OE1 1 
ATOM   1016 O  OE2 . GLU A 1 132 ? -11.297 14.621  -3.526  1.00 31.60 ? 132 GLU A OE2 1 
ATOM   1017 N  N   . GLY A 1 133 ? -9.833  10.253  -1.412  1.00 23.47 ? 133 GLY A N   1 
ATOM   1018 C  CA  . GLY A 1 133 ? -10.554 9.015   -1.623  1.00 22.73 ? 133 GLY A CA  1 
ATOM   1019 C  C   . GLY A 1 133 ? -9.608  7.819   -1.747  1.00 22.72 ? 133 GLY A C   1 
ATOM   1020 O  O   . GLY A 1 133 ? -8.756  7.540   -0.875  1.00 20.09 ? 133 GLY A O   1 
ATOM   1021 N  N   . PHE A 1 134 ? -9.795  7.108   -2.840  1.00 20.57 ? 134 PHE A N   1 
ATOM   1022 C  CA  . PHE A 1 134 ? -9.168  5.839   -3.005  1.00 21.88 ? 134 PHE A CA  1 
ATOM   1023 C  C   . PHE A 1 134 ? -7.653  5.927   -3.124  1.00 20.41 ? 134 PHE A C   1 
ATOM   1024 O  O   . PHE A 1 134 ? -6.965  5.118   -2.512  1.00 21.64 ? 134 PHE A O   1 
ATOM   1025 C  CB  . PHE A 1 134 ? -9.778  5.109   -4.198  1.00 21.57 ? 134 PHE A CB  1 
ATOM   1026 C  CG  . PHE A 1 134 ? -9.410  3.669   -4.242  1.00 23.11 ? 134 PHE A CG  1 
ATOM   1027 C  CD1 . PHE A 1 134 ? -9.970  2.780   -3.355  1.00 24.87 ? 134 PHE A CD1 1 
ATOM   1028 C  CD2 . PHE A 1 134 ? -8.481  3.206   -5.160  1.00 24.53 ? 134 PHE A CD2 1 
ATOM   1029 C  CE1 . PHE A 1 134 ? -9.630  1.436   -3.385  1.00 27.42 ? 134 PHE A CE1 1 
ATOM   1030 C  CE2 . PHE A 1 134 ? -8.148  1.865   -5.206  1.00 24.68 ? 134 PHE A CE2 1 
ATOM   1031 C  CZ  . PHE A 1 134 ? -8.719  0.980   -4.319  1.00 25.15 ? 134 PHE A CZ  1 
ATOM   1032 N  N   . HIS A 1 135 ? -7.166  6.916   -3.878  1.00 20.41 ? 135 HIS A N   1 
ATOM   1033 C  CA  . HIS A 1 135 ? -5.743  7.277   -3.973  1.00 21.66 ? 135 HIS A CA  1 
ATOM   1034 C  C   . HIS A 1 135 ? -5.204  7.445   -2.565  1.00 23.18 ? 135 HIS A C   1 
ATOM   1035 O  O   . HIS A 1 135 ? -4.222  6.795   -2.187  1.00 23.18 ? 135 HIS A O   1 
ATOM   1036 C  CB  . HIS A 1 135 ? -5.582  8.589   -4.800  1.00 22.94 ? 135 HIS A CB  1 
ATOM   1037 C  CG  . HIS A 1 135 ? -4.158  8.966   -5.121  1.00 23.41 ? 135 HIS A CG  1 
ATOM   1038 N  ND1 . HIS A 1 135 ? -3.842  9.876   -6.103  1.00 24.06 ? 135 HIS A ND1 1 
ATOM   1039 C  CD2 . HIS A 1 135 ? -2.972  8.549   -4.609  1.00 24.52 ? 135 HIS A CD2 1 
ATOM   1040 C  CE1 . HIS A 1 135 ? -2.529  10.032  -6.157  1.00 24.88 ? 135 HIS A CE1 1 
ATOM   1041 N  NE2 . HIS A 1 135 ? -1.978  9.239   -5.263  1.00 23.89 ? 135 HIS A NE2 1 
ATOM   1042 N  N   . ALA A 1 136 ? -5.865  8.284   -1.767  1.00 22.96 ? 136 ALA A N   1 
ATOM   1043 C  CA  . ALA A 1 136 ? -5.425  8.449   -0.378  1.00 23.86 ? 136 ALA A CA  1 
ATOM   1044 C  C   . ALA A 1 136 ? -5.420  7.150   0.444   1.00 23.38 ? 136 ALA A C   1 
ATOM   1045 O  O   . ALA A 1 136 ? -4.522  6.892   1.268   1.00 22.37 ? 136 ALA A O   1 
ATOM   1046 C  CB  . ALA A 1 136 ? -6.264  9.508   0.315   1.00 24.78 ? 136 ALA A CB  1 
ATOM   1047 N  N   . ARG A 1 137 ? -6.435  6.340   0.242   1.00 21.99 ? 137 ARG A N   1 
ATOM   1048 C  CA  . ARG A 1 137 ? -6.572  5.127   1.043   1.00 21.32 ? 137 ARG A CA  1 
ATOM   1049 C  C   . ARG A 1 137 ? -5.430  4.193   0.763   1.00 20.04 ? 137 ARG A C   1 
ATOM   1050 O  O   . ARG A 1 137 ? -4.789  3.643   1.664   1.00 20.17 ? 137 ARG A O   1 
ATOM   1051 C  CB  . ARG A 1 137 ? -7.902  4.449   0.701   1.00 22.34 ? 137 ARG A CB  1 
ATOM   1052 C  CG  . ARG A 1 137 ? -8.079  3.005   1.183   1.00 22.56 ? 137 ARG A CG  1 
ATOM   1053 C  CD  . ARG A 1 137 ? -9.467  2.544   0.759   1.00 23.27 ? 137 ARG A CD  1 
ATOM   1054 N  NE  . ARG A 1 137 ? -10.495 3.476   1.247   1.00 24.63 ? 137 ARG A NE  1 
ATOM   1055 C  CZ  . ARG A 1 137 ? -10.973 3.518   2.499   1.00 25.65 ? 137 ARG A CZ  1 
ATOM   1056 N  NH1 . ARG A 1 137 ? -10.585 2.621   3.424   1.00 25.14 ? 137 ARG A NH1 1 
ATOM   1057 N  NH2 . ARG A 1 137 ? -11.884 4.449   2.818   1.00 26.33 ? 137 ARG A NH2 1 
ATOM   1058 N  N   . VAL A 1 138 ? -5.178  3.997   -0.511  1.00 19.64 ? 138 VAL A N   1 
ATOM   1059 C  CA  . VAL A 1 138 ? -4.092  3.138   -0.893  1.00 19.76 ? 138 VAL A CA  1 
ATOM   1060 C  C   . VAL A 1 138 ? -2.796  3.561   -0.239  1.00 18.89 ? 138 VAL A C   1 
ATOM   1061 O  O   . VAL A 1 138 ? -2.084  2.705   0.301   1.00 20.55 ? 138 VAL A O   1 
ATOM   1062 C  CB  . VAL A 1 138 ? -3.900  3.042   -2.421  1.00 20.83 ? 138 VAL A CB  1 
ATOM   1063 C  CG1 . VAL A 1 138 ? -2.711  2.117   -2.746  1.00 20.95 ? 138 VAL A CG1 1 
ATOM   1064 C  CG2 . VAL A 1 138 ? -5.160  2.480   -3.075  1.00 22.47 ? 138 VAL A CG2 1 
ATOM   1065 N  N   . VAL A 1 139 ? -2.478  4.862   -0.260  1.00 19.21 ? 139 VAL A N   1 
ATOM   1066 C  CA  . VAL A 1 139 ? -1.204  5.281   0.283   1.00 18.55 ? 139 VAL A CA  1 
ATOM   1067 C  C   . VAL A 1 139 ? -1.168  5.108   1.782   1.00 17.95 ? 139 VAL A C   1 
ATOM   1068 O  O   . VAL A 1 139 ? -0.120  4.730   2.342   1.00 18.94 ? 139 VAL A O   1 
ATOM   1069 C  CB  . VAL A 1 139 ? -0.857  6.722   -0.147  1.00 21.21 ? 139 VAL A CB  1 
ATOM   1070 C  CG1 . VAL A 1 139 ? 0.481   7.147   0.466   1.00 20.06 ? 139 VAL A CG1 1 
ATOM   1071 C  CG2 . VAL A 1 139 ? -0.791  6.800   -1.687  1.00 22.08 ? 139 VAL A CG2 1 
ATOM   1072 N  N   . GLN A 1 140 ? -2.302  5.323   2.461   1.00 16.45 ? 140 GLN A N   1 
ATOM   1073 C  CA  . GLN A 1 140 ? -2.343  5.075   3.902   1.00 16.77 ? 140 GLN A CA  1 
ATOM   1074 C  C   . GLN A 1 140 ? -2.100  3.617   4.213   1.00 17.31 ? 140 GLN A C   1 
ATOM   1075 O  O   . GLN A 1 140 ? -1.373  3.273   5.153   1.00 15.42 ? 140 GLN A O   1 
ATOM   1076 C  CB  . GLN A 1 140 ? -3.676  5.560   4.501   1.00 17.94 ? 140 GLN A CB  1 
ATOM   1077 C  CG  . GLN A 1 140 ? -3.863  7.077   4.433   1.00 18.41 ? 140 GLN A CG  1 
ATOM   1078 C  CD  . GLN A 1 140 ? -5.259  7.566   4.845   1.00 20.26 ? 140 GLN A CD  1 
ATOM   1079 O  OE1 . GLN A 1 140 ? -5.617  7.521   6.041   1.00 21.75 ? 140 GLN A OE1 1 
ATOM   1080 N  NE2 . GLN A 1 140 ? -6.051  8.053   3.866   1.00 20.03 ? 140 GLN A NE2 1 
ATOM   1081 N  N   . HIS A 1 141 ? -2.700  2.745   3.396   1.00 18.56 ? 141 HIS A N   1 
ATOM   1082 C  CA  . HIS A 1 141 ? -2.634  1.301   3.617   1.00 19.21 ? 141 HIS A CA  1 
ATOM   1083 C  C   . HIS A 1 141 ? -1.197  0.846   3.466   1.00 20.28 ? 141 HIS A C   1 
ATOM   1084 O  O   . HIS A 1 141 ? -0.703  0.103   4.321   1.00 21.26 ? 141 HIS A O   1 
ATOM   1085 C  CB  . HIS A 1 141 ? -3.567  0.572   2.623   1.00 21.50 ? 141 HIS A CB  1 
ATOM   1086 C  CG  . HIS A 1 141 ? -3.446  -0.923  2.634   1.00 23.99 ? 141 HIS A CG  1 
ATOM   1087 N  ND1 . HIS A 1 141 ? -4.503  -1.750  2.947   1.00 24.96 ? 141 HIS A ND1 1 
ATOM   1088 C  CD2 . HIS A 1 141 ? -2.406  -1.743  2.336   1.00 24.90 ? 141 HIS A CD2 1 
ATOM   1089 C  CE1 . HIS A 1 141 ? -4.116  -3.010  2.875   1.00 24.98 ? 141 HIS A CE1 1 
ATOM   1090 N  NE2 . HIS A 1 141 ? -2.851  -3.035  2.505   1.00 25.62 ? 141 HIS A NE2 1 
ATOM   1091 N  N   . GLU A 1 142 ? -0.522  1.295   2.387   1.00 20.04 ? 142 GLU A N   1 
ATOM   1092 C  CA  . GLU A 1 142 ? 0.889   0.968   2.213   1.00 20.62 ? 142 GLU A CA  1 
ATOM   1093 C  C   . GLU A 1 142 ? 1.764   1.593   3.265   1.00 20.42 ? 142 GLU A C   1 
ATOM   1094 O  O   . GLU A 1 142 ? 2.722   0.941   3.745   1.00 19.57 ? 142 GLU A O   1 
ATOM   1095 C  CB  . GLU A 1 142 ? 1.425   1.389   0.850   1.00 21.42 ? 142 GLU A CB  1 
ATOM   1096 C  CG  . GLU A 1 142 ? 0.684   0.788   -0.336  1.00 22.88 ? 142 GLU A CG  1 
ATOM   1097 C  CD  . GLU A 1 142 ? 0.275   -0.671  -0.162  1.00 23.39 ? 142 GLU A CD  1 
ATOM   1098 O  OE1 . GLU A 1 142 ? 0.972   -1.520  0.450   1.00 24.24 ? 142 GLU A OE1 1 
ATOM   1099 O  OE2 . GLU A 1 142 ? -0.787  -0.960  -0.688  1.00 27.04 ? 142 GLU A OE2 1 
ATOM   1100 N  N   . TYR A 1 143 ? 1.447   2.835   3.637   1.00 19.93 ? 143 TYR A N   1 
ATOM   1101 C  CA  . TYR A 1 143 ? 2.204   3.466   4.690   1.00 21.45 ? 143 TYR A CA  1 
ATOM   1102 C  C   . TYR A 1 143 ? 2.209   2.608   5.983   1.00 22.01 ? 143 TYR A C   1 
ATOM   1103 O  O   . TYR A 1 143 ? 3.281   2.415   6.651   1.00 19.42 ? 143 TYR A O   1 
ATOM   1104 C  CB  . TYR A 1 143 ? 1.691   4.912   4.955   1.00 23.99 ? 143 TYR A CB  1 
ATOM   1105 C  CG  . TYR A 1 143 ? 2.506   5.598   6.015   1.00 25.55 ? 143 TYR A CG  1 
ATOM   1106 C  CD1 . TYR A 1 143 ? 3.779   6.079   5.721   1.00 29.49 ? 143 TYR A CD1 1 
ATOM   1107 C  CD2 . TYR A 1 143 ? 2.076   5.635   7.343   1.00 26.06 ? 143 TYR A CD2 1 
ATOM   1108 C  CE1 . TYR A 1 143 ? 4.571   6.650   6.702   1.00 32.20 ? 143 TYR A CE1 1 
ATOM   1109 C  CE2 . TYR A 1 143 ? 2.854   6.195   8.343   1.00 29.41 ? 143 TYR A CE2 1 
ATOM   1110 C  CZ  . TYR A 1 143 ? 4.104   6.705   8.024   1.00 34.69 ? 143 TYR A CZ  1 
ATOM   1111 O  OH  . TYR A 1 143 ? 4.915   7.247   8.997   1.00 40.77 ? 143 TYR A OH  1 
ATOM   1112 N  N   . ASP A 1 144 ? 1.015   2.099   6.343   1.00 21.55 ? 144 ASP A N   1 
ATOM   1113 C  CA  . ASP A 1 144 ? 0.866   1.292   7.537   1.00 20.50 ? 144 ASP A CA  1 
ATOM   1114 C  C   . ASP A 1 144 ? 1.860   0.159   7.549   1.00 20.01 ? 144 ASP A C   1 
ATOM   1115 O  O   . ASP A 1 144 ? 2.437   -0.161  8.604   1.00 20.96 ? 144 ASP A O   1 
ATOM   1116 C  CB  . ASP A 1 144 ? -0.591  0.742   7.669   1.00 20.98 ? 144 ASP A CB  1 
ATOM   1117 C  CG  . ASP A 1 144 ? -1.532  1.692   8.440   1.00 22.24 ? 144 ASP A CG  1 
ATOM   1118 O  OD1 . ASP A 1 144 ? -1.028  2.613   9.106   1.00 20.76 ? 144 ASP A OD1 1 
ATOM   1119 O  OD2 . ASP A 1 144 ? -2.787  1.533   8.380   1.00 23.52 ? 144 ASP A OD2 1 
ATOM   1120 N  N   . HIS A 1 145 ? 2.026   -0.490  6.392   1.00 20.53 ? 145 HIS A N   1 
ATOM   1121 C  CA  . HIS A 1 145 ? 2.978   -1.637  6.252   1.00 21.81 ? 145 HIS A CA  1 
ATOM   1122 C  C   . HIS A 1 145 ? 4.389   -1.234  6.678   1.00 21.94 ? 145 HIS A C   1 
ATOM   1123 O  O   . HIS A 1 145 ? 5.102   -2.022  7.280   1.00 20.11 ? 145 HIS A O   1 
ATOM   1124 C  CB  . HIS A 1 145 ? 3.044   -2.212  4.811   1.00 19.93 ? 145 HIS A CB  1 
ATOM   1125 C  CG  . HIS A 1 145 ? 1.948   -3.165  4.480   1.00 19.55 ? 145 HIS A CG  1 
ATOM   1126 N  ND1 . HIS A 1 145 ? 1.782   -4.359  5.148   1.00 21.64 ? 145 HIS A ND1 1 
ATOM   1127 C  CD2 . HIS A 1 145 ? 1.004   -3.144  3.515   1.00 19.82 ? 145 HIS A CD2 1 
ATOM   1128 C  CE1 . HIS A 1 145 ? 0.758   -5.021  4.631   1.00 21.80 ? 145 HIS A CE1 1 
ATOM   1129 N  NE2 . HIS A 1 145 ? 0.258   -4.300  3.653   1.00 22.34 ? 145 HIS A NE2 1 
ATOM   1130 N  N   . LEU A 1 146 ? 4.756   0.014   6.367   1.00 22.39 ? 146 LEU A N   1 
ATOM   1131 C  CA  . LEU A 1 146 ? 6.104   0.512   6.659   1.00 23.04 ? 146 LEU A CA  1 
ATOM   1132 C  C   . LEU A 1 146 ? 6.345   0.756   8.149   1.00 24.07 ? 146 LEU A C   1 
ATOM   1133 O  O   . LEU A 1 146 ? 7.498   0.857   8.577   1.00 23.74 ? 146 LEU A O   1 
ATOM   1134 C  CB  . LEU A 1 146 ? 6.403   1.799   5.865   1.00 22.61 ? 146 LEU A CB  1 
ATOM   1135 C  CG  . LEU A 1 146 ? 6.130   1.761   4.354   1.00 21.48 ? 146 LEU A CG  1 
ATOM   1136 C  CD1 . LEU A 1 146 ? 6.517   3.069   3.689   1.00 20.88 ? 146 LEU A CD1 1 
ATOM   1137 C  CD2 . LEU A 1 146 ? 6.852   0.575   3.717   1.00 20.54 ? 146 LEU A CD2 1 
ATOM   1138 N  N   . VAL A 1 147 ? 5.271   0.860   8.933   1.00 25.17 ? 147 VAL A N   1 
ATOM   1139 C  CA  . VAL A 1 147 ? 5.417   1.012   10.393  1.00 26.62 ? 147 VAL A CA  1 
ATOM   1140 C  C   . VAL A 1 147 ? 4.920   -0.234  11.203  1.00 27.70 ? 147 VAL A C   1 
ATOM   1141 O  O   . VAL A 1 147 ? 4.682   -0.136  12.396  1.00 28.32 ? 147 VAL A O   1 
ATOM   1142 C  CB  . VAL A 1 147 ? 4.818   2.372   10.898  1.00 26.42 ? 147 VAL A CB  1 
ATOM   1143 C  CG1 . VAL A 1 147 ? 5.567   3.559   10.279  1.00 25.28 ? 147 VAL A CG1 1 
ATOM   1144 C  CG2 . VAL A 1 147 ? 3.340   2.518   10.589  1.00 25.00 ? 147 VAL A CG2 1 
ATOM   1145 N  N   . GLY A 1 148 ? 4.812   -1.392  10.560  1.00 25.44 ? 148 GLY A N   1 
ATOM   1146 C  CA  . GLY A 1 148 ? 4.447   -2.623  11.233  1.00 26.93 ? 148 GLY A CA  1 
ATOM   1147 C  C   . GLY A 1 148 ? 2.979   -2.785  11.613  1.00 26.43 ? 148 GLY A C   1 
ATOM   1148 O  O   . GLY A 1 148 ? 2.645   -3.441  12.663  1.00 27.47 ? 148 GLY A O   1 
ATOM   1149 N  N   . ARG A 1 149 ? 2.132   -2.206  10.759  1.00 26.05 ? 149 ARG A N   1 
ATOM   1150 C  CA  . ARG A 1 149 ? 0.668   -2.165  10.937  1.00 28.61 ? 149 ARG A CA  1 
ATOM   1151 C  C   . ARG A 1 149 ? -0.118  -2.737  9.719   1.00 27.77 ? 149 ARG A C   1 
ATOM   1152 O  O   . ARG A 1 149 ? 0.193   -2.424  8.533   1.00 24.95 ? 149 ARG A O   1 
ATOM   1153 C  CB  . ARG A 1 149 ? 0.249   -0.720  11.163  1.00 33.20 ? 149 ARG A CB  1 
ATOM   1154 C  CG  . ARG A 1 149 ? -1.094  -0.497  11.806  1.00 39.19 ? 149 ARG A CG  1 
ATOM   1155 C  CD  . ARG A 1 149 ? -0.959  -0.421  13.322  1.00 44.45 ? 149 ARG A CD  1 
ATOM   1156 N  NE  . ARG A 1 149 ? -2.283  -0.458  13.933  1.00 49.01 ? 149 ARG A NE  1 
ATOM   1157 C  CZ  . ARG A 1 149 ? -3.068  0.595   14.142  1.00 50.86 ? 149 ARG A CZ  1 
ATOM   1158 N  NH1 . ARG A 1 149 ? -2.670  1.816   13.834  1.00 60.29 ? 149 ARG A NH1 1 
ATOM   1159 N  NH2 . ARG A 1 149 ? -4.267  0.427   14.679  1.00 46.36 ? 149 ARG A NH2 1 
ATOM   1160 N  N   . LEU A 1 150 ? -1.143  -3.558  10.039  1.00 25.60 ? 150 LEU A N   1 
ATOM   1161 C  CA  . LEU A 1 150 ? -2.044  -4.229  9.062   1.00 24.26 ? 150 LEU A CA  1 
ATOM   1162 C  C   . LEU A 1 150 ? -3.488  -3.846  9.313   1.00 23.40 ? 150 LEU A C   1 
ATOM   1163 O  O   . LEU A 1 150 ? -3.841  -3.444  10.419  1.00 24.00 ? 150 LEU A O   1 
ATOM   1164 C  CB  . LEU A 1 150 ? -1.903  -5.730  9.196   1.00 25.23 ? 150 LEU A CB  1 
ATOM   1165 C  CG  . LEU A 1 150 ? -0.458  -6.226  9.113   1.00 26.39 ? 150 LEU A CG  1 
ATOM   1166 C  CD1 . LEU A 1 150 ? -0.344  -7.690  9.404   1.00 27.99 ? 150 LEU A CD1 1 
ATOM   1167 C  CD2 . LEU A 1 150 ? 0.077   -5.948  7.716   1.00 29.03 ? 150 LEU A CD2 1 
ATOM   1168 N  N   . TYR A 1 151 ? -4.335  -3.945  8.300   1.00 21.52 ? 151 TYR A N   1 
ATOM   1169 C  CA  . TYR A 1 151 ? -5.676  -3.383  8.435   1.00 23.36 ? 151 TYR A CA  1 
ATOM   1170 C  C   . TYR A 1 151 ? -6.588  -3.986  9.564   1.00 24.01 ? 151 TYR A C   1 
ATOM   1171 O  O   . TYR A 1 151 ? -7.515  -3.299  10.034  1.00 23.26 ? 151 TYR A O   1 
ATOM   1172 C  CB  . TYR A 1 151 ? -6.419  -3.382  7.096   1.00 23.12 ? 151 TYR A CB  1 
ATOM   1173 C  CG  . TYR A 1 151 ? -6.968  -4.709  6.628   1.00 23.00 ? 151 TYR A CG  1 
ATOM   1174 C  CD1 . TYR A 1 151 ? -8.131  -5.257  7.187   1.00 24.36 ? 151 TYR A CD1 1 
ATOM   1175 C  CD2 . TYR A 1 151 ? -6.372  -5.394  5.579   1.00 23.95 ? 151 TYR A CD2 1 
ATOM   1176 C  CE1 . TYR A 1 151 ? -8.662  -6.468  6.729   1.00 24.18 ? 151 TYR A CE1 1 
ATOM   1177 C  CE2 . TYR A 1 151 ? -6.892  -6.594  5.115   1.00 25.01 ? 151 TYR A CE2 1 
ATOM   1178 C  CZ  . TYR A 1 151 ? -8.028  -7.141  5.712   1.00 24.71 ? 151 TYR A CZ  1 
ATOM   1179 O  OH  . TYR A 1 151 ? -8.528  -8.324  5.236   1.00 25.71 ? 151 TYR A OH  1 
ATOM   1180 N  N   . PRO A 1 152 ? -6.345  -5.242  9.991   1.00 22.79 ? 152 PRO A N   1 
ATOM   1181 C  CA  . PRO A 1 152 ? -7.313  -5.724  11.004  1.00 24.84 ? 152 PRO A CA  1 
ATOM   1182 C  C   . PRO A 1 152 ? -7.320  -4.911  12.276  1.00 23.21 ? 152 PRO A C   1 
ATOM   1183 O  O   . PRO A 1 152 ? -8.378  -4.739  12.839  1.00 22.71 ? 152 PRO A O   1 
ATOM   1184 C  CB  . PRO A 1 152 ? -6.885  -7.170  11.254  1.00 24.73 ? 152 PRO A CB  1 
ATOM   1185 C  CG  . PRO A 1 152 ? -6.247  -7.589  9.953   1.00 24.55 ? 152 PRO A CG  1 
ATOM   1186 C  CD  . PRO A 1 152 ? -5.549  -6.346  9.443   1.00 23.62 ? 152 PRO A CD  1 
ATOM   1187 N  N   . SER A 1 153 ? -6.163  -4.371  12.665  1.00 23.00 ? 153 SER A N   1 
ATOM   1188 C  CA  . SER A 1 153 ? -6.064  -3.511  13.826  1.00 23.18 ? 153 SER A CA  1 
ATOM   1189 C  C   . SER A 1 153 ? -6.803  -2.202  13.650  1.00 23.04 ? 153 SER A C   1 
ATOM   1190 O  O   . SER A 1 153 ? -6.798  -1.406  14.537  1.00 23.60 ? 153 SER A O   1 
ATOM   1191 C  CB  . SER A 1 153 ? -4.590  -3.207  14.142  1.00 24.38 ? 153 SER A CB  1 
ATOM   1192 O  OG  . SER A 1 153 ? -3.971  -2.472  13.079  1.00 26.22 ? 153 SER A OG  1 
ATOM   1193 N  N   . ARG A 1 154 ? -7.423  -1.949  12.516  1.00 23.99 ? 154 ARG A N   1 
ATOM   1194 C  CA  . ARG A 1 154 ? -8.166  -0.713  12.312  1.00 24.43 ? 154 ARG A CA  1 
ATOM   1195 C  C   . ARG A 1 154 ? -9.628  -0.948  12.027  1.00 26.13 ? 154 ARG A C   1 
ATOM   1196 O  O   . ARG A 1 154 ? -10.413 0.001   11.757  1.00 24.02 ? 154 ARG A O   1 
ATOM   1197 C  CB  . ARG A 1 154 ? -7.571  0.006   11.088  1.00 26.46 ? 154 ARG A CB  1 
ATOM   1198 C  CG  . ARG A 1 154 ? -6.161  0.537   11.381  1.00 28.08 ? 154 ARG A CG  1 
ATOM   1199 C  CD  . ARG A 1 154 ? -5.758  1.535   10.317  1.00 30.77 ? 154 ARG A CD  1 
ATOM   1200 N  NE  . ARG A 1 154 ? -4.390  1.951   10.516  1.00 32.93 ? 154 ARG A NE  1 
ATOM   1201 C  CZ  . ARG A 1 154 ? -4.025  3.011   11.216  1.00 33.69 ? 154 ARG A CZ  1 
ATOM   1202 N  NH1 . ARG A 1 154 ? -4.924  3.795   11.771  1.00 35.17 ? 154 ARG A NH1 1 
ATOM   1203 N  NH2 . ARG A 1 154 ? -2.745  3.289   11.355  1.00 32.44 ? 154 ARG A NH2 1 
ATOM   1204 N  N   . ILE A 1 155 ? -10.022 -2.218  12.053  1.00 26.03 ? 155 ILE A N   1 
ATOM   1205 C  CA  . ILE A 1 155 ? -11.400 -2.527  11.831  1.00 25.53 ? 155 ILE A CA  1 
ATOM   1206 C  C   . ILE A 1 155 ? -12.166 -1.993  13.047  1.00 26.36 ? 155 ILE A C   1 
ATOM   1207 O  O   . ILE A 1 155 ? -11.746 -2.199  14.209  1.00 22.87 ? 155 ILE A O   1 
ATOM   1208 C  CB  . ILE A 1 155 ? -11.613 -4.038  11.671  1.00 25.32 ? 155 ILE A CB  1 
ATOM   1209 C  CG1 . ILE A 1 155 ? -10.953 -4.551  10.375  1.00 23.22 ? 155 ILE A CG1 1 
ATOM   1210 C  CG2 . ILE A 1 155 ? -13.114 -4.366  11.692  1.00 25.44 ? 155 ILE A CG2 1 
ATOM   1211 C  CD1 . ILE A 1 155 ? -10.884 -6.070  10.363  1.00 22.60 ? 155 ILE A CD1 1 
ATOM   1212 N  N   . GLU A 1 156 ? -13.273 -1.302  12.776  1.00 26.13 ? 156 GLU A N   1 
ATOM   1213 C  CA  . GLU A 1 156 ? -14.182 -0.853  13.852  1.00 28.72 ? 156 GLU A CA  1 
ATOM   1214 C  C   . GLU A 1 156 ? -15.468 -1.641  13.876  1.00 26.10 ? 156 GLU A C   1 
ATOM   1215 O  O   . GLU A 1 156 ? -15.977 -1.903  14.930  1.00 25.00 ? 156 GLU A O   1 
ATOM   1216 C  CB  . GLU A 1 156 ? -14.541 0.612   13.697  1.00 32.74 ? 156 GLU A CB  1 
ATOM   1217 C  CG  . GLU A 1 156 ? -13.365 1.528   13.932  1.00 37.12 ? 156 GLU A CG  1 
ATOM   1218 C  CD  . GLU A 1 156 ? -13.747 2.967   13.699  1.00 44.85 ? 156 GLU A CD  1 
ATOM   1219 O  OE1 . GLU A 1 156 ? -14.615 3.232   12.823  1.00 52.92 ? 156 GLU A OE1 1 
ATOM   1220 O  OE2 . GLU A 1 156 ? -13.155 3.833   14.356  1.00 50.51 ? 156 GLU A OE2 1 
ATOM   1221 N  N   . ASN A 1 157 ? -15.986 -2.036  12.720  1.00 25.48 ? 157 ASN A N   1 
ATOM   1222 C  CA  . ASN A 1 157 ? -17.141 -2.879  12.694  1.00 25.64 ? 157 ASN A CA  1 
ATOM   1223 C  C   . ASN A 1 157 ? -16.796 -4.270  12.163  1.00 24.99 ? 157 ASN A C   1 
ATOM   1224 O  O   . ASN A 1 157 ? -16.611 -4.471  10.968  1.00 24.50 ? 157 ASN A O   1 
ATOM   1225 C  CB  . ASN A 1 157 ? -18.224 -2.214  11.862  1.00 26.71 ? 157 ASN A CB  1 
ATOM   1226 C  CG  . ASN A 1 157 ? -19.472 -3.067  11.719  1.00 26.65 ? 157 ASN A CG  1 
ATOM   1227 O  OD1 . ASN A 1 157 ? -19.578 -4.140  12.277  1.00 28.30 ? 157 ASN A OD1 1 
ATOM   1228 N  ND2 . ASN A 1 157 ? -20.392 -2.600  10.922  1.00 27.65 ? 157 ASN A ND2 1 
ATOM   1229 N  N   . PHE A 1 158 ? -16.784 -5.249  13.053  1.00 24.30 ? 158 PHE A N   1 
ATOM   1230 C  CA  . PHE A 1 158 ? -16.320 -6.543  12.688  1.00 24.75 ? 158 PHE A CA  1 
ATOM   1231 C  C   . PHE A 1 158 ? -17.352 -7.347  11.933  1.00 25.81 ? 158 PHE A C   1 
ATOM   1232 O  O   . PHE A 1 158 ? -17.046 -8.415  11.411  1.00 23.24 ? 158 PHE A O   1 
ATOM   1233 C  CB  . PHE A 1 158 ? -15.834 -7.280  13.890  1.00 25.69 ? 158 PHE A CB  1 
ATOM   1234 C  CG  . PHE A 1 158 ? -14.477 -6.893  14.284  1.00 26.49 ? 158 PHE A CG  1 
ATOM   1235 C  CD1 . PHE A 1 158 ? -13.388 -7.551  13.763  1.00 25.77 ? 158 PHE A CD1 1 
ATOM   1236 C  CD2 . PHE A 1 158 ? -14.274 -5.845  15.191  1.00 27.72 ? 158 PHE A CD2 1 
ATOM   1237 C  CE1 . PHE A 1 158 ? -12.103 -7.196  14.151  1.00 25.97 ? 158 PHE A CE1 1 
ATOM   1238 C  CE2 . PHE A 1 158 ? -12.985 -5.480  15.571  1.00 25.56 ? 158 PHE A CE2 1 
ATOM   1239 C  CZ  . PHE A 1 158 ? -11.902 -6.169  15.055  1.00 25.34 ? 158 PHE A CZ  1 
ATOM   1240 N  N   . ASP A 1 159 ? -18.560 -6.824  11.827  1.00 24.35 ? 159 ASP A N   1 
ATOM   1241 C  CA  . ASP A 1 159 ? -19.505 -7.434  10.941  1.00 25.99 ? 159 ASP A CA  1 
ATOM   1242 C  C   . ASP A 1 159 ? -19.091 -7.388  9.483   1.00 25.99 ? 159 ASP A C   1 
ATOM   1243 O  O   . ASP A 1 159 ? -19.576 -8.190  8.705   1.00 25.14 ? 159 ASP A O   1 
ATOM   1244 C  CB  . ASP A 1 159 ? -20.855 -6.748  11.083  1.00 28.99 ? 159 ASP A CB  1 
ATOM   1245 C  CG  . ASP A 1 159 ? -21.545 -7.077  12.399  1.00 28.36 ? 159 ASP A CG  1 
ATOM   1246 O  OD1 . ASP A 1 159 ? -20.998 -7.769  13.303  1.00 26.87 ? 159 ASP A OD1 1 
ATOM   1247 O  OD2 . ASP A 1 159 ? -22.667 -6.606  12.498  1.00 30.06 ? 159 ASP A OD2 1 
ATOM   1248 N  N   . THR A 1 160 ? -18.231 -6.432  9.118   1.00 27.12 ? 160 THR A N   1 
ATOM   1249 C  CA  . THR A 1 160 ? -17.752 -6.256  7.732   1.00 27.40 ? 160 THR A CA  1 
ATOM   1250 C  C   . THR A 1 160 ? -16.532 -7.093  7.394   1.00 26.47 ? 160 THR A C   1 
ATOM   1251 O  O   . THR A 1 160 ? -16.147 -7.155  6.235   1.00 28.96 ? 160 THR A O   1 
ATOM   1252 C  CB  . THR A 1 160 ? -17.338 -4.801  7.456   1.00 28.24 ? 160 THR A CB  1 
ATOM   1253 O  OG1 . THR A 1 160 ? -16.172 -4.468  8.223   1.00 27.05 ? 160 THR A OG1 1 
ATOM   1254 C  CG2 . THR A 1 160 ? -18.438 -3.846  7.833   1.00 28.97 ? 160 THR A CG2 1 
ATOM   1255 N  N   . PHE A 1 161 ? -15.909 -7.707  8.396   1.00 24.72 ? 161 PHE A N   1 
ATOM   1256 C  CA  . PHE A 1 161 ? -14.720 -8.527  8.200   1.00 23.01 ? 161 PHE A CA  1 
ATOM   1257 C  C   . PHE A 1 161 ? -15.126 -9.936  7.792   1.00 24.14 ? 161 PHE A C   1 
ATOM   1258 O  O   . PHE A 1 161 ? -15.891 -10.572 8.497   1.00 22.96 ? 161 PHE A O   1 
ATOM   1259 C  CB  . PHE A 1 161 ? -13.932 -8.602  9.506   1.00 22.49 ? 161 PHE A CB  1 
ATOM   1260 C  CG  . PHE A 1 161 ? -12.561 -9.220  9.379   1.00 22.13 ? 161 PHE A CG  1 
ATOM   1261 C  CD1 . PHE A 1 161 ? -11.829 -9.139  8.200   1.00 21.11 ? 161 PHE A CD1 1 
ATOM   1262 C  CD2 . PHE A 1 161 ? -11.955 -9.798  10.485  1.00 21.99 ? 161 PHE A CD2 1 
ATOM   1263 C  CE1 . PHE A 1 161 ? -10.550 -9.671  8.112   1.00 21.45 ? 161 PHE A CE1 1 
ATOM   1264 C  CE2 . PHE A 1 161 ? -10.655 -10.318 10.401  1.00 22.59 ? 161 PHE A CE2 1 
ATOM   1265 C  CZ  . PHE A 1 161 ? -9.954  -10.253 9.208   1.00 21.70 ? 161 PHE A CZ  1 
ATOM   1266 N  N   . GLY A 1 162 ? -14.595 -10.417 6.668   1.00 25.13 ? 162 GLY A N   1 
ATOM   1267 C  CA  . GLY A 1 162 ? -15.063 -11.654 6.042   1.00 27.55 ? 162 GLY A CA  1 
ATOM   1268 C  C   . GLY A 1 162 ? -14.332 -12.087 4.772   1.00 28.83 ? 162 GLY A C   1 
ATOM   1269 O  O   . GLY A 1 162 ? -13.427 -11.411 4.284   1.00 26.90 ? 162 GLY A O   1 
ATOM   1270 N  N   . PHE A 1 163 ? -14.698 -13.248 4.254   1.00 29.22 ? 163 PHE A N   1 
ATOM   1271 C  CA  . PHE A 1 163 ? -14.124 -13.732 3.024   1.00 29.28 ? 163 PHE A CA  1 
ATOM   1272 C  C   . PHE A 1 163 ? -14.764 -13.058 1.858   1.00 29.06 ? 163 PHE A C   1 
ATOM   1273 O  O   . PHE A 1 163 ? -15.953 -12.791 1.867   1.00 28.18 ? 163 PHE A O   1 
ATOM   1274 C  CB  . PHE A 1 163 ? -14.212 -15.257 2.933   1.00 29.79 ? 163 PHE A CB  1 
ATOM   1275 C  CG  . PHE A 1 163 ? -13.202 -15.944 3.809   1.00 30.93 ? 163 PHE A CG  1 
ATOM   1276 C  CD1 . PHE A 1 163 ? -13.531 -16.345 5.096   1.00 31.17 ? 163 PHE A CD1 1 
ATOM   1277 C  CD2 . PHE A 1 163 ? -11.908 -16.147 3.356   1.00 31.89 ? 163 PHE A CD2 1 
ATOM   1278 C  CE1 . PHE A 1 163 ? -12.594 -16.936 5.931   1.00 32.17 ? 163 PHE A CE1 1 
ATOM   1279 C  CE2 . PHE A 1 163 ? -10.964 -16.746 4.174   1.00 33.18 ? 163 PHE A CE2 1 
ATOM   1280 C  CZ  . PHE A 1 163 ? -11.307 -17.141 5.471   1.00 33.47 ? 163 PHE A CZ  1 
ATOM   1281 N  N   . ASP A 1 164 ? -13.922 -12.750 0.883   1.00 34.10 ? 164 ASP A N   1 
ATOM   1282 C  CA  . ASP A 1 164 ? -14.294 -12.103 -0.381  1.00 41.43 ? 164 ASP A CA  1 
ATOM   1283 C  C   . ASP A 1 164 ? -15.516 -12.675 -1.080  1.00 40.73 ? 164 ASP A C   1 
ATOM   1284 O  O   . ASP A 1 164 ? -16.397 -11.941 -1.499  1.00 38.60 ? 164 ASP A O   1 
ATOM   1285 C  CB  . ASP A 1 164 ? -13.115 -12.225 -1.360  1.00 47.84 ? 164 ASP A CB  1 
ATOM   1286 C  CG  . ASP A 1 164 ? -12.678 -10.908 -1.875  1.00 55.43 ? 164 ASP A CG  1 
ATOM   1287 O  OD1 . ASP A 1 164 ? -13.540 -10.298 -2.563  1.00 59.92 ? 164 ASP A OD1 1 
ATOM   1288 O  OD2 . ASP A 1 164 ? -11.506 -10.483 -1.547  1.00 60.81 ? 164 ASP A OD2 1 
ATOM   1289 N  N   . ASP A 1 165 ? -15.527 -13.990 -1.255  1.00 40.33 ? 165 ASP A N   1 
ATOM   1290 C  CA  . ASP A 1 165 ? -16.571 -14.642 -2.050  1.00 45.30 ? 165 ASP A CA  1 
ATOM   1291 C  C   . ASP A 1 165 ? -17.880 -14.725 -1.300  1.00 45.75 ? 165 ASP A C   1 
ATOM   1292 O  O   . ASP A 1 165 ? -18.924 -14.870 -1.897  1.00 52.38 ? 165 ASP A O   1 
ATOM   1293 C  CB  . ASP A 1 165 ? -16.145 -16.028 -2.521  1.00 47.04 ? 165 ASP A CB  1 
ATOM   1294 C  CG  . ASP A 1 165 ? -15.276 -16.760 -1.520  1.00 55.22 ? 165 ASP A CG  1 
ATOM   1295 O  OD1 . ASP A 1 165 ? -15.342 -16.464 -0.312  1.00 58.45 ? 165 ASP A OD1 1 
ATOM   1296 O  OD2 . ASP A 1 165 ? -14.507 -17.652 -1.943  1.00 67.08 ? 165 ASP A OD2 1 
ATOM   1297 N  N   . VAL A 1 166 ? -17.807 -14.584 0.014   1.00 46.19 ? 166 VAL A N   1 
ATOM   1298 C  CA  . VAL A 1 166 ? -18.938 -14.680 0.901   1.00 43.71 ? 166 VAL A CA  1 
ATOM   1299 C  C   . VAL A 1 166 ? -19.582 -13.321 1.156   1.00 45.86 ? 166 VAL A C   1 
ATOM   1300 O  O   . VAL A 1 166 ? -20.805 -13.215 1.152   1.00 46.34 ? 166 VAL A O   1 
ATOM   1301 C  CB  . VAL A 1 166 ? -18.463 -15.313 2.222   1.00 44.54 ? 166 VAL A CB  1 
ATOM   1302 C  CG1 . VAL A 1 166 ? -19.581 -15.375 3.232   1.00 42.22 ? 166 VAL A CG1 1 
ATOM   1303 C  CG2 . VAL A 1 166 ? -17.893 -16.713 1.951   1.00 44.79 ? 166 VAL A CG2 1 
ATOM   1304 N  N   . LEU A 1 167 ? -18.773 -12.275 1.347   1.00 48.40 ? 167 LEU A N   1 
ATOM   1305 C  CA  . LEU A 1 167 ? -19.284 -11.007 1.905   1.00 48.64 ? 167 LEU A CA  1 
ATOM   1306 C  C   . LEU A 1 167 ? -20.453 -10.409 1.160   1.00 55.55 ? 167 LEU A C   1 
ATOM   1307 O  O   . LEU A 1 167 ? -20.483 -10.449 -0.070  1.00 60.75 ? 167 LEU A O   1 
ATOM   1308 C  CB  . LEU A 1 167 ? -18.184 -9.974  2.030   1.00 45.24 ? 167 LEU A CB  1 
ATOM   1309 C  CG  . LEU A 1 167 ? -17.519 -10.061 3.388   1.00 44.82 ? 167 LEU A CG  1 
ATOM   1310 C  CD1 . LEU A 1 167 ? -16.162 -9.383  3.359   1.00 41.75 ? 167 LEU A CD1 1 
ATOM   1311 C  CD2 . LEU A 1 167 ? -18.424 -9.483  4.476   1.00 46.79 ? 167 LEU A CD2 1 
ATOM   1312 N  N   . SER A 1 168 ? -21.356 -9.785  1.935   1.00 63.99 ? 168 SER A N   1 
ATOM   1313 C  CA  . SER A 1 168 ? -22.773 -9.606  1.568   1.00 67.96 ? 168 SER A CA  1 
ATOM   1314 C  C   . SER A 1 168 ? -23.478 -8.336  2.123   1.00 63.12 ? 168 SER A C   1 
ATOM   1315 O  O   . SER A 1 168 ? -22.869 -7.292  2.368   1.00 59.34 ? 168 SER A O   1 
ATOM   1316 C  CB  . SER A 1 168 ? -23.542 -10.858 2.032   1.00 66.77 ? 168 SER A CB  1 
ATOM   1317 O  OG  . SER A 1 168 ? -24.916 -10.573 2.194   1.00 69.24 ? 168 SER A OG  1 
HETATM 1318 CD CD  . CD  B 2 .   ? 9.932   -11.641 -14.589 1.00 41.68 ? 201 CD  A CD  1 
HETATM 1319 CD CD  . CD  C 2 .   ? -1.387  -4.728  2.214   1.00 30.96 ? 202 CD  A CD  1 
HETATM 1320 CD CD  . CD  D 2 .   ? 1.102   19.897  -3.378  1.00 27.04 ? 203 CD  A CD  1 
HETATM 1321 C  C   . ACT E 3 .   ? -1.127  -4.441  13.680  1.00 28.55 ? 204 ACT A C   1 
HETATM 1322 O  O   . ACT E 3 .   ? -1.110  -3.862  14.781  1.00 32.05 ? 204 ACT A O   1 
HETATM 1323 O  OXT . ACT E 3 .   ? -1.840  -4.053  12.694  1.00 29.63 ? 204 ACT A OXT 1 
HETATM 1324 C  CH3 . ACT E 3 .   ? -0.234  -5.619  13.588  1.00 28.13 ? 204 ACT A CH3 1 
HETATM 1325 NA NA  . NA  F 4 .   ? 3.455   -4.031  14.777  1.00 37.67 ? 205 NA  A NA  1 
HETATM 1326 NA NA  . NA  G 4 .   ? -9.672  -9.632  -0.495  1.00 44.08 ? 206 NA  A NA  1 
HETATM 1327 N  N   . FME H 5 .   ? -1.937  -3.243  -1.133  1.00 36.17 ? 207 FME A N   1 
HETATM 1328 C  CN  . FME H 5 .   ? -1.451  -3.634  0.101   1.00 43.32 ? 207 FME A CN  1 
HETATM 1329 O  O1  . FME H 5 .   ? -0.293  -3.730  0.572   1.00 33.99 ? 207 FME A O1  1 
HETATM 1330 C  CA  . FME H 5 .   ? -3.422  -3.323  -1.104  1.00 33.55 ? 207 FME A CA  1 
HETATM 1331 C  CB  . FME H 5 .   ? -4.101  -1.944  -0.992  1.00 30.68 ? 207 FME A CB  1 
HETATM 1332 C  CG  . FME H 5 .   ? -5.517  -1.978  -0.406  1.00 29.80 ? 207 FME A CG  1 
HETATM 1333 S  SD  . FME H 5 .   ? -6.211  -0.361  -0.106  1.00 29.10 ? 207 FME A SD  1 
HETATM 1334 C  CE  . FME H 5 .   ? -7.505  -0.382  -1.301  1.00 30.29 ? 207 FME A CE  1 
HETATM 1335 C  C   . FME H 5 .   ? -4.049  -4.170  -2.188  1.00 32.66 ? 207 FME A C   1 
HETATM 1336 O  O   . FME H 5 .   ? -3.656  -4.116  -3.352  1.00 29.51 ? 207 FME A O   1 
HETATM 1337 N  N   . ALA I 6 .   ? -5.073  -4.912  -1.811  1.00 35.17 ? 208 ALA A N   1 
HETATM 1338 C  CA  . ALA I 6 .   ? -5.831  -5.732  -2.751  1.00 41.67 ? 208 ALA A CA  1 
HETATM 1339 C  C   . ALA I 6 .   ? -7.308  -5.520  -2.513  1.00 48.84 ? 208 ALA A C   1 
HETATM 1340 O  O   . ALA I 6 .   ? -8.096  -6.374  -2.931  1.00 53.85 ? 208 ALA A O   1 
HETATM 1341 C  CB  . ALA I 6 .   ? -5.483  -7.185  -2.548  1.00 41.68 ? 208 ALA A CB  1 
HETATM 1342 O  OXT . ALA I 6 .   ? -7.732  -4.522  -1.897  1.00 49.09 ? 208 ALA A OXT 1 
HETATM 1343 C  C1  . GOL J 7 .   ? 24.702  -2.788  -1.160  1.00 64.63 ? 209 GOL A C1  1 
HETATM 1344 O  O1  . GOL J 7 .   ? 25.865  -2.874  -2.001  1.00 60.75 ? 209 GOL A O1  1 
HETATM 1345 C  C2  . GOL J 7 .   ? 23.482  -2.293  -1.953  1.00 65.87 ? 209 GOL A C2  1 
HETATM 1346 O  O2  . GOL J 7 .   ? 22.329  -3.007  -1.459  1.00 69.38 ? 209 GOL A O2  1 
HETATM 1347 C  C3  . GOL J 7 .   ? 23.256  -0.767  -1.825  1.00 63.24 ? 209 GOL A C3  1 
HETATM 1348 O  O3  . GOL J 7 .   ? 23.025  -0.066  -3.076  1.00 58.39 ? 209 GOL A O3  1 
HETATM 1349 O  O   . HOH K 8 .   ? -2.868  -4.236  5.862   1.00 17.01 ? 301 HOH A O   1 
HETATM 1350 O  O   . HOH K 8 .   ? -7.352  16.040  -3.915  1.00 30.70 ? 302 HOH A O   1 
HETATM 1351 O  O   . HOH K 8 .   ? -12.042 7.944   -5.089  1.00 26.92 ? 303 HOH A O   1 
HETATM 1352 O  O   . HOH K 8 .   ? -9.357  7.774   1.628   1.00 20.50 ? 304 HOH A O   1 
HETATM 1353 O  O   . HOH K 8 .   ? -17.761 6.921   5.223   1.00 30.06 ? 305 HOH A O   1 
HETATM 1354 O  O   . HOH K 8 .   ? 10.081  -4.566  7.212   1.00 26.69 ? 306 HOH A O   1 
HETATM 1355 O  O   . HOH K 8 .   ? -3.632  -1.006  7.374   1.00 20.14 ? 307 HOH A O   1 
HETATM 1356 O  O   . HOH K 8 .   ? 7.356   6.899   -9.265  1.00 30.29 ? 308 HOH A O   1 
HETATM 1357 O  O   . HOH K 8 .   ? -14.646 -0.846  10.240  1.00 20.06 ? 309 HOH A O   1 
HETATM 1358 O  O   . HOH K 8 .   ? -4.843  5.655   8.047   1.00 21.20 ? 310 HOH A O   1 
HETATM 1359 O  O   . HOH K 8 .   ? 18.063  1.810   0.609   1.00 36.42 ? 311 HOH A O   1 
HETATM 1360 O  O   . HOH K 8 .   ? 9.275   15.584  -0.753  1.00 41.38 ? 312 HOH A O   1 
HETATM 1361 O  O   . HOH K 8 .   ? -15.234 12.093  9.586   1.00 34.15 ? 313 HOH A O   1 
HETATM 1362 O  O   . HOH K 8 .   ? -9.472  -3.570  14.975  1.00 22.95 ? 314 HOH A O   1 
HETATM 1363 O  O   . HOH K 8 .   ? 18.900  -1.854  -12.400 1.00 41.84 ? 315 HOH A O   1 
HETATM 1364 O  O   . HOH K 8 .   ? -8.141  12.880  12.963  1.00 45.76 ? 316 HOH A O   1 
HETATM 1365 O  O   . HOH K 8 .   ? 14.255  -9.438  5.939   1.00 36.20 ? 317 HOH A O   1 
HETATM 1366 O  O   . HOH K 8 .   ? 4.513   -15.921 4.822   1.00 39.96 ? 318 HOH A O   1 
HETATM 1367 O  O   . HOH K 8 .   ? 6.192   21.157  -1.500  1.00 47.84 ? 319 HOH A O   1 
HETATM 1368 O  O   . HOH K 8 .   ? 8.957   -7.504  14.080  1.00 47.58 ? 320 HOH A O   1 
HETATM 1369 O  O   . HOH K 8 .   ? -19.773 0.585   9.413   1.00 35.65 ? 321 HOH A O   1 
HETATM 1370 O  O   . HOH K 8 .   ? -15.578 -10.556 11.990  1.00 23.48 ? 322 HOH A O   1 
HETATM 1371 O  O   . HOH K 8 .   ? 9.108   3.187   8.696   1.00 25.47 ? 323 HOH A O   1 
HETATM 1372 O  O   . HOH K 8 .   ? -6.317  21.254  4.283   1.00 25.59 ? 324 HOH A O   1 
HETATM 1373 O  O   . HOH K 8 .   ? 10.115  -6.783  5.934   1.00 25.90 ? 325 HOH A O   1 
HETATM 1374 O  O   . HOH K 8 .   ? 2.471   -10.409 10.663  1.00 21.50 ? 326 HOH A O   1 
HETATM 1375 O  O   . HOH K 8 .   ? 13.447  -2.608  10.908  1.00 23.92 ? 327 HOH A O   1 
HETATM 1376 O  O   . HOH K 8 .   ? 4.289   10.086  8.067   1.00 23.26 ? 328 HOH A O   1 
HETATM 1377 O  O   . HOH K 8 .   ? -6.641  12.266  -5.219  1.00 39.03 ? 329 HOH A O   1 
HETATM 1378 O  O   . HOH K 8 .   ? -0.137  5.890   -14.411 1.00 41.54 ? 330 HOH A O   1 
HETATM 1379 O  O   . HOH K 8 .   ? -7.192  -9.240  3.028   1.00 30.52 ? 331 HOH A O   1 
HETATM 1380 O  O   . HOH K 8 .   ? -15.171 0.780   -0.645  1.00 31.42 ? 332 HOH A O   1 
HETATM 1381 O  O   . HOH K 8 .   ? 4.331   -17.140 -2.859  1.00 51.93 ? 333 HOH A O   1 
HETATM 1382 O  O   . HOH K 8 .   ? -11.326 -8.316  -4.413  1.00 49.92 ? 334 HOH A O   1 
HETATM 1383 O  O   . HOH K 8 .   ? -2.348  -5.199  -10.654 1.00 28.47 ? 335 HOH A O   1 
HETATM 1384 O  O   . HOH K 8 .   ? -11.529 4.668   -0.701  1.00 32.22 ? 336 HOH A O   1 
HETATM 1385 O  O   . HOH K 8 .   ? -7.562  -10.391 -0.731  1.00 45.73 ? 337 HOH A O   1 
HETATM 1386 O  O   . HOH K 8 .   ? 3.823   -4.561  7.072   1.00 26.05 ? 338 HOH A O   1 
HETATM 1387 O  O   . HOH K 8 .   ? -9.293  14.094  5.629   1.00 23.97 ? 339 HOH A O   1 
HETATM 1388 O  O   . HOH K 8 .   ? 24.040  1.751   -9.020  1.00 35.90 ? 340 HOH A O   1 
HETATM 1389 O  O   . HOH K 8 .   ? -18.508 -10.860 9.183   1.00 30.98 ? 341 HOH A O   1 
HETATM 1390 O  O   . HOH K 8 .   ? -0.223  21.318  5.616   1.00 35.67 ? 342 HOH A O   1 
HETATM 1391 O  O   . HOH K 8 .   ? -12.390 17.344  13.608  1.00 54.26 ? 343 HOH A O   1 
HETATM 1392 O  O   . HOH K 8 .   ? 15.554  -6.368  3.887   1.00 36.02 ? 344 HOH A O   1 
HETATM 1393 O  O   . HOH K 8 .   ? -2.841  -18.414 2.394   1.00 46.99 ? 345 HOH A O   1 
HETATM 1394 O  O   . HOH K 8 .   ? -17.266 12.063  5.242   1.00 48.56 ? 346 HOH A O   1 
HETATM 1395 O  O   . HOH K 8 .   ? -17.954 -4.709  15.641  1.00 27.69 ? 347 HOH A O   1 
HETATM 1396 O  O   . HOH K 8 .   ? 16.049  5.044   8.697   1.00 32.64 ? 348 HOH A O   1 
HETATM 1397 O  O   . HOH K 8 .   ? 3.988   8.548   -10.632 1.00 31.78 ? 349 HOH A O   1 
HETATM 1398 O  O   . HOH K 8 .   ? -19.555 -6.973  15.241  1.00 33.63 ? 350 HOH A O   1 
HETATM 1399 O  O   . HOH K 8 .   ? 0.494   -14.704 -0.015  1.00 41.58 ? 351 HOH A O   1 
HETATM 1400 O  O   . HOH K 8 .   ? 18.244  7.095   -11.791 1.00 47.01 ? 352 HOH A O   1 
HETATM 1401 O  O   . HOH K 8 .   ? 3.722   -14.740 -3.268  1.00 33.17 ? 353 HOH A O   1 
HETATM 1402 O  O   . HOH K 8 .   ? -19.881 -6.999  0.213   1.00 39.95 ? 354 HOH A O   1 
HETATM 1403 O  O   . HOH K 8 .   ? -3.430  21.702  4.445   1.00 49.27 ? 355 HOH A O   1 
HETATM 1404 O  O   . HOH K 8 .   ? -3.581  -13.212 -8.577  1.00 40.69 ? 356 HOH A O   1 
HETATM 1405 O  O   . HOH K 8 .   ? 14.092  1.582   11.463  1.00 42.58 ? 357 HOH A O   1 
HETATM 1406 O  O   . HOH K 8 .   ? -1.183  -2.113  6.139   1.00 22.16 ? 358 HOH A O   1 
HETATM 1407 O  O   . HOH K 8 .   ? -10.625 -7.726  -1.258  1.00 41.39 ? 359 HOH A O   1 
HETATM 1408 O  O   . HOH K 8 .   ? -7.212  15.739  -5.919  1.00 39.85 ? 360 HOH A O   1 
HETATM 1409 O  O   . HOH K 8 .   ? -11.685 6.720   1.269   1.00 20.26 ? 361 HOH A O   1 
HETATM 1410 O  O   . HOH K 8 .   ? -1.863  -5.860  0.233   1.00 18.38 ? 362 HOH A O   1 
HETATM 1411 O  O   . HOH K 8 .   ? -15.349 1.744   10.181  1.00 31.64 ? 363 HOH A O   1 
HETATM 1412 O  O   . HOH K 8 .   ? 18.617  -2.456  -2.142  1.00 35.33 ? 364 HOH A O   1 
HETATM 1413 O  O   . HOH K 8 .   ? -17.635 14.512  8.445   1.00 41.57 ? 365 HOH A O   1 
HETATM 1414 O  O   . HOH K 8 .   ? 12.141  -11.697 -14.470 1.00 30.99 ? 366 HOH A O   1 
HETATM 1415 O  O   . HOH K 8 .   ? 9.160   -13.479 -13.590 1.00 34.60 ? 367 HOH A O   1 
HETATM 1416 O  O   . HOH K 8 .   ? 1.048   18.964  -5.397  1.00 25.78 ? 368 HOH A O   1 
HETATM 1417 O  O   . HOH K 8 .   ? -0.930  17.186  -6.132  1.00 30.93 ? 369 HOH A O   1 
HETATM 1418 O  O   . HOH K 8 .   ? 4.487   -1.981  14.785  1.00 38.00 ? 370 HOH A O   1 
HETATM 1419 O  O   . HOH K 8 .   ? 2.973   -2.487  16.339  1.00 44.76 ? 371 HOH A O   1 
HETATM 1420 O  O   . HOH K 8 .   ? 11.405  -10.015 -14.767 1.00 34.20 ? 372 HOH A O   1 
HETATM 1421 O  O   . HOH K 8 .   ? -0.034  21.081  -4.813  1.00 28.55 ? 373 HOH A O   1 
HETATM 1422 O  O   . HOH K 8 .   ? 5.512   -3.901  15.608  1.00 33.13 ? 374 HOH A O   1 
HETATM 1423 O  O   . HOH K 8 .   ? 1.609   -2.917  18.006  1.00 45.25 ? 375 HOH A O   1 
HETATM 1424 O  O   . HOH K 8 .   ? 2.304   -4.656  19.355  1.00 41.20 ? 376 HOH A O   1 
HETATM 1425 O  O   . HOH K 8 .   ? 9.677   -12.600 -1.021  1.00 37.12 ? 377 HOH A O   1 
HETATM 1426 O  O   . HOH K 8 .   ? -3.814  -6.013  12.053  1.00 41.54 ? 378 HOH A O   1 
HETATM 1427 O  O   . HOH K 8 .   ? 10.759  -2.027  14.828  1.00 44.12 ? 379 HOH A O   1 
HETATM 1428 O  O   . HOH K 8 .   ? 7.729   5.997   8.662   1.00 38.19 ? 380 HOH A O   1 
HETATM 1429 O  O   . HOH K 8 .   ? 7.760   5.003   1.184   1.00 26.03 ? 381 HOH A O   1 
HETATM 1430 O  O   . HOH K 8 .   ? -12.158 0.862   -0.907  1.00 41.71 ? 382 HOH A O   1 
HETATM 1431 O  O   . HOH K 8 .   ? -12.876 17.581  5.051   1.00 34.19 ? 383 HOH A O   1 
HETATM 1432 O  O   . HOH K 8 .   ? -7.506  -17.848 4.123   0.50 40.33 ? 384 HOH A O   1 
HETATM 1433 O  O   . HOH K 8 .   ? -17.604 -6.485  17.840  1.00 41.25 ? 385 HOH A O   1 
HETATM 1434 O  O   . HOH K 8 .   ? 12.267  7.224   -11.009 1.00 33.85 ? 386 HOH A O   1 
HETATM 1435 O  O   . HOH K 8 .   ? 1.249   -13.764 -7.088  1.00 49.78 ? 387 HOH A O   1 
HETATM 1436 O  O   . HOH K 8 .   ? -13.793 10.674  -1.479  1.00 47.02 ? 388 HOH A O   1 
HETATM 1437 O  O   . HOH K 8 .   ? 5.458   15.788  -6.970  1.00 32.95 ? 389 HOH A O   1 
HETATM 1438 O  O   . HOH K 8 .   ? 4.075   14.326  -8.886  1.00 33.10 ? 390 HOH A O   1 
HETATM 1439 O  O   . HOH K 8 .   ? 11.325  -14.490 -3.889  1.00 45.60 ? 391 HOH A O   1 
HETATM 1440 O  O   . HOH K 8 .   ? -6.608  16.591  14.320  1.00 40.73 ? 392 HOH A O   1 
HETATM 1441 O  O   . HOH K 8 .   ? 4.370   -13.783 -5.353  1.00 34.19 ? 393 HOH A O   1 
HETATM 1442 O  O   . HOH K 8 .   ? 23.127  0.750   0.858   1.00 46.98 ? 394 HOH A O   1 
HETATM 1443 O  O   . HOH K 8 .   ? 7.515   -14.969 11.617  1.00 43.80 ? 395 HOH A O   1 
HETATM 1444 O  O   . HOH K 8 .   ? 13.667  2.514   -12.804 1.00 43.01 ? 396 HOH A O   1 
# 
